data_2VZS
#
_entry.id   2VZS
#
_cell.length_a   86.544
_cell.length_b   121.810
_cell.length_c   91.843
_cell.angle_alpha   90.00
_cell.angle_beta   90.42
_cell.angle_gamma   90.00
#
_symmetry.space_group_name_H-M   'P 1 21 1'
#
loop_
_entity.id
_entity.type
_entity.pdbx_description
1 polymer EXO-BETA-D-GLUCOSAMINIDASE
2 non-polymer 'CADMIUM ION'
3 non-polymer 2-amino-2-deoxy-beta-D-glucopyranose
4 non-polymer GLYCEROL
5 water water
#
_entity_poly.entity_id   1
_entity_poly.type   'polypeptide(L)'
_entity_poly.pdbx_seq_one_letter_code
;VSFRQKRTRIPLLAMTVTALAAAVCGVTTAPAATGAEVAVPLSVGAAAGNATPIPGYVIQSSAQVSDDSAVSKPGFPTSG
WYPVSSRSTVYAGLLQNGKYADPFYSTNMQNVPAAQFSVPWWYRTDLNVDDTSSRTYLDFSGVLSKADVWVNGTKVATKD
QVNGAYTRHDLDITAQVHTGVNSVAFKVYPNDPNRDLSMGWIDWAQTPPDQNMGIVRDVLVRRSGAVALRSAHVIQKLNS
ALDHADLTVKADVRNDSANAVQTTVAGTVAGKPISQTVSLAAKERKTVTFPLVGLDRPNVWWPAGMGGQHRYDLDLTASV
GGTPSDAAKSKFGVRDVKATLNSSGGRQYSVNGKPLLIRGGGYTPDLFLRWNETAAADKLKYVLNLGLNTVRLEGHIEPD
EFFDIADDLGVLTMPGWECCDKWEGQVNGEEKGEPWVESDYPIAKASMFSEAERLRDHPSVISFHIGSDFAPDRRIEQGY
LDAMKAADFLLPVIPAASARPSPITGASGMKMNGPYDYVPPVYWYDKSQKDRGGAWSFNSETSAGVDIPTMDTLKRMMSA
SELDTMWKNPSAKQYHRSSSDTFGNLKLFGDALTKRYGASANLNDFVRKAQLSQYENVRAEFESHSRNYTDSTNPSTGLI
YWMLNSPWTSLHWQLFDAYMDQNGAYYGAKKANEPLHIQYSHDNRSVVVINQTSNAVSGLTATTKLYNLDGTEKYSNTKT
GLSVGALGAKATAVTVPAVSGLSTTYLAKNVLTDSSGKEVSRNVYWLSTKADTLNWGGSDWYYTPQSAFADLSGLNNLGQ
SAVGATANSVAGADGTTTTTVTLKNTSGGRLPAFYVDSKVVDSAGKPVLPVEWNDNAVSLWPGETTTLTAKYRTADLKGS
KPSVRISGWNTGTQTVPADGSGPGPSDPVDYQAEDATIVQGAVESNHAGYTGTGFVNYDNVAGSSVEWTVTVPSAGTYDV
VVRYANGTTTSRPLDFSVNGSISASGVAFGSTGTWPAWTTKTVRVTLAAGVNKIKAVATTANGGPNVDKITL
;
_entity_poly.pdbx_strand_id   A,B
#
loop_
_chem_comp.id
_chem_comp.type
_chem_comp.name
_chem_comp.formula
CD non-polymer 'CADMIUM ION' 'Cd 2'
GCS D-saccharide, beta linking 2-amino-2-deoxy-beta-D-glucopyranose 'C6 H13 N O5'
GOL non-polymer GLYCEROL 'C3 H8 O3'
#
# COMPACT_ATOMS: atom_id res chain seq x y z
N LEU A 42 -2.19 20.48 -15.53
CA LEU A 42 -1.17 19.41 -15.66
C LEU A 42 0.27 19.92 -15.49
N SER A 43 0.89 19.59 -14.35
CA SER A 43 2.31 19.87 -14.12
C SER A 43 3.15 18.60 -14.24
N VAL A 44 4.27 18.66 -14.96
CA VAL A 44 5.26 17.56 -14.94
C VAL A 44 6.63 18.04 -14.41
N GLY A 45 7.17 17.30 -13.44
CA GLY A 45 8.51 17.56 -12.90
C GLY A 45 9.60 17.15 -13.88
N ALA A 46 10.84 17.58 -13.60
CA ALA A 46 11.98 17.30 -14.49
C ALA A 46 12.69 15.99 -14.14
N ALA A 47 12.31 15.37 -13.02
CA ALA A 47 12.98 14.14 -12.58
C ALA A 47 13.15 13.14 -13.73
N ALA A 48 14.40 12.70 -13.92
CA ALA A 48 14.76 11.60 -14.83
C ALA A 48 13.89 10.37 -14.60
N GLY A 49 13.24 9.87 -15.65
CA GLY A 49 12.40 8.69 -15.50
C GLY A 49 10.94 9.06 -15.24
N ASN A 50 10.65 10.34 -15.05
CA ASN A 50 9.27 10.79 -15.03
C ASN A 50 8.55 10.28 -16.28
N ALA A 51 7.37 9.72 -16.09
CA ALA A 51 6.45 9.42 -17.18
C ALA A 51 5.03 9.63 -16.63
N THR A 52 4.45 10.77 -16.94
CA THR A 52 3.17 11.14 -16.36
C THR A 52 2.05 11.08 -17.41
N PRO A 53 0.97 10.31 -17.13
CA PRO A 53 -0.14 10.27 -18.05
C PRO A 53 -0.90 11.60 -18.03
N ILE A 54 -1.30 12.03 -19.21
CA ILE A 54 -2.19 13.19 -19.35
C ILE A 54 -3.58 12.80 -18.78
N PRO A 55 -4.03 13.45 -17.70
CA PRO A 55 -5.27 12.98 -17.02
C PRO A 55 -6.57 13.34 -17.74
N GLY A 56 -6.51 14.24 -18.71
CA GLY A 56 -7.72 14.62 -19.41
C GLY A 56 -7.45 15.65 -20.49
N TYR A 57 -8.48 15.95 -21.28
CA TYR A 57 -8.34 16.86 -22.45
C TYR A 57 -9.61 17.71 -22.46
N VAL A 58 -9.60 18.80 -23.24
CA VAL A 58 -10.85 19.34 -23.78
C VAL A 58 -10.89 18.97 -25.25
N ILE A 59 -12.09 18.67 -25.72
CA ILE A 59 -12.30 18.23 -27.10
C ILE A 59 -13.41 19.06 -27.77
N GLN A 60 -13.30 19.12 -29.10
CA GLN A 60 -14.22 19.80 -30.01
C GLN A 60 -13.93 19.36 -31.44
N SER A 61 -14.97 19.44 -32.27
CA SER A 61 -14.88 19.09 -33.68
C SER A 61 -13.94 20.05 -34.42
N SER A 62 -13.19 19.50 -35.38
CA SER A 62 -12.42 20.36 -36.27
C SER A 62 -13.37 21.32 -37.08
N ALA A 63 -14.69 21.03 -37.10
CA ALA A 63 -15.71 21.96 -37.71
C ALA A 63 -15.62 23.39 -37.12
N GLN A 64 -15.16 23.47 -35.87
CA GLN A 64 -15.01 24.74 -35.18
C GLN A 64 -13.62 25.34 -35.16
N VAL A 65 -12.71 24.75 -35.92
CA VAL A 65 -11.30 25.16 -35.92
C VAL A 65 -10.82 25.44 -37.35
N SER A 66 -10.71 26.72 -37.70
CA SER A 66 -10.33 27.10 -39.07
C SER A 66 -8.81 27.13 -39.25
N ASP A 67 -8.08 27.29 -38.14
CA ASP A 67 -6.62 27.35 -38.20
C ASP A 67 -6.00 26.31 -37.25
N ASP A 68 -5.54 25.17 -37.79
CA ASP A 68 -4.98 24.03 -36.99
C ASP A 68 -3.85 24.48 -36.07
N SER A 69 -2.93 25.28 -36.60
CA SER A 69 -1.77 25.78 -35.82
C SER A 69 -2.16 26.55 -34.56
N ALA A 70 -3.33 27.20 -34.56
CA ALA A 70 -3.77 27.99 -33.39
C ALA A 70 -3.98 27.16 -32.11
N VAL A 71 -4.51 25.95 -32.27
CA VAL A 71 -4.99 25.13 -31.15
C VAL A 71 -3.97 24.86 -30.06
N SER A 72 -2.75 24.50 -30.45
CA SER A 72 -1.68 24.14 -29.52
C SER A 72 -0.85 25.34 -29.05
N LYS A 73 -1.25 26.57 -29.42
CA LYS A 73 -0.61 27.79 -28.83
C LYS A 73 -1.22 28.09 -27.47
N PRO A 74 -0.37 28.23 -26.42
CA PRO A 74 -0.85 28.58 -25.09
C PRO A 74 -1.78 29.81 -25.16
N GLY A 75 -2.92 29.76 -24.48
CA GLY A 75 -3.90 30.83 -24.57
C GLY A 75 -5.06 30.64 -25.57
N PHE A 76 -4.98 29.61 -26.41
CA PHE A 76 -6.04 29.33 -27.35
C PHE A 76 -7.35 29.16 -26.55
N PRO A 77 -8.39 29.93 -26.93
CA PRO A 77 -9.63 29.85 -26.14
C PRO A 77 -10.33 28.55 -26.45
N THR A 78 -11.00 27.97 -25.47
CA THR A 78 -11.65 26.67 -25.71
C THR A 78 -13.09 26.71 -25.17
N SER A 79 -13.72 27.88 -25.27
CA SER A 79 -15.06 28.04 -24.79
C SER A 79 -16.03 27.12 -25.53
N GLY A 80 -16.79 26.34 -24.76
CA GLY A 80 -17.71 25.38 -25.36
C GLY A 80 -17.10 24.00 -25.65
N TRP A 81 -15.78 23.86 -25.51
CA TRP A 81 -15.08 22.54 -25.66
C TRP A 81 -15.49 21.59 -24.52
N TYR A 82 -15.42 20.27 -24.77
CA TYR A 82 -15.91 19.31 -23.80
C TYR A 82 -14.77 18.74 -22.97
N PRO A 83 -14.81 18.89 -21.63
CA PRO A 83 -13.73 18.23 -20.85
C PRO A 83 -13.99 16.73 -20.77
N VAL A 84 -12.94 15.94 -20.96
CA VAL A 84 -13.08 14.47 -20.99
C VAL A 84 -11.90 13.83 -20.28
N SER A 85 -12.13 12.65 -19.70
CA SER A 85 -11.05 12.01 -18.99
C SER A 85 -10.05 11.39 -20.01
N SER A 86 -8.93 10.89 -19.51
CA SER A 86 -7.99 10.12 -20.32
C SER A 86 -8.70 8.89 -20.93
N ARG A 87 -8.19 8.40 -22.06
CA ARG A 87 -8.76 7.16 -22.67
C ARG A 87 -10.22 7.28 -23.17
N SER A 88 -10.61 8.49 -23.58
CA SER A 88 -11.97 8.73 -24.10
C SER A 88 -12.06 8.72 -25.60
N THR A 89 -13.00 7.92 -26.10
CA THR A 89 -13.46 8.11 -27.47
C THR A 89 -14.25 9.41 -27.47
N VAL A 90 -14.52 9.94 -28.66
CA VAL A 90 -15.24 11.24 -28.76
C VAL A 90 -16.63 11.07 -28.18
N TYR A 91 -17.35 10.06 -28.61
CA TYR A 91 -18.68 9.82 -28.11
C TYR A 91 -18.72 9.53 -26.61
N ALA A 92 -17.78 8.71 -26.10
CA ALA A 92 -17.70 8.57 -24.65
C ALA A 92 -17.51 9.92 -23.92
N GLY A 93 -16.65 10.80 -24.45
CA GLY A 93 -16.51 12.16 -23.94
C GLY A 93 -17.84 12.92 -23.96
N LEU A 94 -18.60 12.78 -25.05
CA LEU A 94 -19.86 13.52 -25.18
C LEU A 94 -20.89 13.02 -24.11
N LEU A 95 -20.91 11.70 -23.90
CA LEU A 95 -21.74 11.08 -22.87
C LEU A 95 -21.32 11.53 -21.47
N GLN A 96 -20.01 11.60 -21.23
CA GLN A 96 -19.47 12.10 -19.98
C GLN A 96 -19.99 13.51 -19.68
N ASN A 97 -20.26 14.28 -20.74
CA ASN A 97 -20.77 15.68 -20.61
C ASN A 97 -22.27 15.87 -20.68
N GLY A 98 -23.04 14.79 -20.75
CA GLY A 98 -24.46 15.09 -20.81
C GLY A 98 -25.20 14.91 -22.10
N LYS A 99 -24.56 14.70 -23.24
CA LYS A 99 -24.78 15.56 -24.37
C LYS A 99 -25.88 14.69 -25.07
N TYR A 100 -25.84 13.36 -24.81
CA TYR A 100 -26.80 12.39 -25.36
C TYR A 100 -27.26 11.43 -24.28
N ALA A 101 -28.41 10.81 -24.51
CA ALA A 101 -29.00 9.88 -23.56
C ALA A 101 -28.23 8.55 -23.57
N ASP A 102 -28.41 7.77 -22.49
CA ASP A 102 -27.74 6.49 -22.33
C ASP A 102 -27.96 5.54 -23.52
N PRO A 103 -26.88 5.18 -24.25
CA PRO A 103 -27.05 4.22 -25.38
C PRO A 103 -27.37 2.78 -24.92
N PHE A 104 -27.18 2.50 -23.62
CA PHE A 104 -27.53 1.19 -23.07
C PHE A 104 -29.06 0.98 -22.97
N TYR A 105 -29.84 2.04 -23.23
CA TYR A 105 -31.29 1.99 -23.11
C TYR A 105 -31.97 2.17 -24.45
N SER A 106 -32.76 1.18 -24.81
CA SER A 106 -33.60 1.25 -26.02
C SER A 106 -32.79 1.68 -27.27
N THR A 107 -33.35 2.56 -28.12
CA THR A 107 -32.68 2.98 -29.36
C THR A 107 -32.01 4.36 -29.20
N ASN A 108 -31.65 4.72 -27.97
CA ASN A 108 -31.06 6.03 -27.70
C ASN A 108 -29.84 6.26 -28.62
N MET A 109 -29.07 5.19 -28.89
CA MET A 109 -27.88 5.36 -29.69
C MET A 109 -28.16 5.75 -31.15
N GLN A 110 -29.30 5.32 -31.68
CA GLN A 110 -29.78 5.76 -33.00
C GLN A 110 -30.08 7.25 -33.12
N ASN A 111 -30.35 7.90 -32.00
CA ASN A 111 -30.66 9.34 -32.04
C ASN A 111 -29.43 10.26 -32.17
N VAL A 112 -28.24 9.69 -32.13
CA VAL A 112 -27.01 10.49 -32.28
C VAL A 112 -26.66 10.69 -33.75
N PRO A 113 -26.58 11.94 -34.20
CA PRO A 113 -26.18 12.25 -35.57
C PRO A 113 -24.72 11.80 -35.74
N ALA A 114 -24.46 10.90 -36.68
CA ALA A 114 -23.11 10.38 -36.88
C ALA A 114 -22.24 11.19 -37.86
N ALA A 115 -22.86 12.07 -38.67
CA ALA A 115 -22.13 12.94 -39.63
C ALA A 115 -21.06 13.76 -38.96
N GLN A 116 -21.34 14.24 -37.74
CA GLN A 116 -20.37 15.03 -36.98
C GLN A 116 -19.04 14.27 -36.74
N PHE A 117 -19.07 12.94 -36.87
CA PHE A 117 -17.86 12.13 -36.67
C PHE A 117 -17.15 11.72 -37.97
N SER A 118 -17.49 12.37 -39.09
CA SER A 118 -16.86 12.14 -40.38
C SER A 118 -15.78 13.18 -40.66
N VAL A 119 -15.55 14.02 -39.65
CA VAL A 119 -14.47 14.99 -39.69
C VAL A 119 -13.62 14.82 -38.41
N PRO A 120 -12.37 15.29 -38.46
CA PRO A 120 -11.48 15.16 -37.29
C PRO A 120 -11.99 15.88 -36.01
N TRP A 121 -11.62 15.37 -34.84
CA TRP A 121 -11.83 16.06 -33.57
C TRP A 121 -10.48 16.33 -32.89
N TRP A 122 -10.43 17.46 -32.20
CA TRP A 122 -9.23 17.86 -31.49
C TRP A 122 -9.24 17.41 -30.01
N TYR A 123 -8.11 16.90 -29.54
CA TYR A 123 -7.86 16.64 -28.12
C TYR A 123 -6.74 17.57 -27.64
N ARG A 124 -7.10 18.47 -26.74
CA ARG A 124 -6.18 19.51 -26.32
C ARG A 124 -5.91 19.49 -24.81
N THR A 125 -4.66 19.75 -24.42
CA THR A 125 -4.34 20.01 -23.03
C THR A 125 -3.20 21.03 -22.86
N ASP A 126 -3.22 21.75 -21.73
CA ASP A 126 -2.04 22.51 -21.28
C ASP A 126 -1.08 21.59 -20.53
N LEU A 127 0.18 22.02 -20.47
CA LEU A 127 1.22 21.27 -19.82
C LEU A 127 2.13 22.30 -19.17
N ASN A 128 2.24 22.28 -17.84
CA ASN A 128 3.22 23.16 -17.17
C ASN A 128 4.58 22.49 -16.98
N VAL A 129 5.63 23.15 -17.48
CA VAL A 129 7.00 22.68 -17.33
C VAL A 129 7.80 23.76 -16.59
N ASP A 130 8.19 23.47 -15.35
CA ASP A 130 8.98 24.42 -14.54
C ASP A 130 10.46 24.49 -14.92
N ASP A 131 10.93 23.47 -15.63
CA ASP A 131 12.36 23.28 -15.80
C ASP A 131 12.59 22.48 -17.08
N THR A 132 13.23 23.09 -18.07
CA THR A 132 13.44 22.42 -19.34
C THR A 132 14.81 21.81 -19.48
N SER A 133 15.47 21.62 -18.34
CA SER A 133 16.78 20.97 -18.30
C SER A 133 16.70 19.53 -18.86
N SER A 134 15.63 18.83 -18.51
CA SER A 134 15.36 17.50 -19.02
C SER A 134 14.72 17.61 -20.40
N ARG A 135 15.05 16.64 -21.26
CA ARG A 135 14.33 16.40 -22.50
C ARG A 135 12.88 16.01 -22.22
N THR A 136 12.02 16.15 -23.22
CA THR A 136 10.55 15.93 -23.03
C THR A 136 10.00 15.13 -24.22
N TYR A 137 9.25 14.07 -23.92
CA TYR A 137 8.74 13.16 -24.94
C TYR A 137 7.26 12.97 -24.74
N LEU A 138 6.59 12.71 -25.85
CA LEU A 138 5.26 12.13 -25.81
C LEU A 138 5.32 10.66 -26.25
N ASP A 139 4.84 9.80 -25.38
CA ASP A 139 4.89 8.37 -25.61
C ASP A 139 3.46 7.84 -25.45
N PHE A 140 2.93 7.29 -26.53
CA PHE A 140 1.51 6.93 -26.57
C PHE A 140 1.23 5.90 -27.67
N SER A 141 0.06 5.28 -27.56
CA SER A 141 -0.59 4.50 -28.60
C SER A 141 -2.13 4.66 -28.37
N GLY A 142 -2.96 3.88 -29.08
CA GLY A 142 -4.42 3.92 -28.89
C GLY A 142 -5.13 5.08 -29.60
N VAL A 143 -4.51 5.62 -30.65
CA VAL A 143 -5.11 6.68 -31.49
C VAL A 143 -5.91 6.06 -32.61
N LEU A 144 -7.22 6.28 -32.61
CA LEU A 144 -8.09 5.77 -33.67
C LEU A 144 -8.70 6.94 -34.42
N SER A 145 -8.45 7.06 -35.75
CA SER A 145 -7.59 6.15 -36.55
C SER A 145 -6.12 6.56 -36.70
N LYS A 146 -5.88 7.85 -36.55
CA LYS A 146 -4.61 8.48 -36.89
C LYS A 146 -4.74 9.92 -36.42
N ALA A 147 -3.62 10.63 -36.36
CA ALA A 147 -3.62 11.99 -35.85
C ALA A 147 -2.47 12.84 -36.36
N ASP A 148 -2.72 14.14 -36.49
CA ASP A 148 -1.63 15.11 -36.43
C ASP A 148 -1.39 15.49 -34.99
N VAL A 149 -0.12 15.64 -34.62
CA VAL A 149 0.28 16.06 -33.25
C VAL A 149 0.98 17.43 -33.29
N TRP A 150 0.56 18.31 -32.39
CA TRP A 150 0.95 19.71 -32.35
C TRP A 150 1.41 20.11 -30.96
N VAL A 151 2.52 20.84 -30.89
CA VAL A 151 3.01 21.36 -29.61
C VAL A 151 3.36 22.83 -29.82
N ASN A 152 2.74 23.71 -29.05
CA ASN A 152 3.05 25.15 -29.06
C ASN A 152 3.06 25.74 -30.48
N GLY A 153 2.13 25.32 -31.33
CA GLY A 153 2.04 25.88 -32.70
C GLY A 153 2.89 25.23 -33.76
N THR A 154 3.57 24.13 -33.43
CA THR A 154 4.41 23.37 -34.36
C THR A 154 3.84 21.97 -34.49
N LYS A 155 3.66 21.55 -35.74
CA LYS A 155 3.18 20.23 -36.04
C LYS A 155 4.36 19.28 -35.91
N VAL A 156 4.38 18.49 -34.84
CA VAL A 156 5.53 17.60 -34.56
C VAL A 156 5.45 16.22 -35.27
N ALA A 157 4.25 15.84 -35.71
CA ALA A 157 4.00 14.60 -36.43
C ALA A 157 2.67 14.68 -37.16
N THR A 158 2.61 13.99 -38.28
CA THR A 158 1.38 13.98 -39.07
C THR A 158 0.68 12.61 -38.94
N LYS A 159 -0.57 12.62 -39.43
CA LYS A 159 -1.39 11.41 -39.52
C LYS A 159 -0.80 10.30 -40.41
N ASP A 160 0.22 10.64 -41.22
CA ASP A 160 0.92 9.62 -42.04
C ASP A 160 1.83 8.74 -41.19
N GLN A 161 2.41 9.38 -40.16
CA GLN A 161 3.25 8.72 -39.14
C GLN A 161 2.44 8.11 -37.99
N VAL A 162 1.58 8.93 -37.40
CA VAL A 162 0.80 8.58 -36.21
C VAL A 162 -0.53 8.00 -36.73
N ASN A 163 -0.50 6.69 -36.99
CA ASN A 163 -1.53 6.04 -37.81
C ASN A 163 -1.61 4.57 -37.38
N GLY A 164 -2.83 4.12 -37.01
CA GLY A 164 -3.09 2.78 -36.49
C GLY A 164 -3.26 2.76 -34.98
N ALA A 165 -4.33 2.12 -34.49
CA ALA A 165 -4.67 2.13 -33.08
C ALA A 165 -3.57 1.57 -32.19
N TYR A 166 -2.83 0.57 -32.69
CA TYR A 166 -1.87 -0.17 -31.89
C TYR A 166 -0.43 0.33 -32.01
N THR A 167 -0.20 1.24 -32.95
CA THR A 167 1.15 1.79 -33.12
C THR A 167 1.55 2.69 -31.95
N ARG A 168 2.75 2.42 -31.44
CA ARG A 168 3.35 3.24 -30.43
C ARG A 168 4.23 4.36 -31.00
N HIS A 169 4.14 5.53 -30.37
CA HIS A 169 4.93 6.71 -30.81
C HIS A 169 5.69 7.33 -29.68
N ASP A 170 6.92 7.75 -29.96
CA ASP A 170 7.84 8.24 -28.94
C ASP A 170 8.43 9.53 -29.51
N LEU A 171 7.65 10.61 -29.35
CA LEU A 171 7.96 11.87 -30.03
C LEU A 171 8.74 12.78 -29.12
N ASP A 172 9.96 13.08 -29.53
CA ASP A 172 10.82 14.01 -28.82
C ASP A 172 10.37 15.46 -29.15
N ILE A 173 9.82 16.12 -28.14
CA ILE A 173 9.27 17.44 -28.33
C ILE A 173 10.11 18.51 -27.60
N THR A 174 11.33 18.12 -27.20
CA THR A 174 12.27 19.01 -26.55
C THR A 174 12.45 20.37 -27.26
N ALA A 175 12.56 20.38 -28.59
CA ALA A 175 12.79 21.62 -29.35
C ALA A 175 11.61 22.60 -29.19
N GLN A 176 10.42 22.06 -28.97
CA GLN A 176 9.20 22.86 -28.87
C GLN A 176 8.90 23.32 -27.45
N VAL A 177 9.42 22.59 -26.44
CA VAL A 177 9.00 22.85 -25.06
C VAL A 177 9.76 24.02 -24.41
N HIS A 178 9.03 24.85 -23.67
CA HIS A 178 9.57 25.96 -22.91
C HIS A 178 9.00 25.94 -21.49
N THR A 179 9.65 26.64 -20.57
CA THR A 179 9.16 26.75 -19.19
C THR A 179 7.81 27.47 -19.13
N GLY A 180 7.01 27.15 -18.13
CA GLY A 180 5.65 27.70 -18.04
C GLY A 180 4.59 26.84 -18.74
N VAL A 181 3.52 27.49 -19.19
CA VAL A 181 2.36 26.83 -19.81
C VAL A 181 2.70 26.51 -21.25
N ASN A 182 2.76 25.22 -21.52
CA ASN A 182 2.86 24.71 -22.86
C ASN A 182 1.49 24.14 -23.24
N SER A 183 1.27 23.87 -24.52
CA SER A 183 0.03 23.25 -24.94
C SER A 183 0.31 22.18 -25.98
N VAL A 184 -0.47 21.10 -25.85
CA VAL A 184 -0.37 19.92 -26.72
C VAL A 184 -1.77 19.66 -27.31
N ALA A 185 -1.82 19.39 -28.61
CA ALA A 185 -3.08 19.05 -29.28
C ALA A 185 -2.92 17.98 -30.36
N PHE A 186 -3.82 17.01 -30.28
CA PHE A 186 -3.96 15.98 -31.28
C PHE A 186 -5.16 16.32 -32.15
N LYS A 187 -4.95 16.37 -33.45
CA LYS A 187 -6.06 16.39 -34.43
C LYS A 187 -6.31 14.92 -34.84
N VAL A 188 -7.38 14.35 -34.28
CA VAL A 188 -7.69 12.92 -34.40
C VAL A 188 -8.68 12.66 -35.55
N TYR A 189 -8.30 11.80 -36.50
CA TYR A 189 -9.09 11.62 -37.72
C TYR A 189 -10.19 10.59 -37.51
N PRO A 190 -11.30 10.70 -38.29
CA PRO A 190 -12.36 9.69 -38.24
C PRO A 190 -11.86 8.24 -38.39
N ASN A 191 -12.56 7.32 -37.75
CA ASN A 191 -12.19 5.93 -37.82
C ASN A 191 -13.17 5.18 -38.71
N ASP A 192 -12.64 4.38 -39.61
CA ASP A 192 -13.43 3.41 -40.33
C ASP A 192 -12.71 2.07 -40.24
N PRO A 193 -13.29 1.12 -39.49
CA PRO A 193 -12.51 -0.14 -39.25
C PRO A 193 -12.25 -0.97 -40.51
N ASN A 194 -12.99 -0.69 -41.58
CA ASN A 194 -12.82 -1.42 -42.86
C ASN A 194 -11.62 -0.85 -43.67
N ARG A 195 -11.28 0.39 -43.37
CA ARG A 195 -10.22 1.12 -44.07
C ARG A 195 -8.95 1.20 -43.21
N ASP A 196 -9.14 1.38 -41.89
CA ASP A 196 -8.06 1.70 -40.96
C ASP A 196 -7.67 0.46 -40.13
N LEU A 197 -6.36 0.31 -39.88
CA LEU A 197 -5.83 -0.80 -39.07
C LEU A 197 -6.09 -0.44 -37.60
N SER A 198 -7.34 -0.70 -37.19
CA SER A 198 -7.91 -0.12 -36.00
C SER A 198 -8.69 -1.15 -35.15
N MET A 199 -9.88 -0.74 -34.66
CA MET A 199 -10.86 -1.61 -34.02
C MET A 199 -12.25 -1.42 -34.65
N GLY A 200 -12.91 -2.53 -34.95
CA GLY A 200 -14.31 -2.53 -35.34
C GLY A 200 -15.11 -3.56 -34.54
N TRP A 201 -16.42 -3.46 -34.63
CA TRP A 201 -17.31 -4.30 -33.84
C TRP A 201 -17.96 -5.50 -34.51
N ILE A 202 -17.54 -5.83 -35.75
CA ILE A 202 -17.99 -7.07 -36.45
C ILE A 202 -19.52 -7.11 -36.40
N ASP A 203 -20.10 -8.12 -35.78
CA ASP A 203 -21.58 -8.19 -35.63
C ASP A 203 -21.95 -8.40 -34.15
N TRP A 204 -21.04 -8.03 -33.25
CA TRP A 204 -21.27 -8.28 -31.83
C TRP A 204 -22.42 -7.44 -31.23
N ALA A 205 -22.61 -6.22 -31.76
CA ALA A 205 -23.54 -5.30 -31.14
C ALA A 205 -24.18 -4.40 -32.23
N GLN A 206 -24.11 -3.09 -32.00
CA GLN A 206 -24.48 -2.06 -32.98
C GLN A 206 -23.31 -1.07 -33.09
N THR A 207 -23.22 -0.33 -34.20
CA THR A 207 -22.05 0.53 -34.45
C THR A 207 -22.02 1.81 -33.58
N PRO A 208 -20.95 2.05 -32.81
CA PRO A 208 -20.91 3.33 -32.05
C PRO A 208 -20.96 4.50 -33.03
N PRO A 209 -21.72 5.56 -32.71
CA PRO A 209 -21.91 6.63 -33.70
C PRO A 209 -20.57 7.24 -34.25
N ASP A 210 -19.56 7.32 -33.38
CA ASP A 210 -18.25 7.91 -33.72
C ASP A 210 -17.25 6.88 -34.20
N GLN A 211 -17.65 5.61 -34.29
CA GLN A 211 -16.74 4.53 -34.72
C GLN A 211 -15.48 4.52 -33.80
N ASN A 212 -15.70 4.90 -32.55
CA ASN A 212 -14.68 4.93 -31.52
C ASN A 212 -13.49 5.84 -31.79
N MET A 213 -13.63 6.86 -32.66
CA MET A 213 -12.52 7.78 -32.91
C MET A 213 -12.10 8.42 -31.59
N GLY A 214 -10.80 8.66 -31.45
CA GLY A 214 -10.27 9.31 -30.24
C GLY A 214 -8.98 8.66 -29.75
N ILE A 215 -8.66 8.83 -28.46
CA ILE A 215 -7.40 8.29 -27.89
C ILE A 215 -7.78 7.47 -26.67
N VAL A 216 -7.61 6.16 -26.82
CA VAL A 216 -8.22 5.18 -25.90
C VAL A 216 -7.20 4.55 -24.95
N ARG A 217 -5.94 4.96 -25.04
CA ARG A 217 -4.90 4.64 -24.06
C ARG A 217 -4.28 5.97 -23.57
N ASP A 218 -3.38 5.90 -22.59
CA ASP A 218 -2.74 7.11 -22.03
C ASP A 218 -1.72 7.69 -23.03
N VAL A 219 -1.62 9.02 -23.02
CA VAL A 219 -0.46 9.69 -23.60
C VAL A 219 0.47 10.03 -22.42
N LEU A 220 1.70 9.53 -22.43
CA LEU A 220 2.64 9.81 -21.33
C LEU A 220 3.50 10.98 -21.71
N VAL A 221 3.66 11.93 -20.77
CA VAL A 221 4.75 12.94 -20.90
C VAL A 221 5.96 12.42 -20.11
N ARG A 222 7.02 12.11 -20.84
CA ARG A 222 8.28 11.59 -20.32
C ARG A 222 9.34 12.67 -20.25
N ARG A 223 10.16 12.55 -19.23
CA ARG A 223 11.29 13.44 -19.02
C ARG A 223 12.48 12.52 -18.77
N SER A 224 13.62 12.96 -19.25
CA SER A 224 14.87 12.24 -19.18
C SER A 224 16.00 13.19 -19.61
N GLY A 225 17.25 12.79 -19.36
CA GLY A 225 18.41 13.62 -19.73
C GLY A 225 18.88 13.30 -21.15
N ALA A 226 20.20 13.31 -21.37
CA ALA A 226 20.79 12.96 -22.68
C ALA A 226 20.32 11.62 -23.27
N VAL A 227 20.12 10.62 -22.40
CA VAL A 227 19.82 9.24 -22.79
C VAL A 227 18.41 8.82 -22.36
N ALA A 228 17.63 8.30 -23.33
CA ALA A 228 16.30 7.78 -23.08
C ALA A 228 16.41 6.25 -22.98
N LEU A 229 15.69 5.68 -22.02
CA LEU A 229 15.71 4.20 -21.83
C LEU A 229 14.36 3.70 -22.34
N ARG A 230 14.36 2.62 -23.13
CA ARG A 230 13.14 2.13 -23.79
C ARG A 230 13.20 0.63 -23.93
N SER A 231 12.02 0.01 -23.95
CA SER A 231 11.90 -1.39 -24.35
C SER A 231 12.66 -2.34 -23.44
N ALA A 232 12.70 -2.03 -22.14
CA ALA A 232 13.35 -2.93 -21.17
C ALA A 232 12.48 -4.17 -21.02
N HIS A 233 13.09 -5.35 -21.04
CA HIS A 233 12.32 -6.62 -20.94
C HIS A 233 13.24 -7.75 -20.47
N VAL A 234 12.64 -8.89 -20.16
CA VAL A 234 13.40 -10.02 -19.61
C VAL A 234 13.03 -11.30 -20.35
N ILE A 235 13.96 -11.79 -21.17
CA ILE A 235 13.81 -13.13 -21.75
C ILE A 235 14.00 -14.15 -20.63
N GLN A 236 13.05 -15.05 -20.44
CA GLN A 236 13.17 -16.03 -19.31
C GLN A 236 12.97 -17.41 -19.89
N LYS A 237 13.83 -18.35 -19.48
CA LYS A 237 13.81 -19.74 -19.94
C LYS A 237 13.92 -20.68 -18.75
N LEU A 238 12.89 -21.48 -18.51
CA LEU A 238 12.86 -22.38 -17.37
C LEU A 238 13.28 -23.79 -17.83
N ASN A 239 13.97 -24.55 -16.98
CA ASN A 239 14.14 -25.95 -17.28
C ASN A 239 12.85 -26.81 -17.19
N SER A 240 12.89 -28.02 -17.76
CA SER A 240 11.69 -28.88 -17.72
C SER A 240 11.26 -29.26 -16.27
N ALA A 241 12.22 -29.34 -15.35
CA ALA A 241 11.93 -29.59 -13.96
C ALA A 241 11.32 -28.41 -13.23
N LEU A 242 11.43 -27.21 -13.83
CA LEU A 242 10.77 -25.98 -13.30
C LEU A 242 11.47 -25.47 -12.04
N ASP A 243 12.71 -25.93 -11.81
CA ASP A 243 13.46 -25.44 -10.64
C ASP A 243 14.70 -24.55 -10.90
N HIS A 244 14.92 -24.16 -12.15
CA HIS A 244 15.94 -23.24 -12.50
C HIS A 244 15.53 -22.51 -13.75
N ALA A 245 15.76 -21.20 -13.70
CA ALA A 245 15.48 -20.35 -14.88
C ALA A 245 16.71 -19.53 -15.24
N ASP A 246 16.85 -19.21 -16.53
CA ASP A 246 17.83 -18.27 -17.01
C ASP A 246 17.16 -17.03 -17.57
N LEU A 247 17.68 -15.87 -17.15
CA LEU A 247 17.16 -14.54 -17.49
C LEU A 247 18.14 -13.74 -18.33
N THR A 248 17.69 -13.27 -19.50
CA THR A 248 18.46 -12.35 -20.28
C THR A 248 17.70 -11.02 -20.31
N VAL A 249 18.26 -10.02 -19.62
CA VAL A 249 17.68 -8.68 -19.58
C VAL A 249 18.15 -7.97 -20.84
N LYS A 250 17.22 -7.33 -21.52
CA LYS A 250 17.53 -6.46 -22.64
C LYS A 250 16.88 -5.10 -22.44
N ALA A 251 17.59 -4.05 -22.85
CA ALA A 251 17.04 -2.70 -22.77
C ALA A 251 17.74 -1.83 -23.83
N ASP A 252 16.96 -0.91 -24.42
CA ASP A 252 17.51 0.02 -25.40
C ASP A 252 17.81 1.35 -24.74
N VAL A 253 18.92 1.93 -25.19
CA VAL A 253 19.32 3.31 -24.77
C VAL A 253 19.54 4.17 -26.02
N ARG A 254 19.02 5.40 -26.01
CA ARG A 254 19.10 6.29 -27.18
C ARG A 254 19.67 7.62 -26.74
N ASN A 255 20.75 8.05 -27.37
CA ASN A 255 21.44 9.31 -27.00
C ASN A 255 20.81 10.41 -27.86
N ASP A 256 19.84 11.13 -27.28
CA ASP A 256 19.15 12.19 -28.01
C ASP A 256 19.87 13.53 -27.91
N SER A 257 20.98 13.56 -27.16
CA SER A 257 21.78 14.79 -27.04
C SER A 257 22.71 15.02 -28.24
N ALA A 258 23.33 16.20 -28.23
CA ALA A 258 24.16 16.67 -29.33
C ALA A 258 25.56 16.06 -29.34
N ASN A 259 25.96 15.42 -28.24
CA ASN A 259 27.32 14.88 -28.09
C ASN A 259 27.37 13.43 -27.69
N ALA A 260 28.47 12.76 -28.04
CA ALA A 260 28.69 11.35 -27.65
C ALA A 260 28.73 11.20 -26.13
N VAL A 261 28.16 10.10 -25.64
CA VAL A 261 28.12 9.85 -24.19
C VAL A 261 28.53 8.41 -23.89
N GLN A 262 28.90 8.17 -22.64
CA GLN A 262 28.96 6.84 -22.07
C GLN A 262 27.72 6.75 -21.17
N THR A 263 26.99 5.64 -21.25
CA THR A 263 25.87 5.45 -20.32
C THR A 263 25.98 4.12 -19.54
N THR A 264 25.60 4.12 -18.27
CA THR A 264 25.54 2.88 -17.50
C THR A 264 24.07 2.53 -17.23
N VAL A 265 23.67 1.36 -17.71
CA VAL A 265 22.35 0.80 -17.44
C VAL A 265 22.49 -0.24 -16.33
N ALA A 266 21.91 0.08 -15.17
CA ALA A 266 22.12 -0.73 -13.96
C ALA A 266 20.83 -0.81 -13.14
N GLY A 267 20.72 -1.82 -12.32
CA GLY A 267 19.56 -1.96 -11.44
C GLY A 267 19.45 -3.40 -10.96
N THR A 268 18.20 -3.89 -10.88
CA THR A 268 17.99 -5.24 -10.36
C THR A 268 16.99 -5.99 -11.24
N VAL A 269 17.19 -7.30 -11.36
CA VAL A 269 16.23 -8.21 -12.00
C VAL A 269 16.03 -9.35 -11.01
N ALA A 270 14.79 -9.56 -10.56
CA ALA A 270 14.50 -10.70 -9.68
C ALA A 270 15.40 -10.70 -8.42
N GLY A 271 15.69 -9.49 -7.88
CA GLY A 271 16.46 -9.41 -6.62
C GLY A 271 17.98 -9.43 -6.79
N LYS A 272 18.42 -9.48 -8.04
CA LYS A 272 19.86 -9.62 -8.35
C LYS A 272 20.40 -8.41 -9.08
N PRO A 273 21.64 -8.00 -8.75
CA PRO A 273 22.14 -6.77 -9.33
C PRO A 273 22.75 -6.99 -10.71
N ILE A 274 22.52 -6.02 -11.59
CA ILE A 274 23.01 -6.02 -12.97
C ILE A 274 23.48 -4.64 -13.38
N SER A 275 24.49 -4.57 -14.26
CA SER A 275 25.05 -3.30 -14.71
C SER A 275 25.82 -3.49 -16.01
N GLN A 276 25.55 -2.62 -16.99
CA GLN A 276 26.33 -2.60 -18.27
C GLN A 276 26.60 -1.14 -18.66
N THR A 277 27.79 -0.89 -19.20
CA THR A 277 28.17 0.45 -19.67
C THR A 277 28.48 0.37 -21.15
N VAL A 278 27.88 1.27 -21.94
CA VAL A 278 28.05 1.29 -23.39
C VAL A 278 28.32 2.74 -23.80
N SER A 279 28.95 2.90 -24.96
CA SER A 279 29.10 4.22 -25.61
C SER A 279 27.96 4.44 -26.59
N LEU A 280 27.50 5.68 -26.68
CA LEU A 280 26.56 6.06 -27.71
C LEU A 280 26.98 7.37 -28.42
N ALA A 281 27.15 7.28 -29.74
CA ALA A 281 27.34 8.49 -30.58
C ALA A 281 26.11 9.40 -30.39
N ALA A 282 26.25 10.69 -30.73
CA ALA A 282 25.08 11.56 -30.71
C ALA A 282 24.04 10.94 -31.64
N LYS A 283 22.81 10.82 -31.16
CA LYS A 283 21.69 10.26 -31.94
C LYS A 283 21.67 8.74 -32.04
N GLU A 284 22.63 8.05 -31.44
CA GLU A 284 22.69 6.58 -31.53
C GLU A 284 21.72 5.90 -30.54
N ARG A 285 21.07 4.86 -31.03
CA ARG A 285 20.30 3.91 -30.21
C ARG A 285 20.96 2.50 -30.27
N LYS A 286 21.10 1.85 -29.10
CA LYS A 286 21.68 0.49 -29.02
C LYS A 286 20.77 -0.36 -28.19
N THR A 287 20.77 -1.66 -28.45
CA THR A 287 20.13 -2.61 -27.53
C THR A 287 21.26 -3.14 -26.64
N VAL A 288 21.08 -2.99 -25.33
CA VAL A 288 22.01 -3.49 -24.35
C VAL A 288 21.52 -4.91 -23.98
N THR A 289 22.41 -5.91 -24.11
CA THR A 289 22.09 -7.25 -23.62
C THR A 289 22.92 -7.55 -22.37
N PHE A 290 22.27 -7.91 -21.28
CA PHE A 290 22.98 -8.25 -20.07
C PHE A 290 23.44 -9.71 -20.11
N PRO A 291 24.62 -9.99 -19.52
CA PRO A 291 25.05 -11.38 -19.35
C PRO A 291 23.94 -12.19 -18.64
N LEU A 292 23.78 -13.46 -19.05
CA LEU A 292 22.79 -14.37 -18.48
C LEU A 292 22.79 -14.34 -16.95
N VAL A 293 21.61 -14.33 -16.36
CA VAL A 293 21.46 -14.38 -14.90
C VAL A 293 20.75 -15.68 -14.54
N GLY A 294 21.35 -16.51 -13.71
CA GLY A 294 20.65 -17.70 -13.24
C GLY A 294 19.73 -17.47 -12.04
N LEU A 295 18.60 -18.13 -12.04
CA LEU A 295 17.65 -18.03 -10.95
C LEU A 295 17.21 -19.41 -10.43
N ASP A 296 17.65 -19.76 -9.22
CA ASP A 296 17.30 -21.06 -8.65
C ASP A 296 15.98 -21.06 -7.92
N ARG A 297 15.29 -22.19 -7.95
CA ARG A 297 14.03 -22.37 -7.27
C ARG A 297 13.09 -21.18 -7.55
N PRO A 298 12.90 -20.83 -8.82
CA PRO A 298 12.09 -19.64 -9.13
C PRO A 298 10.67 -19.81 -8.66
N ASN A 299 10.05 -18.68 -8.31
CA ASN A 299 8.68 -18.69 -7.89
C ASN A 299 7.84 -18.70 -9.20
N VAL A 300 7.66 -19.91 -9.74
CA VAL A 300 7.01 -20.15 -11.05
C VAL A 300 5.58 -19.66 -11.03
N TRP A 301 5.23 -18.90 -12.07
CA TRP A 301 3.85 -18.45 -12.30
C TRP A 301 2.98 -19.59 -12.84
N TRP A 302 1.80 -19.76 -12.26
CA TRP A 302 0.84 -20.78 -12.69
C TRP A 302 -0.52 -20.16 -13.03
N PRO A 303 -1.31 -20.85 -13.88
CA PRO A 303 -2.71 -20.50 -14.03
C PRO A 303 -3.44 -20.66 -12.68
N ALA A 304 -4.55 -19.96 -12.52
CA ALA A 304 -5.31 -20.03 -11.26
C ALA A 304 -5.58 -21.49 -10.90
N GLY A 305 -5.35 -21.83 -9.63
CA GLY A 305 -5.69 -23.15 -9.11
C GLY A 305 -4.54 -24.15 -9.25
N MET A 306 -3.51 -23.79 -10.00
CA MET A 306 -2.37 -24.69 -10.23
C MET A 306 -1.11 -24.27 -9.46
N GLY A 307 -1.20 -23.18 -8.72
CA GLY A 307 -0.09 -22.67 -7.95
C GLY A 307 -0.29 -21.19 -7.78
N GLY A 308 0.80 -20.47 -7.49
CA GLY A 308 0.74 -19.01 -7.33
C GLY A 308 0.94 -18.25 -8.66
N GLN A 309 0.79 -16.92 -8.57
CA GLN A 309 0.71 -16.01 -9.73
C GLN A 309 1.83 -14.95 -9.59
N HIS A 310 2.95 -15.39 -9.06
CA HIS A 310 4.08 -14.45 -8.78
C HIS A 310 4.63 -13.86 -10.09
N ARG A 311 4.94 -12.55 -10.05
CA ARG A 311 5.74 -11.90 -11.06
C ARG A 311 6.92 -11.28 -10.39
N TYR A 312 8.10 -11.43 -11.02
CA TYR A 312 9.27 -10.67 -10.60
C TYR A 312 9.32 -9.23 -11.14
N ASP A 313 10.24 -8.42 -10.57
CA ASP A 313 10.48 -7.04 -10.95
C ASP A 313 11.80 -6.84 -11.68
N LEU A 314 11.74 -5.98 -12.68
CA LEU A 314 12.93 -5.47 -13.36
C LEU A 314 12.89 -3.96 -13.08
N ASP A 315 14.00 -3.44 -12.59
CA ASP A 315 14.12 -2.02 -12.25
C ASP A 315 15.47 -1.56 -12.80
N LEU A 316 15.44 -0.62 -13.74
CA LEU A 316 16.66 -0.13 -14.37
C LEU A 316 16.72 1.38 -14.36
N THR A 317 17.95 1.90 -14.29
CA THR A 317 18.25 3.30 -14.50
C THR A 317 19.41 3.38 -15.51
N ALA A 318 19.25 4.22 -16.53
CA ALA A 318 20.36 4.64 -17.39
C ALA A 318 20.92 5.96 -16.84
N SER A 319 22.23 5.95 -16.57
CA SER A 319 22.93 7.05 -15.92
C SER A 319 23.94 7.60 -16.91
N VAL A 320 24.10 8.92 -16.88
CA VAL A 320 25.12 9.61 -17.67
C VAL A 320 25.85 10.57 -16.72
N GLY A 321 27.18 10.51 -16.74
CA GLY A 321 27.98 11.40 -15.88
C GLY A 321 27.74 11.21 -14.39
N GLY A 322 27.40 9.98 -13.99
CA GLY A 322 27.13 9.64 -12.58
C GLY A 322 25.82 10.27 -12.10
N THR A 323 24.89 10.48 -13.02
CA THR A 323 23.59 11.04 -12.65
C THR A 323 22.55 10.27 -13.48
N PRO A 324 21.40 9.87 -12.86
CA PRO A 324 20.34 9.19 -13.64
C PRO A 324 19.89 10.02 -14.83
N SER A 325 19.70 9.38 -15.96
CA SER A 325 19.11 10.08 -17.12
C SER A 325 17.69 9.60 -17.38
N ASP A 326 17.43 8.32 -17.18
CA ASP A 326 16.09 7.79 -17.38
C ASP A 326 15.99 6.53 -16.53
N ALA A 327 14.78 6.02 -16.39
CA ALA A 327 14.53 4.85 -15.51
C ALA A 327 13.27 4.14 -15.94
N ALA A 328 13.21 2.83 -15.71
CA ALA A 328 12.02 2.07 -16.04
C ALA A 328 11.87 0.89 -15.11
N LYS A 329 10.63 0.67 -14.67
CA LYS A 329 10.27 -0.44 -13.81
C LYS A 329 9.26 -1.31 -14.52
N SER A 330 9.42 -2.62 -14.42
CA SER A 330 8.43 -3.53 -15.05
C SER A 330 8.37 -4.86 -14.31
N LYS A 331 7.52 -5.75 -14.80
CA LYS A 331 7.38 -7.07 -14.23
C LYS A 331 7.52 -8.14 -15.31
N PHE A 332 7.81 -9.38 -14.88
CA PHE A 332 7.73 -10.50 -15.77
C PHE A 332 7.43 -11.73 -14.96
N GLY A 333 6.89 -12.75 -15.63
CA GLY A 333 6.60 -14.02 -15.00
C GLY A 333 7.51 -15.11 -15.54
N VAL A 334 7.81 -16.09 -14.68
CA VAL A 334 8.68 -17.22 -15.02
C VAL A 334 7.70 -18.42 -15.19
N ARG A 335 7.42 -18.77 -16.45
CA ARG A 335 6.32 -19.68 -16.87
C ARG A 335 6.78 -20.14 -18.29
N ASP A 336 6.58 -21.42 -18.62
CA ASP A 336 6.74 -21.88 -20.02
C ASP A 336 5.36 -22.13 -20.62
N VAL A 337 5.20 -21.81 -21.89
CA VAL A 337 3.96 -22.17 -22.54
C VAL A 337 4.29 -22.77 -23.90
N LYS A 338 3.54 -23.81 -24.23
CA LYS A 338 3.63 -24.41 -25.58
C LYS A 338 2.23 -24.58 -26.15
N ALA A 339 2.11 -24.47 -27.48
CA ALA A 339 0.86 -24.79 -28.16
C ALA A 339 1.20 -25.57 -29.44
N THR A 340 1.02 -26.91 -29.39
CA THR A 340 1.46 -27.79 -30.49
C THR A 340 0.26 -28.52 -31.06
N LEU A 341 0.43 -29.10 -32.25
CA LEU A 341 -0.65 -29.86 -32.87
C LEU A 341 -0.52 -31.30 -32.40
N ASN A 342 -1.61 -31.85 -31.84
CA ASN A 342 -1.65 -33.28 -31.44
C ASN A 342 -1.69 -34.17 -32.70
N SER A 343 -1.67 -35.48 -32.49
CA SER A 343 -1.68 -36.45 -33.60
C SER A 343 -3.00 -36.40 -34.39
N SER A 344 -4.07 -35.86 -33.79
CA SER A 344 -5.33 -35.59 -34.54
C SER A 344 -5.38 -34.24 -35.28
N GLY A 345 -4.34 -33.42 -35.18
CA GLY A 345 -4.34 -32.09 -35.80
C GLY A 345 -4.97 -30.96 -34.96
N GLY A 346 -5.32 -31.26 -33.71
CA GLY A 346 -5.89 -30.23 -32.79
C GLY A 346 -4.79 -29.45 -32.05
N ARG A 347 -4.98 -28.12 -31.93
CA ARG A 347 -4.03 -27.26 -31.15
C ARG A 347 -4.16 -27.58 -29.66
N GLN A 348 -3.04 -27.92 -29.03
CA GLN A 348 -3.05 -28.37 -27.66
C GLN A 348 -2.11 -27.48 -26.81
N TYR A 349 -2.69 -26.72 -25.89
CA TYR A 349 -1.87 -25.86 -25.04
C TYR A 349 -1.30 -26.59 -23.82
N SER A 350 -0.14 -26.15 -23.38
CA SER A 350 0.38 -26.61 -22.11
C SER A 350 1.10 -25.45 -21.42
N VAL A 351 1.02 -25.45 -20.09
CA VAL A 351 1.67 -24.41 -19.29
C VAL A 351 2.54 -25.12 -18.30
N ASN A 352 3.82 -24.73 -18.27
CA ASN A 352 4.83 -25.36 -17.42
C ASN A 352 4.81 -26.89 -17.54
N GLY A 353 4.66 -27.35 -18.79
CA GLY A 353 4.62 -28.78 -19.13
C GLY A 353 3.35 -29.54 -18.78
N LYS A 354 2.32 -28.84 -18.29
CA LYS A 354 1.04 -29.46 -17.99
C LYS A 354 0.09 -29.13 -19.12
N PRO A 355 -0.40 -30.17 -19.87
CA PRO A 355 -1.38 -29.85 -20.89
C PRO A 355 -2.67 -29.39 -20.20
N LEU A 356 -3.41 -28.50 -20.84
CA LEU A 356 -4.70 -27.98 -20.35
C LEU A 356 -5.72 -28.03 -21.47
N LEU A 357 -6.97 -28.37 -21.13
CA LEU A 357 -8.11 -27.98 -21.98
C LEU A 357 -8.38 -26.51 -21.76
N ILE A 358 -8.31 -25.72 -22.81
CA ILE A 358 -8.73 -24.33 -22.67
C ILE A 358 -10.23 -24.29 -22.50
N ARG A 359 -10.69 -23.63 -21.42
CA ARG A 359 -12.10 -23.42 -21.11
C ARG A 359 -12.33 -21.95 -20.90
N GLY A 360 -12.88 -21.28 -21.89
CA GLY A 360 -12.90 -19.83 -21.84
C GLY A 360 -14.10 -19.17 -22.48
N GLY A 361 -13.95 -17.87 -22.67
CA GLY A 361 -14.98 -17.05 -23.33
C GLY A 361 -14.29 -15.96 -24.15
N GLY A 362 -14.99 -15.47 -25.17
CA GLY A 362 -14.48 -14.34 -25.93
C GLY A 362 -14.78 -13.07 -25.13
N TYR A 363 -13.72 -12.35 -24.78
CA TYR A 363 -13.80 -11.14 -23.97
C TYR A 363 -13.90 -9.94 -24.89
N THR A 364 -14.70 -8.97 -24.47
CA THR A 364 -14.81 -7.70 -25.20
C THR A 364 -14.73 -6.51 -24.21
N PRO A 365 -14.11 -5.38 -24.61
CA PRO A 365 -14.25 -4.21 -23.73
C PRO A 365 -15.63 -3.53 -23.96
N ASP A 366 -15.81 -2.40 -23.30
CA ASP A 366 -17.00 -1.54 -23.46
C ASP A 366 -17.14 -1.07 -24.94
N LEU A 367 -18.37 -1.02 -25.45
CA LEU A 367 -18.65 -0.58 -26.84
C LEU A 367 -18.02 0.78 -27.23
N PHE A 368 -17.88 1.69 -26.24
CA PHE A 368 -17.29 3.00 -26.49
C PHE A 368 -15.87 3.10 -25.90
N LEU A 369 -15.29 1.93 -25.60
CA LEU A 369 -13.93 1.80 -25.02
C LEU A 369 -13.69 2.62 -23.74
N ARG A 370 -14.77 2.79 -22.99
CA ARG A 370 -14.71 3.41 -21.67
C ARG A 370 -13.93 2.50 -20.71
N TRP A 371 -12.84 3.05 -20.17
CA TRP A 371 -11.86 2.26 -19.39
C TRP A 371 -12.08 2.54 -17.89
N ASN A 372 -12.12 1.44 -17.12
CA ASN A 372 -12.16 1.49 -15.69
C ASN A 372 -11.39 0.29 -15.15
N GLU A 373 -10.33 0.60 -14.41
CA GLU A 373 -9.45 -0.45 -13.88
C GLU A 373 -10.17 -1.44 -12.95
N THR A 374 -11.00 -0.92 -12.05
CA THR A 374 -11.80 -1.81 -11.18
C THR A 374 -12.75 -2.74 -11.95
N ALA A 375 -13.45 -2.16 -12.93
CA ALA A 375 -14.32 -2.92 -13.81
C ALA A 375 -13.55 -4.04 -14.54
N ALA A 376 -12.35 -3.74 -15.04
CA ALA A 376 -11.53 -4.79 -15.72
C ALA A 376 -11.25 -5.96 -14.76
N ALA A 377 -10.84 -5.62 -13.55
CA ALA A 377 -10.62 -6.57 -12.46
C ALA A 377 -11.87 -7.38 -12.17
N ASP A 378 -13.02 -6.70 -12.07
CA ASP A 378 -14.30 -7.36 -11.75
C ASP A 378 -14.65 -8.39 -12.83
N LYS A 379 -14.45 -8.00 -14.07
CA LYS A 379 -14.70 -8.89 -15.24
C LYS A 379 -13.79 -10.11 -15.22
N LEU A 380 -12.48 -9.92 -15.02
CA LEU A 380 -11.55 -11.06 -14.95
C LEU A 380 -11.81 -11.95 -13.72
N LYS A 381 -12.22 -11.33 -12.62
CA LYS A 381 -12.61 -12.12 -11.42
C LYS A 381 -13.84 -13.03 -11.68
N TYR A 382 -14.79 -12.55 -12.48
CA TYR A 382 -15.95 -13.36 -12.92
C TYR A 382 -15.50 -14.56 -13.73
N VAL A 383 -14.47 -14.40 -14.52
CA VAL A 383 -13.86 -15.56 -15.23
C VAL A 383 -13.61 -16.74 -14.27
N LEU A 384 -12.89 -16.49 -13.18
CA LEU A 384 -12.61 -17.48 -12.15
C LEU A 384 -13.84 -17.89 -11.34
N ASN A 385 -14.78 -16.99 -11.12
CA ASN A 385 -16.01 -17.41 -10.44
C ASN A 385 -16.85 -18.41 -11.31
N LEU A 386 -16.75 -18.28 -12.64
CA LEU A 386 -17.33 -19.23 -13.57
C LEU A 386 -16.59 -20.58 -13.59
N GLY A 387 -15.37 -20.60 -13.05
CA GLY A 387 -14.48 -21.77 -13.14
C GLY A 387 -13.75 -21.87 -14.47
N LEU A 388 -13.84 -20.83 -15.31
CA LEU A 388 -13.10 -20.80 -16.62
C LEU A 388 -11.61 -20.59 -16.40
N ASN A 389 -10.80 -20.87 -17.40
CA ASN A 389 -9.35 -20.61 -17.26
C ASN A 389 -8.75 -19.58 -18.22
N THR A 390 -9.54 -19.17 -19.20
CA THR A 390 -9.02 -18.40 -20.36
C THR A 390 -9.99 -17.35 -20.90
N VAL A 391 -9.45 -16.22 -21.38
CA VAL A 391 -10.25 -15.37 -22.26
C VAL A 391 -9.55 -15.13 -23.56
N ARG A 392 -10.34 -15.11 -24.63
CA ARG A 392 -9.84 -14.76 -25.94
C ARG A 392 -10.18 -13.30 -26.20
N LEU A 393 -9.22 -12.55 -26.77
CA LEU A 393 -9.47 -11.18 -27.22
C LEU A 393 -9.33 -11.22 -28.75
N GLU A 394 -10.48 -11.22 -29.43
CA GLU A 394 -10.48 -11.10 -30.88
C GLU A 394 -10.37 -9.61 -31.17
N GLY A 395 -9.14 -9.14 -31.43
CA GLY A 395 -8.81 -7.71 -31.54
C GLY A 395 -9.18 -6.97 -30.24
N HIS A 396 -9.44 -5.66 -30.35
CA HIS A 396 -9.83 -4.80 -29.21
C HIS A 396 -8.87 -4.98 -28.02
N ILE A 397 -7.57 -5.10 -28.34
CA ILE A 397 -6.63 -5.59 -27.32
C ILE A 397 -6.44 -4.51 -26.23
N GLU A 398 -6.77 -4.91 -25.00
CA GLU A 398 -6.95 -3.99 -23.85
C GLU A 398 -5.65 -3.33 -23.38
N PRO A 399 -5.77 -2.18 -22.67
CA PRO A 399 -4.60 -1.54 -22.09
C PRO A 399 -3.85 -2.46 -21.13
N ASP A 400 -2.59 -2.10 -20.85
CA ASP A 400 -1.66 -2.89 -20.05
C ASP A 400 -2.24 -3.42 -18.74
N GLU A 401 -2.99 -2.59 -18.02
CA GLU A 401 -3.54 -2.99 -16.69
C GLU A 401 -4.42 -4.23 -16.79
N PHE A 402 -5.15 -4.38 -17.89
CA PHE A 402 -5.94 -5.58 -18.10
C PHE A 402 -5.08 -6.87 -17.99
N PHE A 403 -3.87 -6.82 -18.59
CA PHE A 403 -2.96 -7.95 -18.57
C PHE A 403 -2.23 -8.09 -17.21
N ASP A 404 -1.93 -6.97 -16.57
CA ASP A 404 -1.46 -7.02 -15.18
C ASP A 404 -2.44 -7.77 -14.28
N ILE A 405 -3.74 -7.46 -14.40
CA ILE A 405 -4.79 -8.09 -13.61
C ILE A 405 -4.89 -9.55 -13.99
N ALA A 406 -4.85 -9.85 -15.28
CA ALA A 406 -4.94 -11.25 -15.71
C ALA A 406 -3.76 -12.05 -15.09
N ASP A 407 -2.54 -11.48 -15.16
CA ASP A 407 -1.32 -12.05 -14.53
C ASP A 407 -1.57 -12.32 -13.05
N ASP A 408 -2.05 -11.29 -12.34
CA ASP A 408 -2.24 -11.39 -10.89
C ASP A 408 -3.30 -12.44 -10.50
N LEU A 409 -4.35 -12.57 -11.30
CA LEU A 409 -5.42 -13.54 -11.01
C LEU A 409 -5.14 -14.96 -11.54
N GLY A 410 -4.19 -15.09 -12.48
CA GLY A 410 -3.89 -16.36 -13.13
C GLY A 410 -4.92 -16.72 -14.22
N VAL A 411 -5.46 -15.70 -14.90
CA VAL A 411 -6.40 -15.96 -16.00
C VAL A 411 -5.58 -15.94 -17.28
N LEU A 412 -5.67 -16.99 -18.10
CA LEU A 412 -4.87 -17.05 -19.38
C LEU A 412 -5.53 -16.16 -20.42
N THR A 413 -4.70 -15.53 -21.25
CA THR A 413 -5.23 -14.64 -22.29
C THR A 413 -4.77 -15.07 -23.70
N MET A 414 -5.67 -14.92 -24.66
CA MET A 414 -5.42 -15.31 -26.06
C MET A 414 -5.70 -14.10 -26.96
N PRO A 415 -4.79 -13.12 -26.95
CA PRO A 415 -4.97 -11.95 -27.81
C PRO A 415 -4.65 -12.24 -29.28
N GLY A 416 -5.09 -11.35 -30.16
CA GLY A 416 -4.85 -11.49 -31.57
C GLY A 416 -5.61 -10.46 -32.38
N TRP A 417 -5.34 -10.41 -33.68
CA TRP A 417 -6.07 -9.50 -34.56
C TRP A 417 -7.49 -10.03 -34.81
N GLU A 418 -8.42 -9.14 -35.20
CA GLU A 418 -9.82 -9.52 -35.41
C GLU A 418 -10.11 -9.73 -36.91
N CYS A 419 -11.21 -10.44 -37.16
CA CYS A 419 -11.65 -10.75 -38.53
C CYS A 419 -12.43 -9.58 -39.08
N CYS A 420 -12.85 -9.77 -40.34
CA CYS A 420 -14.04 -9.07 -40.86
C CYS A 420 -13.94 -7.54 -41.00
N ASP A 421 -12.71 -7.03 -41.10
CA ASP A 421 -12.44 -5.59 -41.34
C ASP A 421 -11.05 -5.42 -41.91
N LYS A 422 -10.43 -4.25 -41.75
CA LYS A 422 -9.17 -3.95 -42.45
C LYS A 422 -8.07 -5.01 -42.23
N TRP A 423 -7.95 -5.50 -41.00
CA TRP A 423 -6.92 -6.50 -40.68
C TRP A 423 -6.86 -7.67 -41.68
N GLU A 424 -8.01 -8.20 -42.10
CA GLU A 424 -8.01 -9.34 -43.03
C GLU A 424 -8.33 -8.94 -44.49
N GLY A 425 -8.27 -7.63 -44.76
CA GLY A 425 -8.79 -7.07 -46.01
C GLY A 425 -8.04 -7.56 -47.24
N GLN A 426 -6.80 -7.98 -47.05
CA GLN A 426 -5.98 -8.41 -48.17
C GLN A 426 -6.23 -9.87 -48.50
N VAL A 427 -6.86 -10.62 -47.59
CA VAL A 427 -7.00 -12.07 -47.77
C VAL A 427 -8.45 -12.58 -47.68
N ASN A 428 -9.41 -11.72 -47.33
CA ASN A 428 -10.75 -12.17 -46.99
C ASN A 428 -11.81 -11.97 -48.07
N GLY A 429 -11.39 -11.70 -49.31
CA GLY A 429 -12.32 -11.67 -50.47
C GLY A 429 -13.51 -10.72 -50.30
N GLU A 430 -14.74 -11.19 -50.46
CA GLU A 430 -15.90 -10.29 -50.46
C GLU A 430 -16.32 -9.88 -49.05
N GLU A 431 -15.68 -10.44 -48.03
CA GLU A 431 -15.96 -9.98 -46.67
C GLU A 431 -15.51 -8.52 -46.49
N LYS A 432 -16.11 -7.82 -45.53
CA LYS A 432 -15.72 -6.46 -45.14
C LYS A 432 -14.23 -6.30 -44.87
N GLY A 433 -13.69 -5.15 -45.28
CA GLY A 433 -12.29 -4.80 -45.08
C GLY A 433 -11.55 -4.56 -46.39
N GLU A 434 -10.88 -3.44 -46.54
CA GLU A 434 -10.29 -3.10 -47.85
C GLU A 434 -8.95 -3.81 -48.17
N PRO A 435 -8.74 -4.16 -49.46
CA PRO A 435 -7.42 -4.64 -49.89
C PRO A 435 -6.34 -3.65 -49.44
N TRP A 436 -5.14 -4.18 -49.24
CA TRP A 436 -4.07 -3.38 -48.69
C TRP A 436 -3.34 -2.70 -49.82
N VAL A 437 -2.93 -1.49 -49.52
CA VAL A 437 -2.04 -0.75 -50.37
C VAL A 437 -0.67 -0.71 -49.68
N GLU A 438 0.33 -0.22 -50.39
CA GLU A 438 1.69 -0.26 -49.87
C GLU A 438 1.90 0.34 -48.47
N SER A 439 1.25 1.48 -48.19
CA SER A 439 1.40 2.19 -46.90
C SER A 439 0.77 1.39 -45.72
N ASP A 440 -0.13 0.45 -46.03
CA ASP A 440 -0.74 -0.42 -44.98
C ASP A 440 0.28 -1.36 -44.33
N TYR A 441 1.26 -1.83 -45.13
CA TYR A 441 2.17 -2.90 -44.69
C TYR A 441 3.03 -2.47 -43.50
N PRO A 442 3.68 -1.27 -43.56
CA PRO A 442 4.48 -0.89 -42.37
C PRO A 442 3.64 -0.54 -41.10
N ILE A 443 2.41 -0.07 -41.29
CA ILE A 443 1.46 0.13 -40.14
C ILE A 443 1.12 -1.21 -39.47
N ALA A 444 0.73 -2.23 -40.25
CA ALA A 444 0.51 -3.57 -39.66
C ALA A 444 1.73 -4.13 -38.94
N LYS A 445 2.90 -4.01 -39.57
CA LYS A 445 4.12 -4.55 -38.97
C LYS A 445 4.46 -3.80 -37.66
N ALA A 446 4.38 -2.47 -37.71
CA ALA A 446 4.62 -1.64 -36.53
C ALA A 446 3.59 -1.98 -35.41
N SER A 447 2.34 -2.24 -35.80
CA SER A 447 1.28 -2.60 -34.82
C SER A 447 1.64 -3.90 -34.10
N MET A 448 2.10 -4.85 -34.90
CA MET A 448 2.59 -6.11 -34.34
C MET A 448 3.81 -5.88 -33.44
N PHE A 449 4.77 -5.06 -33.87
CA PHE A 449 5.94 -4.83 -33.02
C PHE A 449 5.51 -4.23 -31.66
N SER A 450 4.66 -3.22 -31.73
CA SER A 450 4.22 -2.50 -30.53
C SER A 450 3.38 -3.42 -29.60
N GLU A 451 2.51 -4.25 -30.16
CA GLU A 451 1.78 -5.21 -29.29
C GLU A 451 2.70 -6.29 -28.73
N ALA A 452 3.62 -6.79 -29.54
CA ALA A 452 4.56 -7.84 -29.06
C ALA A 452 5.40 -7.27 -27.90
N GLU A 453 5.86 -6.04 -28.06
CA GLU A 453 6.67 -5.36 -27.07
C GLU A 453 5.85 -5.18 -25.78
N ARG A 454 4.56 -4.81 -25.92
CA ARG A 454 3.63 -4.61 -24.77
C ARG A 454 3.34 -5.95 -24.04
N LEU A 455 3.16 -7.00 -24.83
CA LEU A 455 2.61 -8.27 -24.27
C LEU A 455 3.63 -9.30 -23.82
N ARG A 456 4.88 -9.18 -24.29
CA ARG A 456 5.85 -10.26 -24.16
C ARG A 456 6.17 -10.71 -22.73
N ASP A 457 6.08 -9.80 -21.75
CA ASP A 457 6.45 -10.14 -20.36
C ASP A 457 5.23 -10.34 -19.41
N HIS A 458 4.02 -10.43 -20.02
CA HIS A 458 2.81 -10.85 -19.29
C HIS A 458 2.61 -12.37 -19.35
N PRO A 459 2.81 -13.04 -18.20
CA PRO A 459 2.70 -14.51 -18.17
C PRO A 459 1.31 -15.06 -18.51
N SER A 460 0.27 -14.24 -18.32
CA SER A 460 -1.09 -14.65 -18.71
C SER A 460 -1.22 -14.93 -20.22
N VAL A 461 -0.40 -14.27 -21.04
CA VAL A 461 -0.49 -14.43 -22.49
C VAL A 461 0.01 -15.81 -22.90
N ILE A 462 -0.85 -16.58 -23.57
CA ILE A 462 -0.46 -17.93 -23.95
C ILE A 462 -0.24 -18.11 -25.47
N SER A 463 -0.55 -17.08 -26.27
CA SER A 463 -0.38 -17.09 -27.75
C SER A 463 -0.77 -15.74 -28.31
N PHE A 464 -0.43 -15.52 -29.60
CA PHE A 464 -0.98 -14.41 -30.37
C PHE A 464 -1.53 -14.98 -31.71
N HIS A 465 -2.79 -14.69 -31.97
CA HIS A 465 -3.44 -15.05 -33.27
C HIS A 465 -3.13 -13.94 -34.26
N ILE A 466 -2.29 -14.30 -35.24
CA ILE A 466 -1.97 -13.37 -36.31
C ILE A 466 -3.09 -13.32 -37.37
N GLY A 467 -4.07 -14.21 -37.23
CA GLY A 467 -5.24 -14.23 -38.10
C GLY A 467 -6.43 -14.71 -37.32
N SER A 468 -7.60 -14.39 -37.81
CA SER A 468 -8.79 -14.88 -37.18
C SER A 468 -9.72 -15.95 -37.87
N ASP A 469 -10.78 -15.57 -38.59
CA ASP A 469 -11.16 -15.97 -39.97
C ASP A 469 -10.15 -16.43 -41.00
N PHE A 470 -9.45 -15.50 -41.62
CA PHE A 470 -8.44 -15.86 -42.58
C PHE A 470 -7.04 -15.73 -42.02
N ALA A 471 -6.19 -16.70 -42.36
CA ALA A 471 -4.77 -16.62 -42.11
C ALA A 471 -4.13 -15.54 -43.02
N PRO A 472 -3.06 -14.87 -42.52
CA PRO A 472 -2.37 -13.91 -43.41
C PRO A 472 -1.70 -14.63 -44.58
N ASP A 473 -1.45 -13.85 -45.63
CA ASP A 473 -0.68 -14.34 -46.75
C ASP A 473 0.83 -14.33 -46.40
N ARG A 474 1.67 -14.76 -47.33
CA ARG A 474 3.08 -14.88 -47.02
C ARG A 474 3.74 -13.57 -46.64
N ARG A 475 3.47 -12.49 -47.38
CA ARG A 475 4.06 -11.17 -47.10
C ARG A 475 3.64 -10.63 -45.72
N ILE A 476 2.33 -10.66 -45.48
CA ILE A 476 1.81 -10.17 -44.18
C ILE A 476 2.33 -11.02 -43.02
N GLU A 477 2.18 -12.34 -43.14
CA GLU A 477 2.74 -13.24 -42.14
C GLU A 477 4.23 -13.01 -41.85
N GLN A 478 5.07 -12.93 -42.90
CA GLN A 478 6.48 -12.57 -42.71
C GLN A 478 6.69 -11.28 -41.92
N GLY A 479 5.89 -10.26 -42.21
CA GLY A 479 5.96 -9.00 -41.47
C GLY A 479 5.68 -9.19 -39.99
N TYR A 480 4.61 -9.92 -39.69
CA TYR A 480 4.29 -10.26 -38.27
C TYR A 480 5.36 -11.09 -37.55
N LEU A 481 5.90 -12.12 -38.24
CA LEU A 481 6.97 -12.96 -37.64
C LEU A 481 8.25 -12.17 -37.39
N ASP A 482 8.61 -11.32 -38.34
CA ASP A 482 9.73 -10.38 -38.17
C ASP A 482 9.56 -9.41 -36.98
N ALA A 483 8.41 -8.74 -36.91
CA ALA A 483 8.06 -7.86 -35.78
C ALA A 483 8.18 -8.60 -34.42
N MET A 484 7.60 -9.80 -34.35
CA MET A 484 7.71 -10.60 -33.13
C MET A 484 9.15 -10.97 -32.78
N LYS A 485 9.95 -11.37 -33.76
CA LYS A 485 11.35 -11.68 -33.50
C LYS A 485 12.13 -10.45 -32.99
N ALA A 486 11.83 -9.28 -33.58
CA ALA A 486 12.47 -8.00 -33.21
C ALA A 486 12.14 -7.61 -31.77
N ALA A 487 10.95 -8.02 -31.32
CA ALA A 487 10.47 -7.76 -29.96
C ALA A 487 10.81 -8.87 -28.95
N ASP A 488 11.53 -9.91 -29.39
CA ASP A 488 11.77 -11.08 -28.54
C ASP A 488 10.45 -11.67 -28.03
N PHE A 489 9.37 -11.57 -28.83
CA PHE A 489 8.09 -12.19 -28.48
C PHE A 489 8.15 -13.68 -28.84
N LEU A 490 8.17 -14.53 -27.82
CA LEU A 490 8.53 -15.92 -27.98
C LEU A 490 7.37 -16.87 -27.74
N LEU A 491 6.17 -16.33 -27.66
CA LEU A 491 5.00 -17.14 -27.36
C LEU A 491 4.47 -17.79 -28.63
N PRO A 492 3.66 -18.86 -28.49
CA PRO A 492 3.07 -19.52 -29.68
C PRO A 492 2.30 -18.56 -30.57
N VAL A 493 2.51 -18.73 -31.87
CA VAL A 493 1.80 -17.95 -32.87
C VAL A 493 0.75 -18.87 -33.54
N ILE A 494 -0.51 -18.46 -33.53
CA ILE A 494 -1.55 -19.23 -34.15
C ILE A 494 -1.96 -18.48 -35.41
N PRO A 495 -1.96 -19.14 -36.59
CA PRO A 495 -2.20 -18.44 -37.88
C PRO A 495 -3.68 -18.03 -38.08
N ALA A 496 -4.60 -18.73 -37.43
CA ALA A 496 -6.03 -18.48 -37.56
C ALA A 496 -6.77 -19.12 -36.42
N ALA A 497 -7.97 -18.60 -36.14
CA ALA A 497 -8.95 -19.27 -35.26
C ALA A 497 -9.85 -20.23 -36.04
N SER A 498 -9.89 -20.10 -37.37
CA SER A 498 -10.59 -21.08 -38.21
C SER A 498 -9.61 -22.23 -38.52
N ALA A 499 -10.04 -23.19 -39.35
CA ALA A 499 -9.15 -24.25 -39.83
C ALA A 499 -8.15 -23.83 -40.98
N ARG A 500 -8.19 -22.56 -41.40
CA ARG A 500 -7.29 -22.05 -42.45
C ARG A 500 -5.84 -21.97 -41.99
N PRO A 501 -4.92 -22.65 -42.72
CA PRO A 501 -3.46 -22.52 -42.51
C PRO A 501 -2.85 -21.24 -43.06
N SER A 502 -1.69 -20.86 -42.53
CA SER A 502 -0.88 -19.83 -43.15
C SER A 502 0.31 -20.53 -43.90
N PRO A 503 0.96 -19.81 -44.84
CA PRO A 503 2.09 -20.43 -45.59
C PRO A 503 3.29 -20.79 -44.75
N ILE A 504 3.59 -20.01 -43.71
CA ILE A 504 4.84 -20.23 -42.97
C ILE A 504 4.59 -21.02 -41.67
N THR A 505 3.79 -20.45 -40.77
CA THR A 505 3.47 -21.11 -39.49
C THR A 505 2.70 -22.42 -39.70
N GLY A 506 1.83 -22.46 -40.73
CA GLY A 506 1.17 -23.70 -41.10
C GLY A 506 -0.23 -23.87 -40.54
N ALA A 507 -0.56 -25.08 -40.11
CA ALA A 507 -1.93 -25.46 -39.74
C ALA A 507 -2.36 -24.75 -38.46
N SER A 508 -3.63 -24.36 -38.38
CA SER A 508 -4.06 -23.66 -37.17
C SER A 508 -4.22 -24.62 -35.98
N GLY A 509 -4.70 -25.84 -36.22
CA GLY A 509 -5.14 -26.71 -35.13
C GLY A 509 -6.46 -26.23 -34.50
N MET A 510 -7.16 -25.29 -35.17
CA MET A 510 -8.43 -24.77 -34.66
C MET A 510 -9.53 -24.86 -35.71
N LYS A 511 -10.77 -24.67 -35.26
CA LYS A 511 -11.92 -24.67 -36.14
C LYS A 511 -12.92 -23.59 -35.79
N MET A 512 -13.59 -23.14 -36.84
CA MET A 512 -14.60 -22.13 -36.75
C MET A 512 -15.74 -22.56 -37.66
N ASN A 513 -16.58 -23.48 -37.16
CA ASN A 513 -17.65 -24.08 -37.96
C ASN A 513 -19.02 -23.66 -37.49
N GLY A 514 -19.07 -22.64 -36.61
CA GLY A 514 -20.26 -22.32 -35.84
C GLY A 514 -20.57 -23.46 -34.84
N PRO A 515 -21.78 -23.42 -34.22
CA PRO A 515 -22.89 -22.50 -34.41
C PRO A 515 -22.70 -21.17 -33.64
N TYR A 516 -23.60 -20.22 -33.90
CA TYR A 516 -23.67 -18.92 -33.19
C TYR A 516 -25.14 -18.66 -32.88
N ASP A 517 -25.97 -19.68 -33.09
CA ASP A 517 -27.40 -19.53 -32.78
C ASP A 517 -27.93 -20.89 -32.35
N TYR A 518 -29.26 -20.98 -32.14
CA TYR A 518 -29.81 -22.09 -31.34
C TYR A 518 -29.46 -23.45 -31.95
N VAL A 519 -28.87 -24.30 -31.13
CA VAL A 519 -28.76 -25.72 -31.41
C VAL A 519 -29.12 -26.42 -30.08
N PRO A 520 -29.72 -27.64 -30.11
CA PRO A 520 -30.15 -28.32 -28.87
C PRO A 520 -28.92 -28.87 -28.14
N PRO A 521 -29.05 -29.16 -26.84
CA PRO A 521 -27.90 -29.65 -26.03
C PRO A 521 -27.10 -30.83 -26.65
N VAL A 522 -27.78 -31.84 -27.19
CA VAL A 522 -27.08 -32.99 -27.77
C VAL A 522 -26.13 -32.65 -28.94
N TYR A 523 -26.40 -31.53 -29.63
CA TYR A 523 -25.55 -31.06 -30.74
C TYR A 523 -24.08 -31.07 -30.32
N TRP A 524 -23.81 -30.63 -29.09
CA TRP A 524 -22.42 -30.39 -28.70
C TRP A 524 -21.64 -31.68 -28.56
N TYR A 525 -22.37 -32.78 -28.33
CA TYR A 525 -21.75 -34.12 -28.25
C TYR A 525 -21.42 -34.76 -29.62
N ASP A 526 -21.79 -34.10 -30.71
CA ASP A 526 -21.44 -34.63 -32.03
C ASP A 526 -19.95 -34.67 -32.33
N LYS A 527 -19.53 -35.83 -32.82
CA LYS A 527 -18.22 -35.95 -33.46
C LYS A 527 -18.28 -36.39 -34.94
N SER A 528 -19.48 -36.72 -35.43
CA SER A 528 -19.65 -37.31 -36.77
C SER A 528 -19.55 -36.28 -37.91
N GLN A 529 -19.82 -35.00 -37.61
CA GLN A 529 -19.96 -33.96 -38.63
C GLN A 529 -18.73 -33.08 -38.65
N LYS A 530 -17.86 -33.36 -39.62
CA LYS A 530 -16.52 -32.77 -39.61
C LYS A 530 -16.55 -31.29 -40.00
N ASP A 531 -17.70 -30.79 -40.47
CA ASP A 531 -17.87 -29.34 -40.75
C ASP A 531 -18.72 -28.59 -39.70
N ARG A 532 -18.95 -29.19 -38.53
CA ARG A 532 -19.79 -28.59 -37.51
C ARG A 532 -19.01 -28.38 -36.19
N GLY A 533 -19.74 -27.88 -35.18
CA GLY A 533 -19.15 -27.37 -33.96
C GLY A 533 -19.23 -28.29 -32.75
N GLY A 534 -19.22 -29.61 -32.95
CA GLY A 534 -19.20 -30.53 -31.81
C GLY A 534 -17.89 -30.54 -31.04
N ALA A 535 -17.86 -31.32 -29.96
CA ALA A 535 -16.71 -31.32 -29.04
C ALA A 535 -15.53 -32.14 -29.53
N TRP A 536 -14.73 -31.51 -30.37
CA TRP A 536 -13.53 -32.11 -30.92
C TRP A 536 -12.77 -30.96 -31.57
N SER A 537 -11.45 -31.07 -31.58
CA SER A 537 -10.50 -30.04 -32.03
C SER A 537 -10.63 -28.84 -31.06
N PHE A 538 -10.14 -27.67 -31.50
CA PHE A 538 -10.13 -26.47 -30.68
C PHE A 538 -11.23 -25.51 -31.18
N ASN A 539 -12.33 -25.45 -30.42
CA ASN A 539 -13.49 -24.57 -30.69
C ASN A 539 -13.20 -23.12 -30.27
N SER A 540 -12.69 -22.33 -31.21
CA SER A 540 -12.15 -20.99 -30.93
C SER A 540 -13.22 -19.87 -30.74
N GLU A 541 -14.48 -20.16 -31.12
CA GLU A 541 -15.62 -19.24 -30.92
C GLU A 541 -16.95 -19.89 -31.32
N THR A 542 -17.70 -20.37 -30.33
CA THR A 542 -19.01 -20.90 -30.57
C THR A 542 -20.00 -20.72 -29.39
N SER A 543 -21.29 -20.54 -29.69
CA SER A 543 -22.39 -20.62 -28.71
C SER A 543 -23.72 -20.99 -29.41
N ALA A 544 -24.80 -21.05 -28.60
CA ALA A 544 -26.17 -21.30 -29.07
C ALA A 544 -26.95 -19.99 -29.15
N GLY A 545 -26.20 -18.88 -29.19
CA GLY A 545 -26.74 -17.57 -29.61
C GLY A 545 -27.34 -16.72 -28.52
N VAL A 546 -28.67 -16.61 -28.52
CA VAL A 546 -29.44 -15.74 -27.62
C VAL A 546 -29.27 -16.09 -26.14
N ASP A 547 -29.08 -15.05 -25.33
CA ASP A 547 -28.76 -15.18 -23.91
C ASP A 547 -29.51 -14.03 -23.26
N ILE A 548 -30.80 -14.23 -23.02
CA ILE A 548 -31.62 -13.20 -22.37
C ILE A 548 -31.12 -12.95 -20.96
N PRO A 549 -30.83 -11.66 -20.64
CA PRO A 549 -30.38 -11.36 -19.29
C PRO A 549 -31.50 -11.41 -18.25
N THR A 550 -31.12 -11.22 -16.99
CA THR A 550 -32.05 -11.16 -15.88
C THR A 550 -33.10 -10.10 -16.15
N MET A 551 -34.28 -10.29 -15.54
CA MET A 551 -35.36 -9.29 -15.60
C MET A 551 -34.85 -7.90 -15.11
N ASP A 552 -34.03 -7.86 -14.07
CA ASP A 552 -33.51 -6.57 -13.58
C ASP A 552 -32.75 -5.78 -14.66
N THR A 553 -31.89 -6.50 -15.40
CA THR A 553 -31.17 -5.93 -16.52
C THR A 553 -32.08 -5.59 -17.70
N LEU A 554 -32.99 -6.51 -18.03
CA LEU A 554 -33.96 -6.27 -19.12
C LEU A 554 -34.65 -4.90 -18.96
N LYS A 555 -35.06 -4.59 -17.71
CA LYS A 555 -35.89 -3.42 -17.47
C LYS A 555 -35.05 -2.13 -17.55
N ARG A 556 -33.74 -2.30 -17.43
CA ARG A 556 -32.78 -1.21 -17.58
C ARG A 556 -32.39 -0.92 -19.03
N MET A 557 -32.53 -1.91 -19.92
CA MET A 557 -32.07 -1.80 -21.33
C MET A 557 -33.14 -1.65 -22.41
N MET A 558 -34.40 -1.96 -22.06
CA MET A 558 -35.46 -2.01 -23.05
C MET A 558 -36.72 -1.44 -22.47
N SER A 559 -37.54 -0.85 -23.34
CA SER A 559 -38.79 -0.27 -22.90
C SER A 559 -39.85 -1.37 -22.74
N ALA A 560 -40.90 -1.06 -21.99
CA ALA A 560 -42.07 -1.94 -21.89
C ALA A 560 -42.48 -2.52 -23.27
N SER A 561 -42.56 -1.66 -24.29
CA SER A 561 -43.05 -2.10 -25.58
C SER A 561 -42.04 -3.00 -26.31
N GLU A 562 -40.75 -2.67 -26.16
CA GLU A 562 -39.70 -3.53 -26.72
C GLU A 562 -39.70 -4.93 -26.07
N LEU A 563 -39.84 -4.98 -24.76
CA LEU A 563 -39.94 -6.27 -24.05
C LEU A 563 -41.16 -7.08 -24.45
N ASP A 564 -42.28 -6.39 -24.70
CA ASP A 564 -43.52 -7.02 -25.14
C ASP A 564 -43.39 -7.70 -26.48
N THR A 565 -42.80 -7.01 -27.46
CA THR A 565 -42.45 -7.60 -28.75
C THR A 565 -41.52 -8.81 -28.60
N MET A 566 -40.54 -8.71 -27.68
CA MET A 566 -39.56 -9.77 -27.50
C MET A 566 -40.21 -11.13 -27.26
N TRP A 567 -41.15 -11.21 -26.33
CA TRP A 567 -41.76 -12.51 -26.04
C TRP A 567 -42.94 -12.85 -26.95
N LYS A 568 -43.68 -11.84 -27.39
CA LYS A 568 -44.81 -12.10 -28.31
C LYS A 568 -44.35 -12.42 -29.73
N ASN A 569 -43.30 -11.75 -30.20
CA ASN A 569 -42.79 -11.95 -31.55
C ASN A 569 -41.25 -12.05 -31.64
N PRO A 570 -40.69 -13.20 -31.20
CA PRO A 570 -39.20 -13.31 -31.23
C PRO A 570 -38.62 -13.05 -32.61
N SER A 571 -39.47 -13.18 -33.63
CA SER A 571 -39.08 -12.90 -35.01
C SER A 571 -38.79 -11.44 -35.32
N ALA A 572 -39.37 -10.50 -34.55
CA ALA A 572 -39.08 -9.08 -34.72
C ALA A 572 -37.60 -8.76 -34.41
N LYS A 573 -37.01 -7.85 -35.21
CA LYS A 573 -35.65 -7.35 -34.94
C LYS A 573 -35.55 -6.68 -33.58
N GLN A 574 -34.43 -6.94 -32.90
CA GLN A 574 -34.14 -6.34 -31.62
C GLN A 574 -32.84 -5.53 -31.75
N TYR A 575 -32.90 -4.23 -31.48
CA TYR A 575 -31.73 -3.34 -31.64
C TYR A 575 -30.59 -3.86 -30.72
N HIS A 576 -30.98 -4.39 -29.56
CA HIS A 576 -29.97 -4.86 -28.60
C HIS A 576 -29.53 -6.32 -28.82
N ARG A 577 -29.84 -6.86 -29.99
CA ARG A 577 -29.06 -8.03 -30.41
C ARG A 577 -27.90 -7.61 -31.33
N SER A 578 -28.08 -7.66 -32.66
CA SER A 578 -26.97 -7.39 -33.59
C SER A 578 -27.38 -6.51 -34.77
N SER A 579 -26.44 -5.72 -35.28
CA SER A 579 -26.61 -5.03 -36.57
C SER A 579 -26.63 -6.01 -37.78
N SER A 580 -26.13 -7.23 -37.58
CA SER A 580 -26.17 -8.28 -38.62
C SER A 580 -27.59 -8.69 -38.94
N ASP A 581 -27.90 -8.78 -40.21
CA ASP A 581 -29.20 -9.35 -40.60
C ASP A 581 -29.46 -10.76 -40.03
N THR A 582 -28.43 -11.61 -40.14
CA THR A 582 -28.52 -12.99 -39.65
C THR A 582 -28.86 -13.04 -38.15
N PHE A 583 -28.33 -12.11 -37.34
CA PHE A 583 -28.56 -12.17 -35.88
C PHE A 583 -29.34 -10.98 -35.41
N GLY A 584 -30.24 -10.50 -36.27
CA GLY A 584 -31.00 -9.29 -35.99
C GLY A 584 -32.19 -9.50 -35.08
N ASN A 585 -32.62 -10.75 -34.96
CA ASN A 585 -33.88 -11.08 -34.25
C ASN A 585 -33.62 -12.32 -33.39
N LEU A 586 -34.68 -12.82 -32.71
CA LEU A 586 -34.54 -14.00 -31.84
C LEU A 586 -35.35 -15.22 -32.33
N LYS A 587 -35.53 -15.36 -33.64
CA LYS A 587 -36.49 -16.32 -34.16
C LYS A 587 -36.15 -17.77 -33.82
N LEU A 588 -34.91 -18.19 -34.14
CA LEU A 588 -34.44 -19.56 -33.88
C LEU A 588 -34.56 -19.90 -32.41
N PHE A 589 -34.22 -18.93 -31.56
CA PHE A 589 -34.29 -19.11 -30.15
C PHE A 589 -35.75 -19.24 -29.69
N GLY A 590 -36.58 -18.27 -30.06
CA GLY A 590 -38.01 -18.28 -29.73
C GLY A 590 -38.75 -19.54 -30.19
N ASP A 591 -38.47 -19.98 -31.44
CA ASP A 591 -39.13 -21.20 -31.99
C ASP A 591 -38.77 -22.43 -31.12
N ALA A 592 -37.50 -22.54 -30.77
CA ALA A 592 -37.01 -23.66 -29.97
C ALA A 592 -37.55 -23.62 -28.54
N LEU A 593 -37.64 -22.42 -27.98
CA LEU A 593 -38.14 -22.27 -26.63
C LEU A 593 -39.57 -22.72 -26.55
N THR A 594 -40.39 -22.24 -27.50
CA THR A 594 -41.78 -22.66 -27.61
C THR A 594 -41.87 -24.15 -27.84
N LYS A 595 -41.16 -24.68 -28.83
CA LYS A 595 -41.23 -26.14 -29.09
C LYS A 595 -40.86 -26.97 -27.86
N ARG A 596 -39.83 -26.53 -27.15
CA ARG A 596 -39.23 -27.37 -26.17
C ARG A 596 -39.56 -27.21 -24.67
N TYR A 597 -39.56 -25.99 -24.15
CA TYR A 597 -40.44 -25.47 -23.09
C TYR A 597 -41.94 -25.25 -23.08
N GLY A 598 -42.57 -25.13 -24.24
CA GLY A 598 -43.96 -24.73 -24.27
C GLY A 598 -44.08 -23.22 -24.50
N ALA A 599 -45.13 -22.83 -25.22
CA ALA A 599 -45.46 -21.43 -25.51
C ALA A 599 -45.44 -20.58 -24.25
N SER A 600 -44.94 -19.35 -24.40
CA SER A 600 -44.85 -18.38 -23.33
C SER A 600 -46.18 -17.71 -23.09
N ALA A 601 -46.62 -17.68 -21.83
CA ALA A 601 -47.91 -17.12 -21.47
C ALA A 601 -47.86 -15.59 -21.22
N ASN A 602 -46.64 -15.08 -20.98
CA ASN A 602 -46.40 -13.67 -20.71
C ASN A 602 -44.87 -13.47 -20.68
N LEU A 603 -44.45 -12.23 -20.45
CA LEU A 603 -43.02 -11.90 -20.35
C LEU A 603 -42.26 -12.67 -19.28
N ASN A 604 -42.83 -12.76 -18.08
CA ASN A 604 -42.19 -13.54 -16.97
C ASN A 604 -41.96 -15.01 -17.36
N ASP A 605 -42.97 -15.60 -18.01
CA ASP A 605 -42.86 -16.97 -18.54
C ASP A 605 -41.74 -17.10 -19.58
N PHE A 606 -41.71 -16.19 -20.54
CA PHE A 606 -40.63 -16.22 -21.55
C PHE A 606 -39.22 -16.16 -20.86
N VAL A 607 -39.05 -15.21 -19.96
CA VAL A 607 -37.78 -15.02 -19.25
C VAL A 607 -37.36 -16.25 -18.38
N ARG A 608 -38.27 -16.77 -17.54
CA ARG A 608 -37.93 -17.95 -16.72
C ARG A 608 -37.48 -19.18 -17.59
N LYS A 609 -38.17 -19.34 -18.73
CA LYS A 609 -37.89 -20.41 -19.67
C LYS A 609 -36.61 -20.16 -20.42
N ALA A 610 -36.37 -18.92 -20.84
CA ALA A 610 -35.07 -18.51 -21.41
C ALA A 610 -33.95 -18.90 -20.45
N GLN A 611 -34.11 -18.63 -19.16
CA GLN A 611 -33.00 -18.94 -18.24
C GLN A 611 -32.70 -20.45 -18.17
N LEU A 612 -33.74 -21.28 -18.09
CA LEU A 612 -33.49 -22.75 -18.15
C LEU A 612 -32.83 -23.16 -19.46
N SER A 613 -33.33 -22.64 -20.59
CA SER A 613 -32.80 -23.05 -21.88
C SER A 613 -31.32 -22.69 -21.99
N GLN A 614 -30.98 -21.51 -21.45
CA GLN A 614 -29.59 -21.00 -21.51
C GLN A 614 -28.69 -21.78 -20.55
N TYR A 615 -29.17 -22.02 -19.34
CA TYR A 615 -28.40 -22.89 -18.38
C TYR A 615 -28.18 -24.29 -18.98
N GLU A 616 -29.25 -24.91 -19.48
CA GLU A 616 -29.16 -26.24 -20.09
C GLU A 616 -28.15 -26.26 -21.23
N ASN A 617 -28.23 -25.28 -22.11
CA ASN A 617 -27.40 -25.28 -23.30
C ASN A 617 -25.90 -25.03 -23.03
N VAL A 618 -25.61 -23.94 -22.30
CA VAL A 618 -24.23 -23.56 -21.98
C VAL A 618 -23.55 -24.68 -21.19
N ARG A 619 -24.31 -25.26 -20.26
CA ARG A 619 -23.80 -26.40 -19.47
C ARG A 619 -23.37 -27.54 -20.41
N ALA A 620 -24.25 -27.95 -21.32
CA ALA A 620 -23.94 -29.03 -22.26
C ALA A 620 -22.74 -28.68 -23.14
N GLU A 621 -22.67 -27.43 -23.58
CA GLU A 621 -21.58 -26.98 -24.45
C GLU A 621 -20.21 -27.21 -23.75
N PHE A 622 -20.08 -26.74 -22.52
CA PHE A 622 -18.85 -26.95 -21.76
C PHE A 622 -18.57 -28.45 -21.41
N GLU A 623 -19.60 -29.10 -20.90
CA GLU A 623 -19.49 -30.45 -20.36
C GLU A 623 -19.06 -31.44 -21.45
N SER A 624 -19.63 -31.31 -22.63
CA SER A 624 -19.22 -32.14 -23.80
C SER A 624 -17.73 -31.96 -24.12
N HIS A 625 -17.26 -30.72 -24.07
CA HIS A 625 -15.83 -30.44 -24.31
C HIS A 625 -14.92 -30.96 -23.18
N SER A 626 -15.37 -30.87 -21.93
CA SER A 626 -14.58 -31.40 -20.82
C SER A 626 -14.46 -32.95 -20.99
N ARG A 627 -15.58 -33.55 -21.38
CA ARG A 627 -15.64 -35.03 -21.50
C ARG A 627 -14.71 -35.54 -22.58
N ASN A 628 -14.77 -34.90 -23.75
CA ASN A 628 -14.04 -35.41 -24.93
C ASN A 628 -12.57 -35.00 -24.99
N TYR A 629 -12.12 -34.24 -23.97
CA TYR A 629 -10.75 -33.76 -23.85
C TYR A 629 -9.73 -34.89 -23.83
N THR A 630 -10.11 -35.99 -23.16
CA THR A 630 -9.24 -37.16 -23.01
C THR A 630 -9.57 -38.35 -23.96
N ASP A 631 -10.34 -38.08 -25.03
CA ASP A 631 -10.53 -39.05 -26.10
C ASP A 631 -9.19 -39.38 -26.80
N SER A 632 -9.03 -40.65 -27.16
CA SER A 632 -7.80 -41.08 -27.88
C SER A 632 -7.72 -40.46 -29.24
N THR A 633 -8.86 -40.29 -29.90
CA THR A 633 -8.87 -39.76 -31.26
C THR A 633 -9.69 -38.49 -31.29
N ASN A 634 -9.20 -37.48 -32.00
CA ASN A 634 -9.93 -36.23 -32.18
C ASN A 634 -10.53 -35.72 -30.88
N PRO A 635 -9.68 -35.56 -29.84
CA PRO A 635 -10.22 -35.01 -28.60
C PRO A 635 -10.59 -33.53 -28.78
N SER A 636 -11.46 -33.02 -27.91
CA SER A 636 -11.63 -31.54 -27.78
C SER A 636 -10.36 -31.03 -27.04
N THR A 637 -9.75 -29.98 -27.53
CA THR A 637 -8.55 -29.40 -26.92
C THR A 637 -8.80 -27.93 -26.52
N GLY A 638 -9.96 -27.38 -26.90
CA GLY A 638 -10.30 -26.07 -26.42
C GLY A 638 -11.72 -25.68 -26.68
N LEU A 639 -12.25 -24.78 -25.82
CA LEU A 639 -13.57 -24.18 -26.03
C LEU A 639 -13.57 -22.71 -25.64
N ILE A 640 -13.95 -21.83 -26.58
CA ILE A 640 -14.12 -20.40 -26.29
C ILE A 640 -15.57 -20.13 -26.57
N TYR A 641 -16.32 -19.95 -25.51
CA TYR A 641 -17.74 -19.59 -25.59
C TYR A 641 -17.89 -18.22 -26.28
N TRP A 642 -18.83 -18.12 -27.21
CA TRP A 642 -19.11 -16.83 -27.88
C TRP A 642 -20.38 -16.19 -27.25
N MET A 643 -20.26 -15.24 -26.31
CA MET A 643 -18.99 -14.63 -25.83
C MET A 643 -19.05 -14.61 -24.30
N LEU A 644 -17.92 -14.38 -23.65
CA LEU A 644 -17.91 -14.17 -22.19
C LEU A 644 -18.87 -13.07 -21.75
N ASN A 645 -18.84 -11.98 -22.52
CA ASN A 645 -19.53 -10.78 -22.16
C ASN A 645 -19.78 -9.98 -23.43
N SER A 646 -20.53 -8.90 -23.29
CA SER A 646 -21.01 -8.05 -24.40
C SER A 646 -20.39 -6.65 -24.25
N PRO A 647 -20.19 -5.92 -25.38
CA PRO A 647 -19.70 -4.54 -25.29
C PRO A 647 -20.78 -3.61 -24.69
N TRP A 648 -22.02 -4.08 -24.61
CA TRP A 648 -23.12 -3.23 -24.11
C TRP A 648 -24.25 -4.08 -23.56
N THR A 649 -25.40 -3.47 -23.29
CA THR A 649 -26.59 -4.22 -22.90
C THR A 649 -27.08 -5.02 -24.09
N SER A 650 -27.17 -6.36 -23.93
CA SER A 650 -27.38 -7.26 -25.06
C SER A 650 -28.36 -8.37 -24.79
N LEU A 651 -28.85 -8.99 -25.87
CA LEU A 651 -29.69 -10.14 -25.80
C LEU A 651 -28.97 -11.44 -26.24
N HIS A 652 -27.69 -11.35 -26.61
CA HIS A 652 -26.99 -12.57 -27.09
C HIS A 652 -25.52 -12.63 -26.68
N TRP A 653 -24.92 -13.81 -26.88
CA TRP A 653 -23.48 -14.02 -26.86
C TRP A 653 -22.87 -13.43 -25.59
N GLN A 654 -23.37 -13.86 -24.44
CA GLN A 654 -22.81 -13.41 -23.19
C GLN A 654 -23.02 -14.42 -22.10
N LEU A 655 -22.11 -14.42 -21.13
CA LEU A 655 -22.33 -15.15 -19.89
C LEU A 655 -22.80 -14.21 -18.78
N PHE A 656 -22.02 -13.14 -18.52
CA PHE A 656 -22.46 -12.07 -17.65
C PHE A 656 -22.83 -10.88 -18.54
N ASP A 657 -23.85 -10.13 -18.13
CA ASP A 657 -24.33 -8.95 -18.90
C ASP A 657 -23.54 -7.66 -18.55
N ALA A 658 -23.86 -6.58 -19.24
CA ALA A 658 -23.12 -5.31 -19.14
C ALA A 658 -23.15 -4.71 -17.73
N TYR A 659 -24.19 -5.01 -16.95
CA TYR A 659 -24.22 -4.63 -15.51
C TYR A 659 -23.60 -5.63 -14.49
N MET A 660 -22.96 -6.67 -15.00
CA MET A 660 -22.36 -7.77 -14.20
C MET A 660 -23.40 -8.64 -13.47
N ASP A 661 -24.66 -8.58 -13.92
CA ASP A 661 -25.64 -9.53 -13.40
C ASP A 661 -25.42 -10.95 -13.97
N GLN A 662 -26.05 -11.93 -13.35
CA GLN A 662 -25.73 -13.36 -13.56
C GLN A 662 -27.05 -14.07 -13.76
N ASN A 663 -27.22 -14.64 -14.95
CA ASN A 663 -28.44 -15.31 -15.40
C ASN A 663 -28.25 -16.83 -15.58
N GLY A 664 -29.18 -17.51 -16.28
CA GLY A 664 -29.07 -18.98 -16.47
C GLY A 664 -27.82 -19.41 -17.25
N ALA A 665 -27.40 -18.59 -18.21
CA ALA A 665 -26.19 -18.87 -19.00
C ALA A 665 -24.96 -18.82 -18.05
N TYR A 666 -24.90 -17.76 -17.23
CA TYR A 666 -23.82 -17.59 -16.25
C TYR A 666 -23.73 -18.85 -15.34
N TYR A 667 -24.86 -19.17 -14.71
CA TYR A 667 -24.96 -20.30 -13.78
C TYR A 667 -24.70 -21.66 -14.43
N GLY A 668 -25.13 -21.82 -15.68
CA GLY A 668 -24.88 -23.04 -16.41
C GLY A 668 -23.40 -23.25 -16.70
N ALA A 669 -22.72 -22.18 -17.16
CA ALA A 669 -21.28 -22.23 -17.35
C ALA A 669 -20.57 -22.56 -16.00
N LYS A 670 -20.97 -21.89 -14.92
CA LYS A 670 -20.37 -22.07 -13.58
C LYS A 670 -20.55 -23.55 -13.15
N LYS A 671 -21.75 -24.08 -13.35
CA LYS A 671 -22.06 -25.48 -13.05
C LYS A 671 -21.08 -26.38 -13.82
N ALA A 672 -20.93 -26.17 -15.13
CA ALA A 672 -20.17 -27.12 -15.94
C ALA A 672 -18.66 -27.12 -15.55
N ASN A 673 -18.19 -25.97 -15.04
CA ASN A 673 -16.77 -25.77 -14.85
C ASN A 673 -16.32 -25.92 -13.41
N GLU A 674 -17.13 -26.61 -12.61
CA GLU A 674 -16.77 -26.87 -11.18
C GLU A 674 -15.47 -27.67 -11.14
N PRO A 675 -14.62 -27.42 -10.12
CA PRO A 675 -13.30 -28.11 -10.12
C PRO A 675 -13.39 -29.64 -9.92
N LEU A 676 -14.39 -30.11 -9.20
CA LEU A 676 -14.67 -31.56 -9.08
C LEU A 676 -16.13 -31.71 -9.40
N HIS A 677 -16.42 -32.32 -10.54
CA HIS A 677 -17.72 -32.14 -11.15
C HIS A 677 -18.31 -33.43 -11.61
N ILE A 678 -19.62 -33.54 -11.47
CA ILE A 678 -20.33 -34.69 -12.04
C ILE A 678 -21.34 -34.15 -13.08
N GLN A 679 -21.48 -34.91 -14.16
CA GLN A 679 -22.28 -34.50 -15.27
C GLN A 679 -22.93 -35.69 -15.99
N TYR A 680 -23.97 -35.35 -16.75
CA TYR A 680 -24.76 -36.33 -17.52
C TYR A 680 -24.59 -36.07 -19.02
N SER A 681 -24.29 -37.12 -19.78
CA SER A 681 -23.98 -37.02 -21.20
C SER A 681 -25.31 -37.06 -22.01
N HIS A 682 -25.64 -35.96 -22.67
CA HIS A 682 -26.87 -35.96 -23.49
C HIS A 682 -26.89 -36.96 -24.66
N ASP A 683 -25.72 -37.40 -25.13
CA ASP A 683 -25.68 -38.31 -26.29
C ASP A 683 -26.01 -39.76 -25.88
N ASN A 684 -25.33 -40.26 -24.85
CA ASN A 684 -25.30 -41.67 -24.53
C ASN A 684 -25.72 -42.02 -23.09
N ARG A 685 -26.09 -41.00 -22.33
CA ARG A 685 -26.61 -41.16 -20.97
C ARG A 685 -25.56 -41.61 -19.93
N SER A 686 -24.28 -41.46 -20.23
CA SER A 686 -23.19 -41.80 -19.27
C SER A 686 -23.04 -40.67 -18.26
N VAL A 687 -22.88 -41.09 -17.00
CA VAL A 687 -22.58 -40.20 -15.90
C VAL A 687 -21.06 -40.19 -15.75
N VAL A 688 -20.49 -38.98 -15.84
CA VAL A 688 -19.08 -38.80 -15.97
C VAL A 688 -18.61 -37.82 -14.86
N VAL A 689 -17.47 -38.16 -14.25
CA VAL A 689 -16.82 -37.28 -13.27
C VAL A 689 -15.59 -36.62 -13.92
N ILE A 690 -15.48 -35.30 -13.75
CA ILE A 690 -14.34 -34.53 -14.25
C ILE A 690 -13.62 -33.88 -13.06
N ASN A 691 -12.28 -34.05 -13.05
CA ASN A 691 -11.45 -33.43 -12.05
C ASN A 691 -10.58 -32.37 -12.74
N GLN A 692 -10.93 -31.11 -12.51
CA GLN A 692 -10.18 -29.95 -13.05
C GLN A 692 -8.94 -29.60 -12.25
N THR A 693 -8.85 -30.15 -11.05
CA THR A 693 -7.81 -29.73 -10.09
C THR A 693 -6.42 -30.25 -10.42
N SER A 694 -5.43 -29.68 -9.75
CA SER A 694 -4.07 -30.09 -10.01
C SER A 694 -3.69 -31.47 -9.40
N ASN A 695 -4.58 -32.10 -8.63
CA ASN A 695 -4.25 -33.41 -8.02
C ASN A 695 -5.27 -34.49 -8.30
N ALA A 696 -4.77 -35.71 -8.52
CA ALA A 696 -5.64 -36.86 -8.67
C ALA A 696 -6.45 -37.04 -7.40
N VAL A 697 -7.68 -37.51 -7.55
CA VAL A 697 -8.62 -37.66 -6.43
C VAL A 697 -9.14 -39.09 -6.43
N SER A 698 -9.25 -39.68 -5.24
CA SER A 698 -9.73 -41.08 -5.06
C SER A 698 -10.84 -41.16 -4.09
N GLY A 699 -11.51 -42.31 -4.08
CA GLY A 699 -12.57 -42.64 -3.10
C GLY A 699 -13.82 -41.82 -3.28
N LEU A 700 -14.09 -41.39 -4.52
CA LEU A 700 -15.32 -40.63 -4.77
C LEU A 700 -16.50 -41.57 -4.96
N THR A 701 -17.67 -41.18 -4.47
CA THR A 701 -18.90 -41.85 -4.93
C THR A 701 -19.81 -40.96 -5.81
N ALA A 702 -20.29 -41.58 -6.87
CA ALA A 702 -21.23 -40.95 -7.78
C ALA A 702 -22.59 -41.61 -7.65
N THR A 703 -23.58 -40.80 -7.29
CA THR A 703 -24.93 -41.26 -7.07
C THR A 703 -25.84 -40.58 -8.06
N THR A 704 -26.48 -41.40 -8.88
CA THR A 704 -27.45 -40.97 -9.84
C THR A 704 -28.89 -41.53 -9.63
N LYS A 705 -29.83 -40.58 -9.58
CA LYS A 705 -31.24 -40.80 -9.30
C LYS A 705 -32.12 -40.10 -10.32
N LEU A 706 -33.07 -40.84 -10.86
CA LEU A 706 -34.10 -40.25 -11.74
C LEU A 706 -35.40 -40.09 -10.97
N TYR A 707 -36.11 -39.00 -11.21
CA TYR A 707 -37.42 -38.74 -10.60
C TYR A 707 -38.41 -38.31 -11.67
N ASN A 708 -39.62 -38.83 -11.63
CA ASN A 708 -40.71 -38.20 -12.36
C ASN A 708 -41.04 -36.85 -11.71
N LEU A 709 -41.79 -36.02 -12.43
CA LEU A 709 -42.17 -34.69 -11.91
C LEU A 709 -43.09 -34.73 -10.70
N ASP A 710 -43.65 -35.91 -10.39
CA ASP A 710 -44.43 -36.04 -9.20
C ASP A 710 -43.58 -36.37 -7.97
N GLY A 711 -42.28 -36.57 -8.19
CA GLY A 711 -41.35 -36.78 -7.08
C GLY A 711 -40.98 -38.24 -6.92
N THR A 712 -41.65 -39.12 -7.67
CA THR A 712 -41.36 -40.55 -7.58
C THR A 712 -39.95 -40.86 -8.09
N GLU A 713 -39.15 -41.50 -7.23
CA GLU A 713 -37.86 -42.03 -7.70
C GLU A 713 -38.08 -43.22 -8.64
N LYS A 714 -37.44 -43.20 -9.80
CA LYS A 714 -37.61 -44.24 -10.83
C LYS A 714 -36.34 -45.03 -11.10
N TYR A 715 -35.21 -44.54 -10.60
CA TYR A 715 -33.91 -45.19 -10.85
C TYR A 715 -32.95 -44.65 -9.78
N SER A 716 -32.03 -45.52 -9.34
CA SER A 716 -30.95 -45.15 -8.42
C SER A 716 -29.75 -46.02 -8.68
N ASN A 717 -28.59 -45.37 -8.71
CA ASN A 717 -27.32 -46.04 -8.86
C ASN A 717 -26.30 -45.34 -7.98
N THR A 718 -25.53 -46.14 -7.27
CA THR A 718 -24.48 -45.62 -6.40
C THR A 718 -23.19 -46.29 -6.74
N LYS A 719 -22.27 -45.51 -7.29
CA LYS A 719 -21.01 -46.02 -7.74
C LYS A 719 -19.93 -45.48 -6.79
N THR A 720 -19.41 -46.36 -5.95
CA THR A 720 -18.39 -45.98 -4.98
C THR A 720 -17.00 -46.22 -5.54
N GLY A 721 -16.00 -45.77 -4.77
CA GLY A 721 -14.59 -45.97 -5.09
C GLY A 721 -14.06 -45.45 -6.41
N LEU A 722 -14.54 -44.30 -6.87
CA LEU A 722 -14.05 -43.73 -8.16
C LEU A 722 -12.78 -42.91 -7.96
N SER A 723 -11.83 -43.11 -8.85
CA SER A 723 -10.60 -42.31 -8.93
C SER A 723 -10.59 -41.51 -10.21
N VAL A 724 -10.02 -40.30 -10.17
CA VAL A 724 -9.95 -39.51 -11.37
C VAL A 724 -8.69 -38.65 -11.36
N GLY A 725 -7.99 -38.64 -12.50
CA GLY A 725 -6.72 -37.99 -12.64
C GLY A 725 -6.87 -36.49 -12.65
N ALA A 726 -5.75 -35.80 -12.56
CA ALA A 726 -5.70 -34.34 -12.47
C ALA A 726 -5.92 -33.63 -13.83
N LEU A 727 -6.24 -32.32 -13.75
CA LEU A 727 -6.21 -31.38 -14.88
C LEU A 727 -7.10 -31.75 -16.07
N GLY A 728 -8.33 -32.16 -15.78
CA GLY A 728 -9.29 -32.45 -16.84
C GLY A 728 -9.59 -33.92 -17.15
N ALA A 729 -8.92 -34.84 -16.47
CA ALA A 729 -9.21 -36.27 -16.66
C ALA A 729 -10.59 -36.60 -16.13
N LYS A 730 -11.07 -37.80 -16.50
CA LYS A 730 -12.44 -38.20 -16.23
C LYS A 730 -12.54 -39.67 -15.80
N ALA A 731 -13.72 -40.02 -15.30
CA ALA A 731 -14.06 -41.39 -14.97
C ALA A 731 -15.56 -41.53 -15.23
N THR A 732 -15.99 -42.67 -15.79
CA THR A 732 -17.41 -42.93 -15.98
C THR A 732 -17.95 -43.66 -14.79
N ALA A 733 -19.03 -43.14 -14.24
CA ALA A 733 -19.70 -43.75 -13.11
C ALA A 733 -20.60 -44.90 -13.59
N VAL A 734 -21.47 -44.62 -14.55
CA VAL A 734 -22.53 -45.54 -14.96
C VAL A 734 -23.10 -44.98 -16.28
N THR A 735 -23.72 -45.86 -17.07
CA THR A 735 -24.55 -45.45 -18.19
C THR A 735 -26.01 -45.68 -17.73
N VAL A 736 -26.78 -44.61 -17.60
CA VAL A 736 -28.19 -44.75 -17.18
C VAL A 736 -28.94 -45.59 -18.24
N PRO A 737 -29.62 -46.68 -17.83
CA PRO A 737 -30.37 -47.48 -18.80
C PRO A 737 -31.67 -46.79 -19.23
N ALA A 738 -32.28 -47.29 -20.29
CA ALA A 738 -33.62 -46.85 -20.65
C ALA A 738 -34.61 -47.29 -19.55
N VAL A 739 -34.98 -46.37 -18.69
CA VAL A 739 -35.84 -46.69 -17.58
C VAL A 739 -37.30 -46.55 -18.05
N SER A 740 -38.18 -47.46 -17.60
CA SER A 740 -39.59 -47.43 -17.99
C SER A 740 -40.43 -46.63 -17.01
N GLY A 741 -41.58 -46.14 -17.47
CA GLY A 741 -42.48 -45.38 -16.61
C GLY A 741 -42.06 -43.94 -16.27
N LEU A 742 -41.07 -43.37 -16.98
CA LEU A 742 -40.70 -41.95 -16.77
C LEU A 742 -41.78 -41.03 -17.32
N SER A 743 -42.08 -39.96 -16.58
CA SER A 743 -42.87 -38.85 -17.14
C SER A 743 -42.12 -38.23 -18.34
N THR A 744 -42.86 -37.62 -19.28
CA THR A 744 -42.29 -37.10 -20.54
C THR A 744 -41.13 -36.15 -20.32
N THR A 745 -41.32 -35.28 -19.32
CA THR A 745 -40.24 -34.48 -18.71
C THR A 745 -39.98 -35.11 -17.36
N TYR A 746 -38.70 -35.35 -17.07
CA TYR A 746 -38.32 -35.93 -15.79
C TYR A 746 -37.00 -35.30 -15.32
N LEU A 747 -36.55 -35.65 -14.12
CA LEU A 747 -35.35 -35.09 -13.51
C LEU A 747 -34.32 -36.15 -13.27
N ALA A 748 -33.05 -35.81 -13.55
CA ALA A 748 -31.89 -36.62 -13.17
C ALA A 748 -31.09 -35.78 -12.16
N LYS A 749 -31.00 -36.32 -10.94
CA LYS A 749 -30.21 -35.71 -9.87
C LYS A 749 -28.90 -36.48 -9.71
N ASN A 750 -27.78 -35.83 -10.08
CA ASN A 750 -26.43 -36.43 -9.99
C ASN A 750 -25.70 -35.80 -8.81
N VAL A 751 -25.08 -36.62 -7.97
CA VAL A 751 -24.42 -36.08 -6.77
C VAL A 751 -23.10 -36.79 -6.61
N LEU A 752 -22.06 -35.97 -6.41
CA LEU A 752 -20.73 -36.48 -6.16
C LEU A 752 -20.32 -36.17 -4.70
N THR A 753 -19.83 -37.20 -4.03
CA THR A 753 -19.41 -37.09 -2.63
C THR A 753 -17.97 -37.56 -2.56
N ASP A 754 -17.16 -36.87 -1.77
CA ASP A 754 -15.79 -37.30 -1.59
C ASP A 754 -15.68 -38.38 -0.48
N SER A 755 -14.46 -38.88 -0.26
CA SER A 755 -14.23 -39.99 0.68
C SER A 755 -14.56 -39.65 2.15
N SER A 756 -14.59 -38.36 2.48
CA SER A 756 -15.01 -37.88 3.78
C SER A 756 -16.56 -37.89 3.91
N GLY A 757 -17.24 -38.10 2.77
CA GLY A 757 -18.70 -38.00 2.66
C GLY A 757 -19.26 -36.63 2.27
N LYS A 758 -18.40 -35.61 2.19
CA LYS A 758 -18.84 -34.27 1.76
C LYS A 758 -19.42 -34.26 0.32
N GLU A 759 -20.55 -33.57 0.12
CA GLU A 759 -21.07 -33.40 -1.22
C GLU A 759 -20.21 -32.36 -1.92
N VAL A 760 -19.50 -32.78 -2.95
CA VAL A 760 -18.63 -31.82 -3.70
C VAL A 760 -19.23 -31.28 -5.02
N SER A 761 -20.23 -31.98 -5.57
CA SER A 761 -20.87 -31.49 -6.80
C SER A 761 -22.28 -32.00 -6.82
N ARG A 762 -23.23 -31.13 -7.13
CA ARG A 762 -24.61 -31.55 -7.36
C ARG A 762 -24.98 -31.07 -8.76
N ASN A 763 -25.68 -31.88 -9.54
CA ASN A 763 -26.05 -31.41 -10.89
C ASN A 763 -27.35 -32.01 -11.27
N VAL A 764 -28.36 -31.15 -11.45
CA VAL A 764 -29.73 -31.58 -11.73
C VAL A 764 -30.11 -31.24 -13.19
N TYR A 765 -30.54 -32.26 -13.94
CA TYR A 765 -30.97 -32.10 -15.30
C TYR A 765 -32.49 -32.29 -15.43
N TRP A 766 -33.07 -31.42 -16.23
CA TRP A 766 -34.44 -31.62 -16.69
C TRP A 766 -34.31 -32.24 -18.09
N LEU A 767 -34.94 -33.43 -18.24
CA LEU A 767 -34.69 -34.27 -19.40
C LEU A 767 -36.03 -34.66 -20.01
N SER A 768 -36.03 -35.09 -21.27
CA SER A 768 -37.27 -35.59 -21.91
C SER A 768 -37.15 -37.04 -22.44
N THR A 769 -38.23 -37.83 -22.33
CA THR A 769 -38.30 -39.10 -23.08
C THR A 769 -38.32 -38.89 -24.61
N LYS A 770 -38.54 -37.66 -25.06
CA LYS A 770 -38.56 -37.32 -26.48
C LYS A 770 -37.19 -36.69 -26.86
N ALA A 771 -36.47 -37.27 -27.82
CA ALA A 771 -35.13 -36.75 -28.18
C ALA A 771 -35.15 -35.47 -29.04
N ASP A 772 -34.24 -34.54 -28.74
CA ASP A 772 -33.85 -33.52 -29.74
C ASP A 772 -33.05 -34.28 -30.79
N THR A 773 -33.29 -33.99 -32.08
CA THR A 773 -32.46 -34.58 -33.14
C THR A 773 -32.21 -33.52 -34.17
N LEU A 774 -31.06 -33.64 -34.87
CA LEU A 774 -30.64 -32.62 -35.83
C LEU A 774 -30.99 -32.94 -37.29
N ASN A 775 -31.53 -31.96 -38.00
CA ASN A 775 -31.52 -32.05 -39.46
C ASN A 775 -30.15 -31.54 -39.97
N TRP A 776 -29.15 -32.41 -39.99
CA TRP A 776 -27.78 -32.04 -40.35
C TRP A 776 -27.66 -31.46 -41.76
N GLY A 777 -28.47 -32.02 -42.68
CA GLY A 777 -28.46 -31.59 -44.09
C GLY A 777 -29.03 -30.19 -44.29
N GLY A 778 -29.83 -29.70 -43.33
CA GLY A 778 -30.25 -28.30 -43.30
C GLY A 778 -29.27 -27.33 -42.66
N SER A 779 -28.10 -27.80 -42.25
CA SER A 779 -27.10 -26.90 -41.61
C SER A 779 -26.74 -25.69 -42.46
N ASP A 780 -26.64 -24.53 -41.79
CA ASP A 780 -25.96 -23.37 -42.36
C ASP A 780 -24.69 -23.04 -41.56
N TRP A 781 -23.97 -21.99 -41.95
CA TRP A 781 -22.70 -21.70 -41.31
C TRP A 781 -22.83 -21.40 -39.81
N TYR A 782 -24.01 -20.94 -39.38
CA TYR A 782 -24.20 -20.48 -38.00
C TYR A 782 -25.10 -21.36 -37.12
N TYR A 783 -25.67 -22.43 -37.68
CA TYR A 783 -26.55 -23.28 -36.89
C TYR A 783 -26.92 -24.52 -37.68
N THR A 784 -27.52 -25.47 -36.98
CA THR A 784 -28.13 -26.67 -37.56
C THR A 784 -29.57 -26.78 -37.06
N PRO A 785 -30.56 -26.85 -37.99
CA PRO A 785 -31.96 -26.93 -37.58
C PRO A 785 -32.27 -28.29 -37.01
N GLN A 786 -33.37 -28.39 -36.27
CA GLN A 786 -33.76 -29.64 -35.62
C GLN A 786 -34.82 -30.37 -36.44
N SER A 787 -34.73 -31.71 -36.47
CA SER A 787 -35.82 -32.49 -37.10
C SER A 787 -36.88 -32.95 -36.11
N ALA A 788 -36.54 -32.85 -34.82
CA ALA A 788 -37.46 -33.14 -33.73
C ALA A 788 -36.92 -32.49 -32.47
N PHE A 789 -37.84 -32.22 -31.55
CA PHE A 789 -37.61 -31.38 -30.40
C PHE A 789 -37.92 -32.13 -29.15
N ALA A 790 -37.02 -32.06 -28.16
CA ALA A 790 -37.31 -32.58 -26.83
C ALA A 790 -38.55 -31.91 -26.25
N ASP A 791 -39.25 -32.63 -25.38
CA ASP A 791 -40.40 -32.05 -24.74
C ASP A 791 -40.12 -31.88 -23.23
N LEU A 792 -39.74 -30.66 -22.86
CA LEU A 792 -39.49 -30.28 -21.46
C LEU A 792 -40.67 -29.52 -20.87
N SER A 793 -41.80 -29.52 -21.57
CA SER A 793 -42.95 -28.67 -21.18
C SER A 793 -43.65 -29.13 -19.88
N GLY A 794 -43.32 -30.32 -19.40
CA GLY A 794 -43.88 -30.81 -18.16
C GLY A 794 -43.50 -29.94 -16.99
N LEU A 795 -42.36 -29.24 -17.11
CA LEU A 795 -41.96 -28.25 -16.09
C LEU A 795 -43.04 -27.15 -15.80
N ASN A 796 -43.86 -26.82 -16.80
CA ASN A 796 -44.97 -25.88 -16.60
C ASN A 796 -45.93 -26.30 -15.47
N ASN A 797 -46.06 -27.61 -15.29
CA ASN A 797 -46.99 -28.17 -14.31
C ASN A 797 -46.34 -28.88 -13.13
N LEU A 798 -45.03 -28.69 -12.95
CA LEU A 798 -44.34 -29.15 -11.76
C LEU A 798 -44.99 -28.51 -10.55
N GLY A 799 -45.39 -29.32 -9.55
CA GLY A 799 -46.13 -28.80 -8.39
C GLY A 799 -45.25 -27.85 -7.55
N GLN A 800 -45.89 -26.98 -6.78
CA GLN A 800 -45.17 -26.05 -5.85
C GLN A 800 -44.45 -26.79 -4.73
N SER A 801 -43.27 -26.30 -4.38
CA SER A 801 -42.52 -26.82 -3.24
C SER A 801 -42.34 -25.61 -2.32
N ALA A 802 -41.41 -25.67 -1.37
CA ALA A 802 -41.18 -24.53 -0.49
C ALA A 802 -39.72 -24.47 -0.06
N VAL A 803 -39.22 -23.24 0.17
CA VAL A 803 -37.92 -22.95 0.77
C VAL A 803 -38.19 -21.77 1.75
N GLY A 804 -37.76 -21.72 3.01
CA GLY A 804 -36.66 -22.35 3.63
C GLY A 804 -35.45 -21.44 3.80
N ALA A 805 -35.57 -20.15 4.11
CA ALA A 805 -34.35 -19.27 4.05
C ALA A 805 -33.92 -18.44 5.27
N THR A 806 -32.64 -18.55 5.64
CA THR A 806 -31.99 -17.69 6.66
C THR A 806 -30.69 -17.05 6.10
N ALA A 807 -30.45 -15.76 6.37
CA ALA A 807 -29.22 -15.07 5.89
C ALA A 807 -28.55 -14.15 6.93
N ASN A 808 -27.23 -14.11 6.89
CA ASN A 808 -26.43 -13.22 7.74
C ASN A 808 -25.20 -12.73 6.96
N SER A 809 -24.69 -11.56 7.35
CA SER A 809 -23.59 -10.91 6.64
C SER A 809 -22.45 -10.50 7.59
N VAL A 810 -21.21 -10.54 7.09
CA VAL A 810 -20.05 -10.06 7.85
C VAL A 810 -19.32 -9.06 6.96
N ALA A 811 -19.22 -7.81 7.42
CA ALA A 811 -18.42 -6.80 6.74
C ALA A 811 -16.97 -6.98 7.16
N GLY A 812 -16.08 -7.29 6.22
CA GLY A 812 -14.68 -7.57 6.56
C GLY A 812 -13.77 -6.34 6.54
N ALA A 813 -12.58 -6.50 7.09
CA ALA A 813 -11.59 -5.43 7.17
C ALA A 813 -10.96 -5.20 5.80
N ASP A 814 -11.19 -6.13 4.87
CA ASP A 814 -10.71 -5.95 3.49
C ASP A 814 -11.66 -5.16 2.56
N GLY A 815 -12.70 -4.53 3.12
CA GLY A 815 -13.71 -3.78 2.31
C GLY A 815 -14.75 -4.67 1.58
N THR A 816 -14.73 -5.97 1.86
CA THR A 816 -15.74 -6.89 1.33
C THR A 816 -16.73 -7.34 2.42
N THR A 817 -17.96 -7.61 2.00
CA THR A 817 -18.94 -8.26 2.86
C THR A 817 -19.17 -9.66 2.29
N THR A 818 -19.27 -10.65 3.17
CA THR A 818 -19.71 -11.97 2.80
C THR A 818 -21.10 -12.17 3.43
N THR A 819 -22.07 -12.49 2.57
CA THR A 819 -23.42 -12.85 2.98
C THR A 819 -23.55 -14.37 2.86
N THR A 820 -23.97 -15.01 3.94
CA THR A 820 -24.20 -16.46 3.95
C THR A 820 -25.69 -16.71 4.02
N VAL A 821 -26.17 -17.60 3.14
CA VAL A 821 -27.61 -17.91 3.09
C VAL A 821 -27.78 -19.42 3.29
N THR A 822 -28.67 -19.76 4.22
CA THR A 822 -28.98 -21.17 4.45
C THR A 822 -30.40 -21.42 3.90
N LEU A 823 -30.48 -22.30 2.91
CA LEU A 823 -31.70 -22.63 2.24
C LEU A 823 -32.09 -24.08 2.57
N LYS A 824 -33.39 -24.29 2.82
CA LYS A 824 -33.88 -25.65 3.11
C LYS A 824 -35.17 -25.89 2.38
N ASN A 825 -35.33 -27.06 1.77
CA ASN A 825 -36.62 -27.45 1.20
C ASN A 825 -37.52 -27.84 2.39
N THR A 826 -38.48 -26.98 2.70
CA THR A 826 -39.37 -27.16 3.84
C THR A 826 -40.73 -27.77 3.48
N SER A 827 -40.90 -28.24 2.25
CA SER A 827 -42.18 -28.79 1.79
C SER A 827 -42.57 -30.11 2.52
N GLY A 828 -43.88 -30.40 2.58
CA GLY A 828 -44.35 -31.61 3.23
C GLY A 828 -44.49 -32.87 2.37
N GLY A 829 -44.30 -32.73 1.05
CA GLY A 829 -44.48 -33.82 0.08
C GLY A 829 -43.18 -34.39 -0.47
N ARG A 830 -43.20 -34.75 -1.74
CA ARG A 830 -42.08 -35.41 -2.39
C ARG A 830 -41.42 -34.48 -3.41
N LEU A 831 -41.92 -33.25 -3.54
CA LEU A 831 -41.42 -32.39 -4.62
C LEU A 831 -40.14 -31.61 -4.29
N PRO A 832 -39.16 -31.64 -5.20
CA PRO A 832 -37.95 -30.82 -5.02
C PRO A 832 -38.26 -29.34 -5.19
N ALA A 833 -37.43 -28.51 -4.54
CA ALA A 833 -37.46 -27.07 -4.80
C ALA A 833 -36.46 -26.90 -5.96
N PHE A 834 -36.97 -26.52 -7.12
CA PHE A 834 -36.24 -26.64 -8.37
C PHE A 834 -35.77 -25.26 -8.84
N TYR A 835 -34.47 -25.15 -9.10
CA TYR A 835 -33.90 -23.96 -9.71
C TYR A 835 -34.18 -22.72 -8.84
N VAL A 836 -33.57 -22.72 -7.65
CA VAL A 836 -33.69 -21.66 -6.67
C VAL A 836 -32.51 -20.69 -6.80
N ASP A 837 -32.84 -19.47 -7.21
CA ASP A 837 -31.89 -18.40 -7.49
C ASP A 837 -31.91 -17.40 -6.33
N SER A 838 -30.73 -17.23 -5.69
CA SER A 838 -30.53 -16.26 -4.62
C SER A 838 -29.81 -15.01 -5.13
N LYS A 839 -30.36 -13.84 -4.81
CA LYS A 839 -29.72 -12.60 -5.20
C LYS A 839 -29.49 -11.68 -4.03
N VAL A 840 -28.26 -11.17 -3.88
CA VAL A 840 -28.01 -10.10 -2.89
C VAL A 840 -28.66 -8.82 -3.45
N VAL A 841 -29.51 -8.16 -2.65
CA VAL A 841 -30.24 -6.98 -3.11
C VAL A 841 -30.13 -5.90 -2.00
N ASP A 842 -30.38 -4.64 -2.33
CA ASP A 842 -30.43 -3.62 -1.28
C ASP A 842 -31.86 -3.58 -0.72
N SER A 843 -32.13 -2.61 0.14
CA SER A 843 -33.47 -2.36 0.69
C SER A 843 -34.55 -2.05 -0.36
N ALA A 844 -34.16 -1.55 -1.54
CA ALA A 844 -35.13 -1.35 -2.63
C ALA A 844 -35.34 -2.56 -3.56
N GLY A 845 -34.67 -3.69 -3.24
CA GLY A 845 -34.75 -4.88 -4.07
C GLY A 845 -33.87 -4.85 -5.32
N LYS A 846 -32.92 -3.92 -5.38
CA LYS A 846 -32.01 -3.82 -6.52
C LYS A 846 -30.80 -4.73 -6.29
N PRO A 847 -30.42 -5.53 -7.31
CA PRO A 847 -29.22 -6.41 -7.22
C PRO A 847 -27.95 -5.61 -6.86
N VAL A 848 -27.20 -6.13 -5.89
CA VAL A 848 -25.88 -5.58 -5.53
C VAL A 848 -24.86 -6.29 -6.47
N LEU A 849 -24.21 -5.51 -7.33
CA LEU A 849 -23.29 -6.05 -8.34
C LEU A 849 -22.00 -5.22 -8.42
N PRO A 850 -20.85 -5.84 -8.78
CA PRO A 850 -20.68 -7.29 -8.98
C PRO A 850 -20.82 -8.13 -7.69
N VAL A 851 -21.02 -9.43 -7.87
CA VAL A 851 -21.23 -10.36 -6.76
C VAL A 851 -20.60 -11.68 -7.15
N GLU A 852 -20.10 -12.42 -6.15
CA GLU A 852 -19.56 -13.75 -6.41
C GLU A 852 -20.10 -14.74 -5.40
N TRP A 853 -20.89 -15.68 -5.92
CA TRP A 853 -21.43 -16.80 -5.17
C TRP A 853 -20.53 -18.01 -5.28
N ASN A 854 -20.50 -18.83 -4.22
CA ASN A 854 -19.82 -20.13 -4.32
C ASN A 854 -20.62 -21.10 -5.20
N ASP A 855 -21.97 -20.99 -5.13
CA ASP A 855 -22.92 -21.83 -5.85
C ASP A 855 -24.23 -21.02 -5.89
N ASN A 856 -25.15 -21.35 -6.81
CA ASN A 856 -26.43 -20.70 -6.91
C ASN A 856 -27.27 -21.53 -7.87
N ALA A 857 -28.51 -21.09 -8.13
CA ALA A 857 -29.42 -21.81 -9.03
C ALA A 857 -29.50 -23.29 -8.61
N VAL A 858 -29.74 -23.51 -7.32
CA VAL A 858 -29.66 -24.84 -6.67
C VAL A 858 -31.01 -25.59 -6.70
N SER A 859 -30.96 -26.91 -6.53
CA SER A 859 -32.18 -27.72 -6.44
C SER A 859 -32.04 -28.61 -5.20
N LEU A 860 -33.10 -28.62 -4.40
CA LEU A 860 -33.09 -29.24 -3.07
C LEU A 860 -34.29 -30.12 -2.94
N TRP A 861 -34.05 -31.38 -2.57
CA TRP A 861 -35.13 -32.33 -2.28
C TRP A 861 -35.68 -32.09 -0.86
N PRO A 862 -36.90 -32.60 -0.57
CA PRO A 862 -37.49 -32.30 0.76
C PRO A 862 -36.59 -32.54 1.99
N GLY A 863 -36.55 -31.56 2.88
CA GLY A 863 -35.67 -31.66 4.08
C GLY A 863 -34.18 -31.37 3.85
N GLU A 864 -33.74 -31.27 2.59
CA GLU A 864 -32.32 -30.93 2.29
C GLU A 864 -32.00 -29.46 2.47
N THR A 865 -30.74 -29.20 2.84
CA THR A 865 -30.25 -27.87 3.17
C THR A 865 -28.97 -27.59 2.38
N THR A 866 -28.81 -26.34 1.95
CA THR A 866 -27.51 -25.92 1.46
C THR A 866 -27.17 -24.55 2.05
N THR A 867 -25.88 -24.30 2.23
CA THR A 867 -25.42 -23.00 2.68
C THR A 867 -24.63 -22.37 1.55
N LEU A 868 -25.06 -21.18 1.16
CA LEU A 868 -24.42 -20.46 0.07
C LEU A 868 -23.79 -19.19 0.58
N THR A 869 -22.80 -18.72 -0.16
CA THR A 869 -21.93 -17.67 0.31
C THR A 869 -21.77 -16.72 -0.90
N ALA A 870 -22.07 -15.43 -0.71
CA ALA A 870 -21.91 -14.37 -1.73
C ALA A 870 -20.95 -13.34 -1.18
N LYS A 871 -20.01 -12.92 -2.01
CA LYS A 871 -19.04 -11.89 -1.61
C LYS A 871 -19.05 -10.69 -2.58
N TYR A 872 -18.99 -9.48 -2.02
CA TYR A 872 -19.10 -8.26 -2.82
C TYR A 872 -18.50 -7.13 -2.00
N ARG A 873 -18.26 -6.00 -2.65
CA ARG A 873 -17.68 -4.84 -1.96
C ARG A 873 -18.78 -4.23 -1.09
N THR A 874 -18.51 -4.12 0.20
CA THR A 874 -19.41 -3.42 1.14
C THR A 874 -19.89 -2.07 0.57
N ALA A 875 -18.98 -1.34 -0.10
CA ALA A 875 -19.30 -0.03 -0.70
C ALA A 875 -20.41 -0.08 -1.76
N ASP A 876 -20.56 -1.23 -2.43
CA ASP A 876 -21.56 -1.39 -3.48
C ASP A 876 -23.01 -1.53 -2.95
N LEU A 877 -23.14 -1.74 -1.64
CA LEU A 877 -24.43 -1.64 -0.94
C LEU A 877 -24.96 -0.21 -0.87
N LYS A 878 -24.05 0.74 -1.01
CA LYS A 878 -24.32 2.19 -0.98
C LYS A 878 -25.08 2.62 0.29
N GLY A 879 -24.71 2.01 1.42
CA GLY A 879 -25.30 2.35 2.68
C GLY A 879 -26.48 1.49 3.10
N SER A 880 -26.99 0.66 2.20
CA SER A 880 -28.15 -0.15 2.49
C SER A 880 -27.71 -1.36 3.29
N LYS A 881 -28.60 -1.86 4.13
CA LYS A 881 -28.37 -3.17 4.74
C LYS A 881 -28.58 -4.19 3.61
N PRO A 882 -27.89 -5.34 3.67
CA PRO A 882 -28.16 -6.29 2.59
C PRO A 882 -29.37 -7.18 2.89
N SER A 883 -30.12 -7.57 1.84
CA SER A 883 -31.12 -8.63 1.90
C SER A 883 -30.81 -9.63 0.78
N VAL A 884 -31.55 -10.75 0.78
CA VAL A 884 -31.40 -11.80 -0.24
C VAL A 884 -32.77 -12.14 -0.83
N ARG A 885 -32.92 -11.85 -2.12
CA ARG A 885 -34.11 -12.24 -2.89
C ARG A 885 -33.94 -13.71 -3.35
N ILE A 886 -34.94 -14.55 -3.04
CA ILE A 886 -34.87 -15.97 -3.36
C ILE A 886 -36.09 -16.33 -4.20
N SER A 887 -35.82 -16.77 -5.42
CA SER A 887 -36.87 -17.13 -6.39
C SER A 887 -36.55 -18.50 -6.93
N GLY A 888 -37.54 -19.39 -6.86
CA GLY A 888 -37.41 -20.73 -7.44
C GLY A 888 -38.42 -20.95 -8.54
N TRP A 889 -38.10 -21.83 -9.48
CA TRP A 889 -39.04 -22.18 -10.53
C TRP A 889 -40.41 -22.52 -9.94
N ASN A 890 -40.42 -23.38 -8.92
CA ASN A 890 -41.67 -23.85 -8.30
C ASN A 890 -41.77 -23.50 -6.82
N THR A 891 -41.09 -22.42 -6.41
CA THR A 891 -41.14 -22.00 -5.01
C THR A 891 -41.52 -20.55 -4.79
N GLY A 892 -41.90 -19.84 -5.85
CA GLY A 892 -42.24 -18.42 -5.67
C GLY A 892 -41.02 -17.54 -5.43
N THR A 893 -41.29 -16.33 -4.91
CA THR A 893 -40.23 -15.39 -4.54
C THR A 893 -40.43 -14.82 -3.14
N GLN A 894 -39.33 -14.73 -2.39
CA GLN A 894 -39.34 -14.13 -1.06
C GLN A 894 -38.08 -13.30 -0.91
N THR A 895 -38.08 -12.27 -0.08
CA THR A 895 -36.81 -11.75 0.39
C THR A 895 -36.66 -11.77 1.91
N VAL A 896 -35.48 -12.14 2.36
CA VAL A 896 -35.15 -12.24 3.77
C VAL A 896 -34.05 -11.24 4.07
N PRO A 897 -34.02 -10.71 5.33
CA PRO A 897 -32.95 -9.76 5.64
C PRO A 897 -31.66 -10.54 5.81
N ALA A 898 -30.54 -9.95 5.44
CA ALA A 898 -29.24 -10.62 5.61
C ALA A 898 -28.37 -9.82 6.57
N ASP A 899 -28.92 -8.94 7.25
N LEU B 42 7.23 -22.27 20.60
CA LEU B 42 6.18 -21.39 21.17
C LEU B 42 4.86 -22.13 21.38
N SER B 43 4.50 -22.37 22.64
CA SER B 43 3.20 -22.96 22.96
C SER B 43 2.16 -21.87 23.23
N VAL B 44 0.97 -22.05 22.65
CA VAL B 44 -0.14 -21.14 22.96
C VAL B 44 -1.19 -21.85 23.81
N GLY B 45 -1.43 -21.26 24.99
CA GLY B 45 -2.35 -21.83 26.00
C GLY B 45 -3.73 -22.02 25.41
N ALA B 46 -4.45 -23.01 25.94
CA ALA B 46 -5.78 -23.34 25.48
C ALA B 46 -6.86 -22.34 25.92
N ALA B 47 -6.54 -21.51 26.91
CA ALA B 47 -7.55 -20.74 27.67
C ALA B 47 -7.95 -19.41 27.03
N ALA B 48 -9.26 -19.20 26.97
CA ALA B 48 -9.88 -17.94 26.56
C ALA B 48 -9.38 -16.70 27.36
N GLY B 49 -9.16 -15.58 26.66
CA GLY B 49 -8.72 -14.33 27.26
C GLY B 49 -7.24 -14.17 27.49
N ASN B 50 -6.44 -14.82 26.65
CA ASN B 50 -4.98 -14.87 26.77
C ASN B 50 -4.39 -14.30 25.46
N ALA B 51 -3.28 -13.57 25.56
CA ALA B 51 -2.54 -13.10 24.39
C ALA B 51 -1.07 -13.44 24.63
N THR B 52 -0.44 -14.12 23.67
CA THR B 52 0.96 -14.48 23.81
C THR B 52 1.80 -13.96 22.66
N PRO B 53 2.82 -13.11 22.98
CA PRO B 53 3.62 -12.61 21.84
C PRO B 53 4.49 -13.72 21.25
N ILE B 54 4.67 -13.64 19.95
CA ILE B 54 5.61 -14.50 19.24
C ILE B 54 7.02 -13.99 19.55
N PRO B 55 7.85 -14.83 20.21
CA PRO B 55 9.15 -14.32 20.71
C PRO B 55 10.26 -14.18 19.67
N GLY B 56 10.08 -14.77 18.49
CA GLY B 56 11.15 -14.83 17.52
C GLY B 56 10.66 -15.52 16.26
N TYR B 57 11.48 -15.42 15.21
CA TYR B 57 11.17 -15.98 13.90
C TYR B 57 12.44 -16.57 13.32
N VAL B 58 12.30 -17.41 12.31
CA VAL B 58 13.38 -17.56 11.33
C VAL B 58 13.02 -16.77 10.05
N ILE B 59 14.00 -16.14 9.44
CA ILE B 59 13.73 -15.34 8.22
C ILE B 59 14.66 -15.70 7.09
N GLN B 60 14.22 -15.43 5.87
CA GLN B 60 15.01 -15.67 4.68
C GLN B 60 14.37 -14.89 3.55
N SER B 61 15.20 -14.51 2.58
CA SER B 61 14.71 -13.91 1.35
C SER B 61 13.73 -14.86 0.65
N SER B 62 12.73 -14.27 0.02
CA SER B 62 11.81 -15.04 -0.78
C SER B 62 12.50 -15.63 -2.00
N ALA B 63 13.80 -15.30 -2.18
CA ALA B 63 14.66 -15.94 -3.23
C ALA B 63 14.88 -17.40 -2.97
N GLN B 64 14.78 -17.77 -1.69
CA GLN B 64 14.85 -19.19 -1.26
C GLN B 64 13.50 -19.94 -1.16
N VAL B 65 12.40 -19.33 -1.63
CA VAL B 65 11.06 -19.95 -1.62
C VAL B 65 10.38 -19.93 -3.01
N SER B 66 10.27 -21.10 -3.64
CA SER B 66 9.63 -21.22 -4.92
C SER B 66 8.10 -21.33 -4.82
N ASP B 67 7.57 -21.66 -3.64
CA ASP B 67 6.11 -21.85 -3.47
C ASP B 67 5.66 -21.21 -2.13
N ASP B 68 5.01 -20.04 -2.24
CA ASP B 68 4.56 -19.26 -1.05
C ASP B 68 3.67 -20.08 -0.12
N SER B 69 2.85 -20.98 -0.66
CA SER B 69 1.96 -21.80 0.19
C SER B 69 2.73 -22.81 1.09
N ALA B 70 3.92 -23.23 0.66
CA ALA B 70 4.73 -24.23 1.39
C ALA B 70 5.25 -23.73 2.74
N VAL B 71 5.48 -22.40 2.83
CA VAL B 71 6.27 -21.87 3.96
C VAL B 71 5.61 -22.12 5.32
N SER B 72 4.30 -21.87 5.37
CA SER B 72 3.50 -21.99 6.60
C SER B 72 2.91 -23.40 6.87
N LYS B 73 3.24 -24.37 6.03
CA LYS B 73 2.92 -25.78 6.35
C LYS B 73 3.91 -26.31 7.39
N PRO B 74 3.42 -26.84 8.54
CA PRO B 74 4.32 -27.44 9.54
C PRO B 74 5.24 -28.47 8.86
N GLY B 75 6.52 -28.39 9.17
CA GLY B 75 7.55 -29.28 8.59
C GLY B 75 8.32 -28.67 7.44
N PHE B 76 7.88 -27.50 6.96
CA PHE B 76 8.66 -26.79 5.92
C PHE B 76 10.10 -26.65 6.38
N PRO B 77 11.09 -27.14 5.57
CA PRO B 77 12.51 -27.04 5.98
C PRO B 77 13.01 -25.57 5.95
N THR B 78 13.73 -25.18 6.99
CA THR B 78 14.23 -23.79 7.11
C THR B 78 15.74 -23.76 7.30
N SER B 79 16.42 -24.68 6.65
CA SER B 79 17.84 -24.78 6.84
C SER B 79 18.57 -23.59 6.17
N GLY B 80 19.45 -22.95 6.96
CA GLY B 80 20.14 -21.75 6.50
C GLY B 80 19.33 -20.47 6.80
N TRP B 81 18.11 -20.61 7.33
CA TRP B 81 17.30 -19.41 7.69
C TRP B 81 17.85 -18.74 8.95
N TYR B 82 17.60 -17.43 9.10
CA TYR B 82 18.22 -16.67 10.19
C TYR B 82 17.30 -16.50 11.40
N PRO B 83 17.70 -17.04 12.57
CA PRO B 83 16.84 -16.80 13.75
C PRO B 83 16.97 -15.34 14.21
N VAL B 84 15.82 -14.70 14.41
CA VAL B 84 15.79 -13.32 14.89
C VAL B 84 14.83 -13.19 16.04
N SER B 85 15.03 -12.17 16.88
CA SER B 85 14.04 -11.84 17.90
C SER B 85 12.84 -11.15 17.28
N SER B 86 11.80 -11.08 18.09
CA SER B 86 10.67 -10.21 17.79
C SER B 86 11.13 -8.76 17.53
N ARG B 87 10.34 -8.02 16.74
CA ARG B 87 10.57 -6.61 16.49
C ARG B 87 11.83 -6.31 15.64
N SER B 88 12.17 -7.24 14.75
CA SER B 88 13.37 -7.13 13.91
C SER B 88 13.05 -6.71 12.51
N THR B 89 13.69 -5.64 12.03
CA THR B 89 13.81 -5.43 10.60
C THR B 89 14.77 -6.53 10.06
N VAL B 90 14.74 -6.75 8.75
CA VAL B 90 15.57 -7.78 8.13
C VAL B 90 17.05 -7.56 8.39
N TYR B 91 17.51 -6.33 8.17
CA TYR B 91 18.91 -5.98 8.39
C TYR B 91 19.33 -6.09 9.84
N ALA B 92 18.47 -5.68 10.78
CA ALA B 92 18.75 -5.90 12.20
C ALA B 92 18.88 -7.40 12.50
N GLY B 93 17.99 -8.22 11.94
CA GLY B 93 18.12 -9.67 12.06
C GLY B 93 19.44 -10.23 11.53
N LEU B 94 19.87 -9.72 10.37
CA LEU B 94 21.13 -10.15 9.73
C LEU B 94 22.31 -9.73 10.61
N LEU B 95 22.19 -8.53 11.21
CA LEU B 95 23.17 -8.07 12.19
C LEU B 95 23.18 -8.94 13.46
N GLN B 96 22.03 -9.33 13.99
CA GLN B 96 21.96 -10.31 15.09
C GLN B 96 22.72 -11.61 14.80
N ASN B 97 22.81 -11.96 13.54
CA ASN B 97 23.42 -13.21 13.11
C ASN B 97 24.85 -13.07 12.60
N GLY B 98 25.51 -11.93 12.81
CA GLY B 98 26.91 -11.95 12.45
C GLY B 98 27.35 -11.28 11.19
N LYS B 99 26.48 -10.78 10.31
CA LYS B 99 26.35 -11.26 8.97
C LYS B 99 27.08 -10.09 8.28
N TYR B 100 27.08 -8.92 8.95
CA TYR B 100 27.70 -7.69 8.41
C TYR B 100 28.42 -6.93 9.52
N ALA B 101 29.40 -6.13 9.12
CA ALA B 101 30.18 -5.33 10.07
C ALA B 101 29.25 -4.26 10.71
N ASP B 102 29.73 -3.68 11.81
CA ASP B 102 28.98 -2.66 12.57
C ASP B 102 28.70 -1.43 11.72
N PRO B 103 27.41 -1.13 11.43
CA PRO B 103 27.11 0.06 10.61
C PRO B 103 27.33 1.41 11.32
N PHE B 104 27.59 1.36 12.64
CA PHE B 104 27.90 2.57 13.45
C PHE B 104 29.35 3.07 13.23
N TYR B 105 30.15 2.25 12.56
CA TYR B 105 31.58 2.54 12.29
C TYR B 105 31.84 2.83 10.84
N SER B 106 32.34 4.04 10.60
CA SER B 106 32.87 4.46 9.29
C SER B 106 31.82 4.21 8.20
N THR B 107 32.24 3.62 7.07
CA THR B 107 31.30 3.45 5.94
C THR B 107 30.81 2.00 5.80
N ASN B 108 30.86 1.25 6.88
CA ASN B 108 30.46 -0.16 6.88
C ASN B 108 29.08 -0.37 6.25
N MET B 109 28.14 0.47 6.63
CA MET B 109 26.77 0.36 6.12
C MET B 109 26.67 0.40 4.58
N GLN B 110 27.55 1.18 3.94
CA GLN B 110 27.67 1.23 2.48
C GLN B 110 28.02 -0.09 1.79
N ASN B 111 28.68 -0.98 2.52
CA ASN B 111 29.13 -2.26 2.01
C ASN B 111 28.09 -3.40 1.96
N VAL B 112 26.90 -3.16 2.50
CA VAL B 112 25.85 -4.17 2.51
C VAL B 112 25.16 -4.14 1.15
N PRO B 113 25.17 -5.26 0.42
CA PRO B 113 24.52 -5.35 -0.90
C PRO B 113 23.02 -5.05 -0.78
N ALA B 114 22.53 -4.15 -1.63
CA ALA B 114 21.14 -3.66 -1.52
C ALA B 114 20.11 -4.50 -2.28
N ALA B 115 20.53 -5.13 -3.38
CA ALA B 115 19.58 -5.81 -4.26
C ALA B 115 18.75 -6.87 -3.50
N GLN B 116 19.35 -7.50 -2.49
CA GLN B 116 18.69 -8.58 -1.75
C GLN B 116 17.43 -8.10 -1.00
N PHE B 117 17.33 -6.80 -0.74
CA PHE B 117 16.15 -6.23 -0.08
C PHE B 117 15.12 -5.64 -1.05
N SER B 118 15.29 -5.86 -2.35
CA SER B 118 14.33 -5.43 -3.39
C SER B 118 13.23 -6.49 -3.64
N VAL B 119 13.27 -7.58 -2.88
CA VAL B 119 12.22 -8.62 -2.96
C VAL B 119 11.72 -8.90 -1.53
N PRO B 120 10.51 -9.50 -1.39
CA PRO B 120 10.07 -9.87 -0.02
C PRO B 120 10.97 -10.81 0.73
N TRP B 121 10.89 -10.69 2.05
CA TRP B 121 11.46 -11.65 2.94
C TRP B 121 10.38 -12.30 3.79
N TRP B 122 10.60 -13.57 4.07
CA TRP B 122 9.75 -14.36 4.94
C TRP B 122 10.15 -14.32 6.39
N TYR B 123 9.12 -14.16 7.23
CA TYR B 123 9.18 -14.31 8.69
C TYR B 123 8.33 -15.49 9.09
N ARG B 124 8.96 -16.50 9.71
CA ARG B 124 8.29 -17.76 9.97
C ARG B 124 8.43 -18.22 11.42
N THR B 125 7.36 -18.82 11.96
CA THR B 125 7.41 -19.45 13.27
C THR B 125 6.42 -20.63 13.35
N ASP B 126 6.75 -21.60 14.20
CA ASP B 126 5.81 -22.61 14.60
C ASP B 126 5.08 -22.13 15.84
N LEU B 127 3.95 -22.78 16.09
CA LEU B 127 3.17 -22.57 17.30
C LEU B 127 2.58 -23.91 17.68
N ASN B 128 2.65 -24.23 18.97
CA ASN B 128 2.02 -25.43 19.50
C ASN B 128 0.64 -25.09 20.07
N VAL B 129 -0.40 -25.79 19.62
CA VAL B 129 -1.76 -25.57 20.10
C VAL B 129 -2.30 -26.90 20.67
N ASP B 130 -2.32 -26.96 22.01
CA ASP B 130 -2.98 -27.96 22.90
C ASP B 130 -4.36 -28.37 22.45
N ASP B 131 -5.14 -27.35 22.13
CA ASP B 131 -6.54 -27.53 22.20
C ASP B 131 -7.15 -26.45 21.37
N THR B 132 -7.97 -26.86 20.41
CA THR B 132 -8.66 -25.92 19.54
C THR B 132 -10.06 -25.44 20.02
N SER B 133 -10.43 -25.74 21.27
CA SER B 133 -11.73 -25.30 21.79
C SER B 133 -11.89 -23.77 21.70
N SER B 134 -10.80 -23.05 22.00
CA SER B 134 -10.83 -21.59 21.95
C SER B 134 -10.60 -21.15 20.52
N ARG B 135 -11.22 -20.04 20.15
CA ARG B 135 -10.94 -19.37 18.89
C ARG B 135 -9.49 -18.81 18.91
N THR B 136 -8.94 -18.53 17.75
CA THR B 136 -7.51 -18.11 17.67
C THR B 136 -7.36 -16.93 16.73
N TYR B 137 -6.70 -15.87 17.21
CA TYR B 137 -6.52 -14.64 16.42
C TYR B 137 -5.04 -14.24 16.35
N LEU B 138 -4.65 -13.54 15.27
CA LEU B 138 -3.35 -12.87 15.27
C LEU B 138 -3.64 -11.38 15.44
N ASP B 139 -2.91 -10.75 16.37
CA ASP B 139 -3.13 -9.36 16.62
C ASP B 139 -1.73 -8.72 16.49
N PHE B 140 -1.62 -7.79 15.53
CA PHE B 140 -0.33 -7.19 15.23
C PHE B 140 -0.40 -5.88 14.47
N SER B 141 0.70 -5.13 14.51
CA SER B 141 0.91 -3.92 13.71
C SER B 141 2.41 -3.88 13.48
N GLY B 142 2.91 -2.83 12.85
CA GLY B 142 4.39 -2.69 12.71
C GLY B 142 4.97 -3.41 11.52
N VAL B 143 4.11 -3.68 10.52
CA VAL B 143 4.65 -4.32 9.33
C VAL B 143 5.06 -3.33 8.24
N LEU B 144 6.34 -3.38 7.92
CA LEU B 144 6.88 -2.48 6.88
C LEU B 144 7.34 -3.30 5.66
N SER B 145 6.79 -3.00 4.47
CA SER B 145 5.74 -1.99 4.23
C SER B 145 4.31 -2.61 4.26
N LYS B 146 4.24 -3.93 4.11
CA LYS B 146 2.97 -4.66 3.88
C LYS B 146 3.31 -6.15 3.86
N ALA B 147 2.32 -7.05 4.04
CA ALA B 147 2.60 -8.49 4.09
C ALA B 147 1.40 -9.30 3.65
N ASP B 148 1.68 -10.41 2.96
CA ASP B 148 0.75 -11.54 2.91
C ASP B 148 0.96 -12.35 4.19
N VAL B 149 -0.15 -12.87 4.75
CA VAL B 149 -0.12 -13.68 5.97
C VAL B 149 -0.69 -15.06 5.69
N TRP B 150 0.12 -16.07 6.01
CA TRP B 150 -0.17 -17.49 5.76
C TRP B 150 -0.18 -18.26 7.08
N VAL B 151 -1.13 -19.19 7.20
CA VAL B 151 -1.24 -20.05 8.37
C VAL B 151 -1.55 -21.44 7.81
N ASN B 152 -0.66 -22.39 8.03
CA ASN B 152 -0.94 -23.80 7.71
C ASN B 152 -1.23 -24.03 6.23
N GLY B 153 -0.52 -23.29 5.37
CA GLY B 153 -0.72 -23.38 3.91
C GLY B 153 -1.86 -22.56 3.33
N THR B 154 -2.57 -21.81 4.17
CA THR B 154 -3.65 -20.98 3.69
C THR B 154 -3.28 -19.50 3.84
N LYS B 155 -3.52 -18.73 2.78
CA LYS B 155 -3.30 -17.28 2.79
C LYS B 155 -4.51 -16.59 3.44
N VAL B 156 -4.35 -16.21 4.70
CA VAL B 156 -5.46 -15.64 5.47
C VAL B 156 -5.64 -14.12 5.26
N ALA B 157 -4.61 -13.45 4.72
CA ALA B 157 -4.71 -12.03 4.36
C ALA B 157 -3.65 -11.68 3.32
N THR B 158 -3.92 -10.67 2.49
CA THR B 158 -2.94 -10.20 1.46
C THR B 158 -2.33 -8.88 1.83
N LYS B 159 -1.23 -8.55 1.15
CA LYS B 159 -0.59 -7.24 1.30
C LYS B 159 -1.50 -6.05 0.95
N ASP B 160 -2.65 -6.27 0.30
CA ASP B 160 -3.58 -5.15 0.09
C ASP B 160 -4.31 -4.74 1.37
N GLN B 161 -4.51 -5.71 2.26
CA GLN B 161 -5.12 -5.48 3.57
C GLN B 161 -4.07 -5.16 4.64
N VAL B 162 -3.06 -6.01 4.73
CA VAL B 162 -2.02 -5.88 5.77
C VAL B 162 -0.91 -4.95 5.20
N ASN B 163 -1.07 -3.64 5.43
CA ASN B 163 -0.37 -2.65 4.63
C ASN B 163 -0.33 -1.36 5.45
N GLY B 164 0.85 -0.77 5.60
CA GLY B 164 1.01 0.36 6.47
C GLY B 164 1.62 -0.03 7.78
N ALA B 165 2.71 0.66 8.16
CA ALA B 165 3.39 0.33 9.41
C ALA B 165 2.50 0.41 10.66
N TYR B 166 1.53 1.32 10.65
CA TYR B 166 0.73 1.60 11.83
C TYR B 166 -0.63 0.89 11.87
N THR B 167 -1.00 0.21 10.79
CA THR B 167 -2.28 -0.49 10.79
C THR B 167 -2.22 -1.68 11.74
N ARG B 168 -3.21 -1.75 12.62
CA ARG B 168 -3.44 -2.92 13.45
C ARG B 168 -4.38 -3.94 12.76
N HIS B 169 -4.03 -5.21 12.88
CA HIS B 169 -4.79 -6.35 12.29
C HIS B 169 -5.25 -7.34 13.31
N ASP B 170 -6.50 -7.77 13.14
CA ASP B 170 -7.17 -8.67 14.06
C ASP B 170 -7.69 -9.80 13.20
N LEU B 171 -6.80 -10.75 12.93
CA LEU B 171 -7.10 -11.85 11.98
C LEU B 171 -7.57 -13.10 12.69
N ASP B 172 -8.82 -13.47 12.43
CA ASP B 172 -9.38 -14.68 13.00
C ASP B 172 -8.88 -15.91 12.20
N ILE B 173 -8.04 -16.71 12.85
CA ILE B 173 -7.42 -17.87 12.16
C ILE B 173 -7.95 -19.21 12.68
N THR B 174 -9.08 -19.15 13.38
CA THR B 174 -9.71 -20.35 13.95
C THR B 174 -9.92 -21.43 12.88
N ALA B 175 -10.42 -21.02 11.72
CA ALA B 175 -10.68 -21.94 10.59
C ALA B 175 -9.41 -22.70 10.15
N GLN B 176 -8.22 -22.11 10.34
CA GLN B 176 -6.94 -22.73 9.92
C GLN B 176 -6.19 -23.50 11.00
N VAL B 177 -6.46 -23.17 12.26
CA VAL B 177 -5.71 -23.72 13.37
C VAL B 177 -6.19 -25.15 13.75
N HIS B 178 -5.24 -26.04 14.00
CA HIS B 178 -5.53 -27.41 14.44
C HIS B 178 -4.69 -27.72 15.67
N THR B 179 -4.84 -28.92 16.24
CA THR B 179 -3.98 -29.28 17.38
C THR B 179 -2.57 -29.68 17.02
N GLY B 180 -1.64 -29.51 17.94
CA GLY B 180 -0.25 -29.84 17.63
C GLY B 180 0.51 -28.65 17.04
N VAL B 181 1.51 -28.95 16.22
CA VAL B 181 2.39 -27.94 15.61
C VAL B 181 1.61 -27.21 14.52
N ASN B 182 1.45 -25.90 14.66
CA ASN B 182 0.95 -25.09 13.55
C ASN B 182 2.11 -24.22 13.09
N SER B 183 2.03 -23.67 11.90
CA SER B 183 3.00 -22.63 11.48
C SER B 183 2.35 -21.37 10.93
N VAL B 184 3.01 -20.23 11.16
CA VAL B 184 2.54 -18.95 10.64
C VAL B 184 3.69 -18.35 9.86
N ALA B 185 3.41 -17.80 8.69
CA ALA B 185 4.43 -17.04 7.96
C ALA B 185 3.92 -15.76 7.31
N PHE B 186 4.72 -14.70 7.49
CA PHE B 186 4.50 -13.39 6.87
C PHE B 186 5.44 -13.24 5.67
N LYS B 187 4.89 -12.89 4.52
CA LYS B 187 5.73 -12.54 3.36
C LYS B 187 5.79 -11.03 3.34
N VAL B 188 6.90 -10.48 3.83
CA VAL B 188 7.01 -9.05 4.08
C VAL B 188 7.71 -8.34 2.91
N TYR B 189 7.04 -7.31 2.38
CA TYR B 189 7.40 -6.64 1.13
C TYR B 189 8.37 -5.53 1.39
N PRO B 190 9.24 -5.24 0.38
CA PRO B 190 10.18 -4.14 0.47
C PRO B 190 9.51 -2.82 0.86
N ASN B 191 10.27 -1.99 1.55
CA ASN B 191 9.78 -0.72 2.01
C ASN B 191 10.33 0.44 1.22
N ASP B 192 9.46 1.35 0.81
CA ASP B 192 9.89 2.57 0.22
C ASP B 192 9.06 3.66 0.84
N PRO B 193 9.68 4.44 1.75
CA PRO B 193 8.91 5.44 2.51
C PRO B 193 8.28 6.52 1.63
N ASN B 194 8.73 6.67 0.39
CA ASN B 194 8.10 7.66 -0.53
C ASN B 194 6.81 7.15 -1.14
N ARG B 195 6.71 5.82 -1.20
CA ARG B 195 5.58 5.12 -1.82
C ARG B 195 4.63 4.59 -0.80
N ASP B 196 5.16 4.18 0.37
CA ASP B 196 4.41 3.41 1.39
C ASP B 196 4.15 4.28 2.64
N LEU B 197 2.95 4.13 3.24
CA LEU B 197 2.65 4.83 4.49
C LEU B 197 3.35 4.05 5.65
N SER B 198 4.63 4.37 5.84
CA SER B 198 5.56 3.54 6.58
C SER B 198 6.38 4.52 7.44
N MET B 199 7.70 4.32 7.42
CA MET B 199 8.67 5.17 8.10
C MET B 199 9.84 5.35 7.14
N GLY B 200 10.38 6.58 7.05
CA GLY B 200 11.63 6.85 6.33
C GLY B 200 12.46 7.82 7.17
N TRP B 201 13.70 8.04 6.75
CA TRP B 201 14.64 8.78 7.60
C TRP B 201 14.91 10.23 7.17
N ILE B 202 14.09 10.74 6.26
CA ILE B 202 14.10 12.19 5.93
C ILE B 202 15.58 12.57 5.62
N ASP B 203 16.21 13.47 6.40
CA ASP B 203 17.66 13.72 6.20
C ASP B 203 18.49 13.54 7.48
N TRP B 204 17.93 12.78 8.43
CA TRP B 204 18.53 12.67 9.75
C TRP B 204 19.85 11.91 9.75
N ALA B 205 20.02 10.96 8.83
CA ALA B 205 21.13 10.03 8.87
C ALA B 205 21.53 9.55 7.45
N GLN B 206 21.68 8.24 7.32
CA GLN B 206 21.86 7.57 6.05
C GLN B 206 20.80 6.47 5.92
N THR B 207 20.54 6.03 4.69
CA THR B 207 19.42 5.11 4.46
C THR B 207 19.79 3.70 4.89
N PRO B 208 18.94 3.06 5.74
CA PRO B 208 19.21 1.63 6.06
C PRO B 208 19.24 0.77 4.79
N PRO B 209 20.15 -0.24 4.71
CA PRO B 209 20.22 -0.99 3.44
C PRO B 209 18.90 -1.68 3.05
N ASP B 210 18.10 -2.08 4.06
CA ASP B 210 16.84 -2.76 3.79
C ASP B 210 15.61 -1.82 3.88
N GLN B 211 15.86 -0.51 4.00
CA GLN B 211 14.81 0.47 4.27
C GLN B 211 13.86 -0.02 5.42
N ASN B 212 14.42 -0.69 6.42
CA ASN B 212 13.64 -1.17 7.60
C ASN B 212 12.49 -2.16 7.30
N MET B 213 12.57 -2.89 6.18
CA MET B 213 11.49 -3.88 5.92
C MET B 213 11.51 -4.92 7.03
N GLY B 214 10.33 -5.38 7.43
CA GLY B 214 10.25 -6.38 8.52
C GLY B 214 9.05 -6.08 9.41
N ILE B 215 9.11 -6.58 10.65
CA ILE B 215 7.97 -6.50 11.58
C ILE B 215 8.57 -5.96 12.88
N VAL B 216 8.25 -4.71 13.22
CA VAL B 216 9.03 -3.97 14.24
C VAL B 216 8.25 -3.86 15.56
N ARG B 217 7.08 -4.51 15.64
CA ARG B 217 6.31 -4.62 16.88
C ARG B 217 5.93 -6.10 17.05
N ASP B 218 5.41 -6.48 18.21
CA ASP B 218 5.04 -7.88 18.42
C ASP B 218 3.84 -8.36 17.58
N VAL B 219 3.86 -9.65 17.24
CA VAL B 219 2.66 -10.36 16.77
C VAL B 219 2.18 -11.14 17.97
N LEU B 220 0.91 -10.96 18.30
CA LEU B 220 0.30 -11.68 19.40
C LEU B 220 -0.63 -12.76 18.90
N VAL B 221 -0.57 -13.91 19.55
CA VAL B 221 -1.55 -14.95 19.29
C VAL B 221 -2.52 -14.88 20.46
N ARG B 222 -3.79 -14.55 20.16
CA ARG B 222 -4.80 -14.41 21.18
C ARG B 222 -5.79 -15.56 21.13
N ARG B 223 -6.31 -15.96 22.30
CA ARG B 223 -7.37 -16.98 22.36
C ARG B 223 -8.60 -16.40 23.08
N SER B 224 -9.78 -16.75 22.59
CA SER B 224 -11.00 -16.39 23.26
C SER B 224 -12.09 -17.39 22.87
N GLY B 225 -13.27 -17.28 23.48
CA GLY B 225 -14.37 -18.23 23.27
C GLY B 225 -15.29 -17.68 22.22
N ALA B 226 -16.59 -17.74 22.46
CA ALA B 226 -17.55 -17.22 21.48
C ALA B 226 -17.43 -15.73 21.20
N VAL B 227 -17.01 -14.99 22.24
CA VAL B 227 -17.01 -13.51 22.21
C VAL B 227 -15.58 -12.94 22.37
N ALA B 228 -15.22 -12.08 21.42
CA ALA B 228 -13.96 -11.34 21.43
C ALA B 228 -14.16 -9.97 22.06
N LEU B 229 -13.28 -9.63 23.01
CA LEU B 229 -13.26 -8.31 23.63
C LEU B 229 -12.20 -7.44 22.92
N ARG B 230 -12.58 -6.22 22.53
CA ARG B 230 -11.66 -5.41 21.71
C ARG B 230 -11.79 -3.89 22.04
N SER B 231 -10.66 -3.16 21.93
CA SER B 231 -10.64 -1.71 22.03
C SER B 231 -11.27 -1.17 23.34
N ALA B 232 -10.96 -1.82 24.46
CA ALA B 232 -11.42 -1.37 25.78
C ALA B 232 -10.61 -0.12 26.17
N HIS B 233 -11.28 0.89 26.69
CA HIS B 233 -10.61 2.14 27.02
C HIS B 233 -11.44 2.94 28.00
N VAL B 234 -10.85 3.99 28.55
CA VAL B 234 -11.49 4.80 29.58
C VAL B 234 -11.46 6.27 29.19
N ILE B 235 -12.63 6.83 28.89
CA ILE B 235 -12.77 8.26 28.75
C ILE B 235 -12.76 8.84 30.15
N GLN B 236 -11.92 9.85 30.34
CA GLN B 236 -11.58 10.35 31.66
C GLN B 236 -11.71 11.88 31.57
N LYS B 237 -12.56 12.45 32.43
CA LYS B 237 -12.74 13.92 32.47
C LYS B 237 -12.57 14.45 33.90
N LEU B 238 -11.66 15.39 34.08
CA LEU B 238 -11.36 15.94 35.41
C LEU B 238 -11.94 17.35 35.49
N ASN B 239 -12.54 17.72 36.62
CA ASN B 239 -13.01 19.08 36.80
C ASN B 239 -11.83 20.09 36.95
N SER B 240 -12.09 21.38 36.79
CA SER B 240 -10.99 22.35 36.83
C SER B 240 -10.34 22.39 38.19
N ALA B 241 -11.07 22.01 39.26
CA ALA B 241 -10.49 21.93 40.63
C ALA B 241 -9.54 20.73 40.81
N LEU B 242 -9.63 19.78 39.89
CA LEU B 242 -8.77 18.56 39.88
C LEU B 242 -9.10 17.61 41.04
N ASP B 243 -10.28 17.77 41.68
CA ASP B 243 -10.63 16.91 42.81
C ASP B 243 -11.81 15.99 42.49
N HIS B 244 -12.30 16.00 41.24
CA HIS B 244 -13.32 15.01 40.84
C HIS B 244 -13.14 14.63 39.37
N ALA B 245 -13.11 13.32 39.10
CA ALA B 245 -13.03 12.83 37.71
C ALA B 245 -14.26 12.00 37.43
N ASP B 246 -14.70 12.06 36.18
CA ASP B 246 -15.67 11.13 35.63
C ASP B 246 -15.04 10.19 34.58
N LEU B 247 -15.32 8.91 34.75
CA LEU B 247 -14.81 7.87 33.88
C LEU B 247 -15.95 7.19 33.14
N THR B 248 -15.80 7.12 31.81
CA THR B 248 -16.73 6.42 30.93
C THR B 248 -15.98 5.27 30.27
N VAL B 249 -16.18 4.07 30.81
CA VAL B 249 -15.56 2.87 30.21
C VAL B 249 -16.29 2.47 28.95
N LYS B 250 -15.50 2.14 27.92
CA LYS B 250 -16.06 1.68 26.63
C LYS B 250 -15.25 0.48 26.16
N ALA B 251 -15.94 -0.54 25.68
CA ALA B 251 -15.27 -1.72 25.16
C ALA B 251 -16.16 -2.36 24.08
N ASP B 252 -15.53 -2.90 23.04
CA ASP B 252 -16.29 -3.63 22.03
C ASP B 252 -16.35 -5.12 22.32
N VAL B 253 -17.49 -5.72 22.00
CA VAL B 253 -17.63 -7.18 22.08
C VAL B 253 -18.13 -7.66 20.73
N ARG B 254 -17.51 -8.72 20.22
CA ARG B 254 -17.89 -9.31 18.92
C ARG B 254 -18.18 -10.83 19.06
N ASN B 255 -19.40 -11.23 18.66
CA ASN B 255 -19.80 -12.64 18.69
C ASN B 255 -19.33 -13.31 17.39
N ASP B 256 -18.20 -14.00 17.47
CA ASP B 256 -17.63 -14.72 16.32
C ASP B 256 -18.18 -16.15 16.12
N SER B 257 -19.12 -16.57 16.98
CA SER B 257 -19.69 -17.92 16.89
C SER B 257 -20.90 -17.92 15.97
N ALA B 258 -21.41 -19.12 15.71
CA ALA B 258 -22.57 -19.33 14.83
C ALA B 258 -23.96 -19.05 15.47
N ASN B 259 -23.97 -18.73 16.76
CA ASN B 259 -25.23 -18.57 17.51
C ASN B 259 -25.30 -17.27 18.27
N ALA B 260 -26.52 -16.77 18.49
CA ALA B 260 -26.74 -15.62 19.35
C ALA B 260 -26.28 -15.94 20.80
N VAL B 261 -25.80 -14.92 21.51
CA VAL B 261 -25.34 -15.07 22.90
C VAL B 261 -25.76 -13.85 23.70
N GLN B 262 -25.68 -14.01 25.01
CA GLN B 262 -25.72 -12.91 25.95
C GLN B 262 -24.30 -12.87 26.46
N THR B 263 -23.69 -11.68 26.51
CA THR B 263 -22.39 -11.60 27.19
C THR B 263 -22.41 -10.60 28.35
N THR B 264 -21.70 -10.95 29.41
CA THR B 264 -21.47 -10.01 30.50
C THR B 264 -20.02 -9.51 30.48
N VAL B 265 -19.90 -8.19 30.39
CA VAL B 265 -18.65 -7.47 30.40
C VAL B 265 -18.56 -6.79 31.76
N ALA B 266 -17.63 -7.26 32.58
CA ALA B 266 -17.56 -6.79 33.94
C ALA B 266 -16.12 -6.74 34.44
N GLY B 267 -15.88 -5.92 35.48
CA GLY B 267 -14.60 -5.97 36.17
C GLY B 267 -14.49 -4.70 37.01
N THR B 268 -13.38 -3.98 36.89
CA THR B 268 -13.14 -2.78 37.69
C THR B 268 -12.41 -1.69 36.89
N VAL B 269 -12.63 -0.45 37.28
CA VAL B 269 -11.97 0.72 36.68
C VAL B 269 -11.63 1.58 37.88
N ALA B 270 -10.33 1.86 38.04
CA ALA B 270 -9.87 2.56 39.23
C ALA B 270 -10.34 1.91 40.54
N GLY B 271 -10.52 0.60 40.52
CA GLY B 271 -10.84 -0.14 41.75
C GLY B 271 -12.36 -0.20 41.98
N LYS B 272 -13.14 0.39 41.08
CA LYS B 272 -14.61 0.43 41.24
C LYS B 272 -15.27 -0.60 40.34
N PRO B 273 -16.22 -1.39 40.91
CA PRO B 273 -16.86 -2.44 40.12
C PRO B 273 -17.79 -1.91 39.05
N ILE B 274 -17.74 -2.54 37.87
CA ILE B 274 -18.63 -2.20 36.76
C ILE B 274 -19.05 -3.50 36.12
N SER B 275 -20.25 -3.47 35.52
CA SER B 275 -20.80 -4.66 34.88
C SER B 275 -21.96 -4.30 33.99
N GLN B 276 -21.92 -4.75 32.73
CA GLN B 276 -23.01 -4.57 31.78
C GLN B 276 -23.23 -5.88 31.03
N THR B 277 -24.49 -6.16 30.74
CA THR B 277 -24.84 -7.35 29.98
C THR B 277 -25.51 -6.96 28.69
N VAL B 278 -25.07 -7.53 27.57
CA VAL B 278 -25.69 -7.24 26.28
C VAL B 278 -25.91 -8.51 25.47
N SER B 279 -26.88 -8.44 24.56
CA SER B 279 -27.11 -9.53 23.64
C SER B 279 -26.39 -9.25 22.33
N LEU B 280 -25.85 -10.34 21.77
CA LEU B 280 -25.17 -10.32 20.45
C LEU B 280 -25.68 -11.42 19.51
N ALA B 281 -26.32 -11.01 18.42
CA ALA B 281 -26.66 -11.94 17.33
C ALA B 281 -25.33 -12.53 16.82
N ALA B 282 -25.40 -13.70 16.18
CA ALA B 282 -24.22 -14.30 15.51
C ALA B 282 -23.56 -13.26 14.61
N LYS B 283 -22.23 -13.17 14.70
CA LYS B 283 -21.42 -12.20 13.91
C LYS B 283 -21.66 -10.73 14.27
N GLU B 284 -22.42 -10.47 15.34
CA GLU B 284 -22.67 -9.07 15.74
C GLU B 284 -21.50 -8.52 16.55
N ARG B 285 -21.19 -7.26 16.28
CA ARG B 285 -20.26 -6.49 17.11
C ARG B 285 -20.98 -5.31 17.73
N LYS B 286 -20.71 -5.12 19.02
CA LYS B 286 -21.29 -3.99 19.74
C LYS B 286 -20.20 -3.26 20.53
N THR B 287 -20.29 -1.94 20.54
CA THR B 287 -19.62 -1.08 21.53
C THR B 287 -20.47 -0.96 22.79
N VAL B 288 -19.91 -1.41 23.90
CA VAL B 288 -20.51 -1.27 25.23
C VAL B 288 -20.01 0.00 25.89
N THR B 289 -20.95 0.86 26.30
CA THR B 289 -20.65 2.09 27.04
C THR B 289 -21.15 1.89 28.47
N PHE B 290 -20.22 1.89 29.42
CA PHE B 290 -20.65 1.76 30.81
C PHE B 290 -21.24 3.05 31.41
N PRO B 291 -22.18 2.91 32.38
CA PRO B 291 -22.65 4.12 33.07
C PRO B 291 -21.45 4.86 33.69
N LEU B 292 -21.53 6.18 33.69
CA LEU B 292 -20.53 7.01 34.34
C LEU B 292 -20.08 6.49 35.70
N VAL B 293 -18.78 6.54 35.94
CA VAL B 293 -18.18 6.25 37.25
C VAL B 293 -17.51 7.52 37.80
N GLY B 294 -17.99 7.96 38.95
CA GLY B 294 -17.39 9.09 39.70
C GLY B 294 -16.18 8.70 40.55
N LEU B 295 -15.15 9.54 40.48
CA LEU B 295 -13.96 9.36 41.25
C LEU B 295 -13.61 10.64 42.03
N ASP B 296 -13.68 10.59 43.39
CA ASP B 296 -13.38 11.73 44.24
C ASP B 296 -11.89 11.83 44.61
N ARG B 297 -11.33 13.03 44.56
CA ARG B 297 -9.91 13.27 44.88
C ARG B 297 -9.00 12.23 44.19
N PRO B 298 -9.13 12.11 42.86
CA PRO B 298 -8.32 11.10 42.14
C PRO B 298 -6.84 11.43 42.31
N ASN B 299 -5.97 10.41 42.20
CA ASN B 299 -4.54 10.62 42.11
C ASN B 299 -4.24 11.09 40.70
N VAL B 300 -4.29 12.40 40.53
CA VAL B 300 -4.08 13.08 39.22
C VAL B 300 -2.63 12.87 38.78
N TRP B 301 -2.47 12.50 37.51
CA TRP B 301 -1.17 12.34 36.88
C TRP B 301 -0.63 13.74 36.49
N TRP B 302 0.67 13.98 36.73
CA TRP B 302 1.32 15.24 36.43
C TRP B 302 2.62 15.00 35.65
N PRO B 303 3.08 16.03 34.89
CA PRO B 303 4.47 15.94 34.37
C PRO B 303 5.46 15.85 35.51
N ALA B 304 6.64 15.33 35.19
CA ALA B 304 7.72 15.21 36.16
C ALA B 304 7.97 16.57 36.87
N GLY B 305 8.14 16.50 38.18
CA GLY B 305 8.41 17.70 38.97
C GLY B 305 7.17 18.40 39.48
N MET B 306 5.99 18.05 38.95
CA MET B 306 4.78 18.79 39.27
C MET B 306 3.81 17.98 40.15
N GLY B 307 4.18 16.75 40.46
CA GLY B 307 3.28 15.83 41.15
C GLY B 307 3.70 14.41 40.84
N GLY B 308 2.78 13.49 41.11
CA GLY B 308 2.99 12.09 40.89
C GLY B 308 2.61 11.69 39.48
N GLN B 309 2.93 10.43 39.16
CA GLN B 309 2.76 9.90 37.79
C GLN B 309 1.86 8.65 37.83
N HIS B 310 0.87 8.71 38.74
CA HIS B 310 -0.07 7.62 38.94
C HIS B 310 -0.89 7.31 37.72
N ARG B 311 -1.00 5.99 37.43
CA ARG B 311 -1.99 5.49 36.49
C ARG B 311 -2.86 4.45 37.16
N TYR B 312 -4.15 4.54 36.83
CA TYR B 312 -5.16 3.55 37.24
C TYR B 312 -5.26 2.37 36.25
N ASP B 313 -5.84 1.28 36.73
CA ASP B 313 -6.10 0.09 35.92
C ASP B 313 -7.56 -0.04 35.53
N LEU B 314 -7.75 -0.48 34.30
CA LEU B 314 -9.01 -1.04 33.81
C LEU B 314 -8.82 -2.54 33.64
N ASP B 315 -9.73 -3.30 34.22
CA ASP B 315 -9.66 -4.76 34.19
C ASP B 315 -11.06 -5.27 33.80
N LEU B 316 -11.14 -5.86 32.60
CA LEU B 316 -12.41 -6.35 32.14
C LEU B 316 -12.33 -7.80 31.67
N THR B 317 -13.44 -8.51 31.90
CA THR B 317 -13.70 -9.86 31.37
C THR B 317 -15.05 -9.85 30.65
N ALA B 318 -15.08 -10.37 29.41
CA ALA B 318 -16.35 -10.68 28.73
C ALA B 318 -16.65 -12.18 28.94
N SER B 319 -17.81 -12.46 29.54
CA SER B 319 -18.16 -13.83 29.90
C SER B 319 -19.38 -14.23 29.11
N VAL B 320 -19.48 -15.53 28.86
CA VAL B 320 -20.64 -16.13 28.19
C VAL B 320 -20.95 -17.44 28.92
N GLY B 321 -22.21 -17.58 29.30
CA GLY B 321 -22.68 -18.73 30.09
C GLY B 321 -22.00 -18.81 31.44
N GLY B 322 -21.69 -17.65 32.03
CA GLY B 322 -20.97 -17.64 33.27
C GLY B 322 -19.52 -18.10 33.27
N THR B 323 -18.93 -18.33 32.09
CA THR B 323 -17.50 -18.58 32.02
C THR B 323 -16.77 -17.55 31.11
N PRO B 324 -15.54 -17.19 31.46
CA PRO B 324 -14.84 -16.12 30.71
C PRO B 324 -14.62 -16.50 29.25
N SER B 325 -14.95 -15.59 28.34
CA SER B 325 -14.65 -15.71 26.91
C SER B 325 -13.39 -14.90 26.48
N ASP B 326 -13.28 -13.64 26.95
CA ASP B 326 -12.09 -12.86 26.63
C ASP B 326 -11.86 -11.92 27.81
N ALA B 327 -10.67 -11.30 27.86
CA ALA B 327 -10.26 -10.47 28.97
C ALA B 327 -9.29 -9.40 28.47
N ALA B 328 -9.31 -8.24 29.12
CA ALA B 328 -8.42 -7.11 28.73
C ALA B 328 -8.09 -6.24 29.91
N LYS B 329 -6.79 -6.00 30.13
CA LYS B 329 -6.28 -5.14 31.18
C LYS B 329 -5.45 -4.04 30.52
N SER B 330 -5.56 -2.84 31.06
CA SER B 330 -4.88 -1.67 30.52
C SER B 330 -4.77 -0.61 31.64
N LYS B 331 -4.09 0.46 31.33
CA LYS B 331 -3.93 1.56 32.25
C LYS B 331 -4.41 2.88 31.62
N PHE B 332 -4.61 3.90 32.47
CA PHE B 332 -4.97 5.23 32.00
C PHE B 332 -4.59 6.23 33.09
N GLY B 333 -4.37 7.48 32.70
CA GLY B 333 -4.01 8.51 33.65
C GLY B 333 -5.18 9.48 33.79
N VAL B 334 -5.36 10.02 34.98
CA VAL B 334 -6.32 11.12 35.16
C VAL B 334 -5.62 12.50 35.08
N ARG B 335 -5.73 13.19 33.94
CA ARG B 335 -4.81 14.32 33.55
C ARG B 335 -5.73 15.10 32.56
N ASP B 336 -5.79 16.42 32.63
CA ASP B 336 -6.35 17.21 31.53
C ASP B 336 -5.20 17.84 30.72
N VAL B 337 -5.40 17.96 29.40
CA VAL B 337 -4.48 18.72 28.54
C VAL B 337 -5.23 19.56 27.51
N LYS B 338 -4.71 20.77 27.29
CA LYS B 338 -5.22 21.69 26.26
C LYS B 338 -4.03 22.27 25.52
N ALA B 339 -4.24 22.63 24.27
CA ALA B 339 -3.25 23.36 23.51
C ALA B 339 -4.02 24.37 22.68
N THR B 340 -4.06 25.63 23.13
CA THR B 340 -4.82 26.61 22.36
C THR B 340 -3.95 27.71 21.82
N LEU B 341 -4.54 28.59 21.04
CA LEU B 341 -3.74 29.66 20.44
C LEU B 341 -3.84 30.85 21.35
N ASN B 342 -2.71 31.45 21.72
CA ASN B 342 -2.77 32.64 22.58
C ASN B 342 -3.10 33.88 21.73
N SER B 343 -3.11 35.05 22.35
CA SER B 343 -3.60 36.24 21.62
C SER B 343 -2.63 36.65 20.51
N SER B 344 -1.43 36.09 20.54
CA SER B 344 -0.38 36.34 19.55
C SER B 344 -0.34 35.28 18.47
N GLY B 345 -1.23 34.31 18.54
CA GLY B 345 -1.25 33.23 17.56
C GLY B 345 -0.28 32.09 17.89
N GLY B 346 0.33 32.09 19.06
CA GLY B 346 1.23 30.97 19.49
C GLY B 346 0.48 29.82 20.17
N ARG B 347 0.82 28.58 19.79
CA ARG B 347 0.23 27.40 20.38
C ARG B 347 0.74 27.27 21.82
N GLN B 348 -0.20 27.23 22.76
CA GLN B 348 0.16 27.17 24.19
C GLN B 348 -0.43 25.94 24.91
N TYR B 349 0.45 25.06 25.37
CA TYR B 349 0.00 23.87 26.06
C TYR B 349 -0.23 24.21 27.54
N SER B 350 -1.12 23.43 28.15
CA SER B 350 -1.32 23.43 29.59
C SER B 350 -1.66 21.99 30.01
N VAL B 351 -1.17 21.61 31.18
CA VAL B 351 -1.55 20.32 31.77
C VAL B 351 -2.26 20.58 33.14
N ASN B 352 -3.48 20.03 33.30
CA ASN B 352 -4.28 20.18 34.56
C ASN B 352 -4.43 21.67 34.91
N GLY B 353 -4.66 22.49 33.86
CA GLY B 353 -4.83 23.93 33.95
C GLY B 353 -3.59 24.74 34.25
N LYS B 354 -2.42 24.12 34.28
CA LYS B 354 -1.13 24.83 34.40
C LYS B 354 -0.50 25.02 33.02
N PRO B 355 -0.35 26.29 32.56
CA PRO B 355 0.38 26.46 31.30
C PRO B 355 1.85 26.12 31.49
N LEU B 356 2.45 25.60 30.42
CA LEU B 356 3.82 25.19 30.43
C LEU B 356 4.50 25.72 29.16
N LEU B 357 5.74 26.17 29.29
CA LEU B 357 6.62 26.23 28.10
C LEU B 357 7.06 24.80 27.76
N ILE B 358 6.80 24.34 26.54
CA ILE B 358 7.35 23.07 26.09
C ILE B 358 8.87 23.24 25.90
N ARG B 359 9.64 22.45 26.62
CA ARG B 359 11.11 22.47 26.44
C ARG B 359 11.55 21.03 26.15
N GLY B 360 11.83 20.76 24.89
CA GLY B 360 12.04 19.36 24.53
C GLY B 360 13.05 19.17 23.43
N GLY B 361 13.04 17.98 22.86
CA GLY B 361 13.96 17.61 21.78
C GLY B 361 13.19 16.69 20.85
N GLY B 362 13.59 16.63 19.58
CA GLY B 362 13.02 15.67 18.65
C GLY B 362 13.64 14.30 18.94
N TYR B 363 12.78 13.35 19.35
CA TYR B 363 13.19 11.96 19.59
C TYR B 363 13.16 11.09 18.33
N THR B 364 14.20 10.27 18.22
CA THR B 364 14.29 9.24 17.20
C THR B 364 14.62 7.86 17.79
N PRO B 365 13.99 6.79 17.26
CA PRO B 365 14.43 5.44 17.60
C PRO B 365 15.74 5.10 16.85
N ASP B 366 16.23 3.87 17.05
CA ASP B 366 17.39 3.29 16.38
C ASP B 366 17.16 3.23 14.86
N LEU B 367 18.23 3.46 14.08
CA LEU B 367 18.17 3.52 12.62
C LEU B 367 17.61 2.24 11.95
N PHE B 368 17.84 1.09 12.60
CA PHE B 368 17.29 -0.20 12.16
C PHE B 368 16.11 -0.66 12.99
N LEU B 369 15.54 0.28 13.77
CA LEU B 369 14.36 0.02 14.60
C LEU B 369 14.55 -1.15 15.58
N ARG B 370 15.79 -1.29 16.06
CA ARG B 370 16.09 -2.30 17.05
C ARG B 370 15.57 -1.86 18.42
N TRP B 371 14.69 -2.70 18.99
CA TRP B 371 13.96 -2.34 20.21
C TRP B 371 14.62 -2.94 21.45
N ASN B 372 14.75 -2.12 22.48
CA ASN B 372 15.19 -2.65 23.77
C ASN B 372 14.59 -1.79 24.88
N GLU B 373 13.80 -2.42 25.76
CA GLU B 373 13.02 -1.65 26.72
C GLU B 373 13.87 -0.89 27.71
N THR B 374 14.94 -1.51 28.19
CA THR B 374 15.89 -0.80 29.07
C THR B 374 16.48 0.45 28.40
N ALA B 375 16.89 0.30 27.15
CA ALA B 375 17.42 1.41 26.37
C ALA B 375 16.41 2.55 26.23
N ALA B 376 15.16 2.18 25.94
CA ALA B 376 14.08 3.18 25.84
C ALA B 376 13.96 3.93 27.18
N ALA B 377 13.97 3.19 28.30
CA ALA B 377 13.93 3.83 29.64
C ALA B 377 15.17 4.72 29.86
N ASP B 378 16.37 4.27 29.48
CA ASP B 378 17.60 5.06 29.63
C ASP B 378 17.49 6.40 28.91
N LYS B 379 16.95 6.35 27.69
CA LYS B 379 16.82 7.54 26.86
C LYS B 379 15.78 8.52 27.42
N LEU B 380 14.63 8.01 27.89
CA LEU B 380 13.64 8.86 28.53
C LEU B 380 14.14 9.44 29.85
N LYS B 381 14.90 8.66 30.62
CA LYS B 381 15.55 9.21 31.82
C LYS B 381 16.54 10.36 31.55
N TYR B 382 17.30 10.26 30.46
CA TYR B 382 18.20 11.37 30.07
C TYR B 382 17.43 12.68 29.77
N VAL B 383 16.25 12.56 29.18
CA VAL B 383 15.35 13.71 29.03
C VAL B 383 15.21 14.46 30.36
N LEU B 384 14.89 13.73 31.44
CA LEU B 384 14.81 14.30 32.77
C LEU B 384 16.18 14.75 33.35
N ASN B 385 17.24 14.02 33.05
CA ASN B 385 18.57 14.45 33.43
C ASN B 385 18.95 15.82 32.81
N LEU B 386 18.48 16.06 31.59
CA LEU B 386 18.70 17.32 30.88
C LEU B 386 17.83 18.48 31.45
N GLY B 387 16.82 18.15 32.26
CA GLY B 387 15.80 19.12 32.70
C GLY B 387 14.67 19.42 31.69
N LEU B 388 14.60 18.66 30.61
CA LEU B 388 13.55 18.86 29.59
C LEU B 388 12.20 18.29 30.08
N ASN B 389 11.10 18.72 29.46
CA ASN B 389 9.80 18.19 29.87
C ASN B 389 9.11 17.38 28.79
N THR B 390 9.66 17.41 27.57
CA THR B 390 8.95 16.87 26.40
C THR B 390 9.88 16.24 25.32
N VAL B 391 9.38 15.21 24.64
CA VAL B 391 9.95 14.78 23.36
C VAL B 391 8.90 14.83 22.26
N ARG B 392 9.32 15.26 21.09
CA ARG B 392 8.48 15.21 19.93
C ARG B 392 8.88 13.96 19.14
N LEU B 393 7.88 13.24 18.61
CA LEU B 393 8.14 12.13 17.67
C LEU B 393 7.57 12.50 16.32
N GLU B 394 8.46 12.95 15.42
CA GLU B 394 8.10 13.13 14.02
C GLU B 394 8.06 11.78 13.32
N GLY B 395 6.87 11.17 13.29
CA GLY B 395 6.73 9.77 12.81
C GLY B 395 7.53 8.81 13.70
N HIS B 396 7.86 7.64 13.14
CA HIS B 396 8.67 6.61 13.85
C HIS B 396 8.07 6.30 15.23
N ILE B 397 6.74 6.25 15.27
CA ILE B 397 6.05 6.30 16.57
C ILE B 397 6.30 4.96 17.30
N GLU B 398 6.95 5.07 18.45
CA GLU B 398 7.46 3.96 19.22
C GLU B 398 6.43 2.95 19.72
N PRO B 399 6.89 1.69 19.98
CA PRO B 399 6.03 0.69 20.60
C PRO B 399 5.45 1.13 21.96
N ASP B 400 4.39 0.46 22.37
CA ASP B 400 3.61 0.83 23.58
C ASP B 400 4.46 1.07 24.83
N GLU B 401 5.47 0.24 25.04
CA GLU B 401 6.27 0.31 26.26
C GLU B 401 6.99 1.65 26.35
N PHE B 402 7.36 2.24 25.21
CA PHE B 402 7.99 3.58 25.22
C PHE B 402 7.03 4.54 25.93
N PHE B 403 5.74 4.44 25.60
CA PHE B 403 4.77 5.36 26.19
C PHE B 403 4.43 5.07 27.66
N ASP B 404 4.45 3.78 28.02
CA ASP B 404 4.31 3.42 29.45
C ASP B 404 5.45 4.03 30.26
N ILE B 405 6.65 3.99 29.70
CA ILE B 405 7.81 4.54 30.42
C ILE B 405 7.69 6.06 30.57
N ALA B 406 7.30 6.75 29.50
CA ALA B 406 7.08 8.21 29.54
C ALA B 406 5.98 8.56 30.54
N ASP B 407 4.90 7.76 30.58
CA ASP B 407 3.83 7.92 31.59
C ASP B 407 4.43 7.77 32.98
N ASP B 408 5.23 6.72 33.21
CA ASP B 408 5.78 6.44 34.58
C ASP B 408 6.76 7.50 35.01
N LEU B 409 7.49 8.04 34.04
CA LEU B 409 8.50 9.04 34.31
C LEU B 409 7.98 10.46 34.32
N GLY B 410 6.84 10.69 33.67
CA GLY B 410 6.24 12.04 33.65
C GLY B 410 6.85 12.89 32.53
N VAL B 411 7.27 12.21 31.45
CA VAL B 411 7.85 12.88 30.25
C VAL B 411 6.73 13.05 29.23
N LEU B 412 6.41 14.29 28.84
CA LEU B 412 5.35 14.57 27.86
C LEU B 412 5.81 14.15 26.48
N THR B 413 4.88 13.63 25.69
CA THR B 413 5.19 13.19 24.31
C THR B 413 4.28 13.89 23.27
N MET B 414 4.87 14.23 22.13
CA MET B 414 4.20 14.95 21.03
C MET B 414 4.32 14.10 19.77
N PRO B 415 3.54 13.02 19.72
CA PRO B 415 3.64 12.17 18.49
C PRO B 415 2.92 12.83 17.30
N GLY B 416 3.22 12.33 16.10
CA GLY B 416 2.50 12.74 14.87
C GLY B 416 3.12 12.10 13.64
N TRP B 417 2.58 12.44 12.48
CA TRP B 417 3.12 11.90 11.24
C TRP B 417 4.37 12.69 10.84
N GLU B 418 5.21 12.09 9.99
CA GLU B 418 6.46 12.73 9.56
C GLU B 418 6.29 13.43 8.20
N CYS B 419 7.15 14.42 7.95
CA CYS B 419 7.16 15.09 6.62
C CYS B 419 7.93 14.29 5.60
N CYS B 420 7.95 14.80 4.36
CA CYS B 420 9.04 14.56 3.43
C CYS B 420 9.02 13.18 2.82
N ASP B 421 7.86 12.54 2.85
CA ASP B 421 7.71 11.21 2.26
C ASP B 421 6.24 10.91 1.95
N LYS B 422 5.86 9.64 1.83
CA LYS B 422 4.48 9.30 1.43
C LYS B 422 3.36 10.03 2.26
N TRP B 423 3.56 10.16 3.57
CA TRP B 423 2.53 10.80 4.44
C TRP B 423 2.12 12.19 3.92
N GLU B 424 3.09 12.99 3.45
CA GLU B 424 2.77 14.31 2.88
C GLU B 424 2.74 14.35 1.34
N GLY B 425 2.75 13.18 0.71
CA GLY B 425 2.83 13.07 -0.75
C GLY B 425 1.73 13.78 -1.53
N GLN B 426 0.54 13.86 -0.94
CA GLN B 426 -0.60 14.41 -1.63
C GLN B 426 -0.59 15.93 -1.56
N VAL B 427 0.21 16.49 -0.63
CA VAL B 427 0.18 17.89 -0.37
C VAL B 427 1.53 18.61 -0.54
N ASN B 428 2.64 17.86 -0.73
CA ASN B 428 3.96 18.50 -0.54
C ASN B 428 4.71 18.88 -1.84
N GLY B 429 4.00 18.85 -2.97
CA GLY B 429 4.56 19.39 -4.24
C GLY B 429 5.77 18.57 -4.65
N GLU B 430 6.92 19.21 -4.88
CA GLU B 430 8.09 18.50 -5.44
C GLU B 430 8.98 17.85 -4.38
N GLU B 431 8.58 17.97 -3.12
CA GLU B 431 9.28 17.30 -2.04
C GLU B 431 9.07 15.81 -2.25
N LYS B 432 9.94 14.97 -1.72
CA LYS B 432 9.80 13.52 -1.85
C LYS B 432 8.48 13.07 -1.21
N GLY B 433 7.90 12.00 -1.78
CA GLY B 433 6.63 11.42 -1.31
C GLY B 433 5.65 11.45 -2.45
N GLU B 434 5.07 10.30 -2.77
CA GLU B 434 4.24 10.17 -3.97
C GLU B 434 2.78 10.63 -3.70
N PRO B 435 2.15 11.26 -4.71
CA PRO B 435 0.73 11.63 -4.70
C PRO B 435 -0.13 10.43 -4.32
N TRP B 436 -1.26 10.66 -3.68
CA TRP B 436 -2.05 9.52 -3.20
C TRP B 436 -2.94 8.98 -4.31
N VAL B 437 -3.15 7.67 -4.29
CA VAL B 437 -4.14 7.02 -5.14
C VAL B 437 -5.26 6.56 -4.19
N GLU B 438 -6.38 6.10 -4.74
CA GLU B 438 -7.56 5.79 -3.90
C GLU B 438 -7.26 4.84 -2.75
N SER B 439 -6.39 3.86 -3.00
CA SER B 439 -6.09 2.86 -1.97
C SER B 439 -5.34 3.45 -0.76
N ASP B 440 -4.65 4.57 -0.96
CA ASP B 440 -3.86 5.20 0.14
C ASP B 440 -4.79 5.72 1.25
N TYR B 441 -5.97 6.22 0.84
CA TYR B 441 -6.89 6.90 1.77
C TYR B 441 -7.37 6.00 2.93
N PRO B 442 -7.87 4.77 2.64
CA PRO B 442 -8.23 3.87 3.75
C PRO B 442 -7.05 3.44 4.60
N ILE B 443 -5.86 3.26 4.00
CA ILE B 443 -4.72 2.85 4.82
C ILE B 443 -4.34 3.97 5.81
N ALA B 444 -4.32 5.20 5.32
CA ALA B 444 -3.99 6.38 6.16
C ALA B 444 -5.00 6.53 7.29
N LYS B 445 -6.28 6.45 6.94
CA LYS B 445 -7.33 6.52 7.97
C LYS B 445 -7.22 5.42 9.05
N ALA B 446 -6.98 4.15 8.60
CA ALA B 446 -6.85 3.03 9.51
C ALA B 446 -5.60 3.21 10.39
N SER B 447 -4.53 3.77 9.79
CA SER B 447 -3.28 4.08 10.53
C SER B 447 -3.58 5.06 11.69
N MET B 448 -4.30 6.14 11.38
CA MET B 448 -4.74 7.10 12.38
C MET B 448 -5.64 6.42 13.42
N PHE B 449 -6.60 5.60 12.97
CA PHE B 449 -7.43 4.93 13.97
C PHE B 449 -6.57 4.08 14.94
N SER B 450 -5.67 3.26 14.39
CA SER B 450 -4.83 2.35 15.18
C SER B 450 -3.92 3.12 16.17
N GLU B 451 -3.26 4.18 15.67
CA GLU B 451 -2.46 5.03 16.57
C GLU B 451 -3.31 5.72 17.63
N ALA B 452 -4.46 6.27 17.26
CA ALA B 452 -5.36 6.93 18.27
C ALA B 452 -5.81 5.91 19.32
N GLU B 453 -6.22 4.72 18.90
CA GLU B 453 -6.59 3.65 19.84
C GLU B 453 -5.40 3.34 20.78
N ARG B 454 -4.20 3.30 20.22
CA ARG B 454 -3.01 2.91 20.95
C ARG B 454 -2.58 4.01 21.95
N LEU B 455 -2.76 5.28 21.59
CA LEU B 455 -2.17 6.39 22.36
C LEU B 455 -3.12 7.07 23.34
N ARG B 456 -4.41 6.86 23.12
CA ARG B 456 -5.45 7.64 23.81
C ARG B 456 -5.43 7.56 25.33
N ASP B 457 -4.94 6.46 25.89
CA ASP B 457 -4.99 6.32 27.33
C ASP B 457 -3.63 6.48 27.97
N HIS B 458 -2.68 7.02 27.20
CA HIS B 458 -1.37 7.36 27.76
C HIS B 458 -1.36 8.83 28.16
N PRO B 459 -1.30 9.11 29.48
CA PRO B 459 -1.28 10.50 29.96
C PRO B 459 -0.08 11.34 29.50
N SER B 460 1.03 10.68 29.18
CA SER B 460 2.20 11.43 28.61
C SER B 460 1.90 12.16 27.27
N VAL B 461 0.93 11.64 26.51
CA VAL B 461 0.64 12.18 25.18
C VAL B 461 -0.12 13.52 25.38
N ILE B 462 0.39 14.61 24.77
CA ILE B 462 -0.22 15.95 24.93
C ILE B 462 -0.89 16.49 23.64
N SER B 463 -0.69 15.75 22.53
CA SER B 463 -1.25 16.11 21.20
C SER B 463 -0.91 15.05 20.15
N PHE B 464 -1.54 15.17 18.98
CA PHE B 464 -1.11 14.45 17.77
C PHE B 464 -1.00 15.44 16.62
N HIS B 465 0.18 15.44 15.99
CA HIS B 465 0.42 16.17 14.75
C HIS B 465 -0.06 15.36 13.56
N ILE B 466 -1.12 15.87 12.96
CA ILE B 466 -1.69 15.25 11.76
C ILE B 466 -0.94 15.69 10.48
N GLY B 467 -0.10 16.72 10.62
CA GLY B 467 0.77 17.14 9.55
C GLY B 467 2.07 17.57 10.17
N SER B 468 3.12 17.62 9.35
CA SER B 468 4.37 18.10 9.85
C SER B 468 4.98 19.38 9.28
N ASP B 469 5.72 19.29 8.16
CA ASP B 469 5.75 20.29 7.06
C ASP B 469 4.51 20.90 6.47
N PHE B 470 3.70 20.07 5.85
CA PHE B 470 2.49 20.54 5.23
C PHE B 470 1.33 19.99 6.01
N ALA B 471 0.34 20.84 6.23
CA ALA B 471 -0.94 20.39 6.77
C ALA B 471 -1.66 19.48 5.74
N PRO B 472 -2.51 18.55 6.22
CA PRO B 472 -3.25 17.73 5.26
C PRO B 472 -4.29 18.60 4.52
N ASP B 473 -4.78 18.12 3.39
CA ASP B 473 -5.93 18.78 2.70
C ASP B 473 -7.23 18.40 3.41
N ARG B 474 -8.36 18.94 2.94
CA ARG B 474 -9.63 18.66 3.58
C ARG B 474 -9.96 17.17 3.67
N ARG B 475 -9.78 16.46 2.57
CA ARG B 475 -10.14 15.07 2.49
C ARG B 475 -9.31 14.22 3.48
N ILE B 476 -7.99 14.37 3.46
CA ILE B 476 -7.12 13.63 4.40
C ILE B 476 -7.40 14.07 5.85
N GLU B 477 -7.54 15.37 6.05
CA GLU B 477 -7.78 15.87 7.39
C GLU B 477 -9.08 15.32 7.94
N GLN B 478 -10.13 15.35 7.12
CA GLN B 478 -11.40 14.82 7.58
C GLN B 478 -11.25 13.32 7.94
N GLY B 479 -10.51 12.57 7.13
CA GLY B 479 -10.27 11.13 7.39
C GLY B 479 -9.66 10.95 8.79
N TYR B 480 -8.64 11.77 9.11
CA TYR B 480 -7.93 11.71 10.41
C TYR B 480 -8.82 12.12 11.58
N LEU B 481 -9.60 13.18 11.41
CA LEU B 481 -10.47 13.63 12.49
C LEU B 481 -11.52 12.53 12.78
N ASP B 482 -12.01 11.91 11.71
CA ASP B 482 -13.07 10.86 11.80
C ASP B 482 -12.58 9.64 12.55
N ALA B 483 -11.36 9.20 12.21
CA ALA B 483 -10.71 8.07 12.90
C ALA B 483 -10.51 8.41 14.40
N MET B 484 -10.00 9.61 14.70
CA MET B 484 -9.80 10.03 16.08
C MET B 484 -11.15 10.06 16.84
N LYS B 485 -12.18 10.59 16.19
CA LYS B 485 -13.54 10.57 16.78
C LYS B 485 -14.01 9.14 17.06
N ALA B 486 -13.84 8.23 16.08
CA ALA B 486 -14.20 6.82 16.25
C ALA B 486 -13.44 6.16 17.42
N ALA B 487 -12.18 6.58 17.63
CA ALA B 487 -11.37 6.07 18.74
C ALA B 487 -11.56 6.79 20.07
N ASP B 488 -12.39 7.84 20.11
CA ASP B 488 -12.53 8.67 21.34
C ASP B 488 -11.20 9.30 21.73
N PHE B 489 -10.40 9.67 20.72
CA PHE B 489 -9.11 10.31 20.96
C PHE B 489 -9.39 11.80 21.14
N LEU B 490 -9.25 12.25 22.37
CA LEU B 490 -9.78 13.58 22.73
C LEU B 490 -8.64 14.57 22.93
N LEU B 491 -7.40 14.21 22.55
CA LEU B 491 -6.28 15.12 22.79
C LEU B 491 -6.19 16.16 21.69
N PRO B 492 -5.47 17.27 21.94
CA PRO B 492 -5.35 18.32 20.93
C PRO B 492 -4.74 17.81 19.60
N VAL B 493 -5.33 18.24 18.50
CA VAL B 493 -4.86 17.92 17.17
C VAL B 493 -4.13 19.15 16.62
N ILE B 494 -2.86 18.99 16.27
CA ILE B 494 -2.10 20.09 15.66
C ILE B 494 -1.94 19.85 14.15
N PRO B 495 -2.42 20.81 13.32
CA PRO B 495 -2.46 20.60 11.86
C PRO B 495 -1.08 20.43 11.19
N ALA B 496 -0.04 21.08 11.76
CA ALA B 496 1.34 21.08 11.20
C ALA B 496 2.31 21.51 12.32
N ALA B 497 3.59 21.17 12.15
CA ALA B 497 4.65 21.73 12.99
C ALA B 497 5.19 23.05 12.35
N SER B 498 4.82 23.29 11.09
CA SER B 498 5.07 24.58 10.43
C SER B 498 3.92 25.53 10.72
N ALA B 499 4.02 26.74 10.17
CA ALA B 499 2.99 27.78 10.24
C ALA B 499 1.79 27.55 9.30
N ARG B 500 1.83 26.44 8.58
CA ARG B 500 0.80 26.12 7.59
C ARG B 500 -0.51 25.64 8.25
N PRO B 501 -1.64 26.28 7.88
CA PRO B 501 -2.93 25.85 8.42
C PRO B 501 -3.57 24.65 7.67
N SER B 502 -4.46 23.91 8.35
CA SER B 502 -5.31 22.96 7.65
C SER B 502 -6.73 23.58 7.47
N PRO B 503 -7.52 23.05 6.50
CA PRO B 503 -8.86 23.57 6.24
C PRO B 503 -9.81 23.52 7.44
N ILE B 504 -9.76 22.45 8.22
CA ILE B 504 -10.76 22.24 9.28
C ILE B 504 -10.25 22.69 10.60
N THR B 505 -9.11 22.14 11.05
CA THR B 505 -8.58 22.44 12.39
C THR B 505 -8.03 23.84 12.46
N GLY B 506 -7.45 24.31 11.36
CA GLY B 506 -7.11 25.72 11.21
C GLY B 506 -5.64 26.00 11.46
N ALA B 507 -5.36 27.12 12.13
CA ALA B 507 -3.95 27.58 12.33
C ALA B 507 -3.17 26.64 13.23
N SER B 508 -1.91 26.40 12.90
CA SER B 508 -1.08 25.51 13.73
C SER B 508 -0.64 26.15 15.06
N GLY B 509 -0.34 27.46 15.03
CA GLY B 509 0.33 28.13 16.15
C GLY B 509 1.78 27.72 16.36
N MET B 510 2.39 27.15 15.32
CA MET B 510 3.77 26.70 15.41
C MET B 510 4.57 27.30 14.25
N LYS B 511 5.88 27.21 14.34
CA LYS B 511 6.71 27.72 13.25
C LYS B 511 7.82 26.74 12.90
N MET B 512 8.17 26.70 11.62
CA MET B 512 9.28 25.92 11.13
C MET B 512 10.10 26.82 10.17
N ASN B 513 10.80 27.79 10.75
CA ASN B 513 11.57 28.79 9.99
C ASN B 513 13.07 28.45 9.91
N GLY B 514 13.47 27.28 10.41
CA GLY B 514 14.91 27.04 10.66
C GLY B 514 15.35 27.83 11.91
N PRO B 515 16.66 27.81 12.23
CA PRO B 515 17.72 27.16 11.48
C PRO B 515 17.91 25.65 11.79
N TYR B 516 18.80 25.01 11.01
CA TYR B 516 19.23 23.62 11.24
C TYR B 516 20.75 23.53 11.10
N ASP B 517 21.40 24.70 11.06
CA ASP B 517 22.84 24.71 10.91
C ASP B 517 23.33 26.01 11.55
N TYR B 518 24.63 26.23 11.48
CA TYR B 518 25.25 27.24 12.37
C TYR B 518 24.66 28.66 12.33
N VAL B 519 24.24 29.13 13.50
CA VAL B 519 23.88 30.53 13.76
C VAL B 519 24.51 30.84 15.12
N PRO B 520 24.93 32.11 15.33
CA PRO B 520 25.58 32.47 16.58
C PRO B 520 24.56 32.52 17.73
N PRO B 521 25.05 32.44 19.01
CA PRO B 521 24.12 32.40 20.17
C PRO B 521 23.07 33.53 20.21
N VAL B 522 23.48 34.79 19.86
CA VAL B 522 22.54 35.92 19.88
C VAL B 522 21.38 35.78 18.89
N TYR B 523 21.52 34.95 17.87
CA TYR B 523 20.44 34.77 16.88
C TYR B 523 19.13 34.37 17.58
N TRP B 524 19.25 33.49 18.58
CA TRP B 524 18.09 32.96 19.30
C TRP B 524 17.29 34.00 20.06
N TYR B 525 17.94 35.14 20.37
CA TYR B 525 17.29 36.21 21.10
C TYR B 525 16.54 37.18 20.16
N ASP B 526 16.61 36.94 18.85
CA ASP B 526 15.83 37.74 17.91
C ASP B 526 14.32 37.55 18.01
N LYS B 527 13.59 38.67 17.99
CA LYS B 527 12.15 38.68 17.82
C LYS B 527 11.74 39.61 16.67
N SER B 528 12.70 40.30 16.04
CA SER B 528 12.39 41.20 14.91
C SER B 528 12.15 40.54 13.55
N GLN B 529 12.73 39.36 13.33
CA GLN B 529 12.65 38.72 12.00
C GLN B 529 11.53 37.69 11.96
N LYS B 530 10.40 38.03 11.33
CA LYS B 530 9.24 37.12 11.38
C LYS B 530 9.38 35.83 10.54
N ASP B 531 10.37 35.76 9.63
CA ASP B 531 10.68 34.51 8.91
C ASP B 531 11.80 33.67 9.50
N ARG B 532 12.21 33.94 10.75
CA ARG B 532 13.40 33.22 11.28
C ARG B 532 13.02 32.54 12.61
N GLY B 533 14.00 31.93 13.27
CA GLY B 533 13.76 31.00 14.38
C GLY B 533 14.08 31.55 15.76
N GLY B 534 13.93 32.88 15.94
CA GLY B 534 14.15 33.46 17.26
C GLY B 534 13.13 32.93 18.30
N ALA B 535 13.37 33.27 19.57
CA ALA B 535 12.53 32.80 20.65
C ALA B 535 11.20 33.57 20.69
N TRP B 536 10.25 33.10 19.90
CA TRP B 536 8.89 33.62 19.89
C TRP B 536 8.05 32.54 19.15
N SER B 537 6.77 32.43 19.51
CA SER B 537 5.87 31.40 18.96
C SER B 537 6.36 30.00 19.42
N PHE B 538 5.87 28.94 18.78
CA PHE B 538 6.26 27.58 19.15
C PHE B 538 7.25 27.05 18.15
N ASN B 539 8.51 26.92 18.57
CA ASN B 539 9.62 26.48 17.72
C ASN B 539 9.62 24.96 17.73
N SER B 540 8.98 24.37 16.72
CA SER B 540 8.73 22.90 16.69
C SER B 540 9.93 22.00 16.31
N GLU B 541 11.03 22.60 15.78
CA GLU B 541 12.19 21.80 15.34
C GLU B 541 13.32 22.71 14.87
N THR B 542 14.29 22.95 15.75
CA THR B 542 15.37 23.86 15.33
C THR B 542 16.65 23.64 16.14
N SER B 543 17.78 23.88 15.48
CA SER B 543 19.07 23.82 16.17
C SER B 543 20.11 24.59 15.34
N ALA B 544 21.35 24.59 15.82
CA ALA B 544 22.43 25.22 15.07
C ALA B 544 23.33 24.15 14.40
N GLY B 545 22.79 22.93 14.23
CA GLY B 545 23.38 21.88 13.41
C GLY B 545 24.37 20.88 13.97
N VAL B 546 25.65 21.08 13.64
CA VAL B 546 26.71 20.13 14.01
C VAL B 546 26.85 20.01 15.54
N ASP B 547 26.98 18.77 16.02
CA ASP B 547 27.15 18.44 17.44
C ASP B 547 28.14 17.31 17.43
N ILE B 548 29.41 17.69 17.38
CA ILE B 548 30.50 16.73 17.46
C ILE B 548 30.45 15.98 18.80
N PRO B 549 30.34 14.65 18.75
CA PRO B 549 30.33 13.90 20.00
C PRO B 549 31.67 13.91 20.74
N THR B 550 31.68 13.25 21.90
CA THR B 550 32.89 13.13 22.71
C THR B 550 33.97 12.40 21.91
N MET B 551 35.23 12.59 22.31
CA MET B 551 36.33 11.91 21.60
C MET B 551 36.18 10.38 21.73
N ASP B 552 35.66 9.90 22.86
CA ASP B 552 35.48 8.48 23.05
C ASP B 552 34.51 7.91 22.02
N THR B 553 33.44 8.66 21.74
CA THR B 553 32.49 8.20 20.72
C THR B 553 33.09 8.35 19.34
N LEU B 554 33.76 9.48 19.11
CA LEU B 554 34.41 9.75 17.81
C LEU B 554 35.24 8.56 17.37
N LYS B 555 36.00 8.00 18.32
CA LYS B 555 36.96 6.98 17.96
C LYS B 555 36.32 5.61 17.73
N ARG B 556 35.04 5.47 18.09
CA ARG B 556 34.25 4.23 17.91
C ARG B 556 33.48 4.29 16.60
N MET B 557 33.25 5.48 16.11
CA MET B 557 32.43 5.68 14.90
C MET B 557 33.19 6.01 13.61
N MET B 558 34.44 6.49 13.73
CA MET B 558 35.17 7.00 12.57
C MET B 558 36.63 6.60 12.64
N SER B 559 37.21 6.35 11.45
CA SER B 559 38.64 5.97 11.35
C SER B 559 39.52 7.19 11.62
N ALA B 560 40.79 6.93 11.91
CA ALA B 560 41.74 8.00 12.17
C ALA B 560 41.87 8.94 10.97
N SER B 561 41.81 8.41 9.75
CA SER B 561 41.87 9.31 8.59
C SER B 561 40.59 10.12 8.33
N GLU B 562 39.41 9.53 8.62
CA GLU B 562 38.15 10.30 8.57
C GLU B 562 38.16 11.43 9.59
N LEU B 563 38.66 11.15 10.79
CA LEU B 563 38.79 12.17 11.85
C LEU B 563 39.80 13.25 11.47
N ASP B 564 40.89 12.83 10.84
CA ASP B 564 41.88 13.79 10.32
C ASP B 564 41.27 14.72 9.27
N THR B 565 40.53 14.18 8.30
CA THR B 565 39.78 14.98 7.31
C THR B 565 38.79 15.89 8.00
N MET B 566 38.13 15.39 9.03
CA MET B 566 37.08 16.17 9.71
C MET B 566 37.61 17.53 10.19
N TRP B 567 38.71 17.54 10.92
CA TRP B 567 39.24 18.81 11.45
C TRP B 567 40.03 19.64 10.42
N LYS B 568 40.74 18.98 9.51
CA LYS B 568 41.52 19.69 8.50
C LYS B 568 40.63 20.33 7.45
N ASN B 569 39.53 19.64 7.15
CA ASN B 569 38.62 20.12 6.15
C ASN B 569 37.12 19.84 6.47
N PRO B 570 36.52 20.67 7.33
CA PRO B 570 35.09 20.53 7.66
C PRO B 570 34.15 20.66 6.43
N SER B 571 34.62 21.25 5.30
CA SER B 571 33.86 21.32 4.04
C SER B 571 33.67 19.95 3.37
N ALA B 572 34.49 18.97 3.74
CA ALA B 572 34.37 17.64 3.14
C ALA B 572 33.09 16.91 3.63
N LYS B 573 32.57 16.03 2.76
CA LYS B 573 31.38 15.26 3.09
C LYS B 573 31.69 14.30 4.20
N GLN B 574 30.75 14.14 5.11
CA GLN B 574 30.90 13.17 6.19
C GLN B 574 29.71 12.22 6.12
N TYR B 575 29.99 10.95 5.96
CA TYR B 575 28.93 9.95 5.88
C TYR B 575 28.14 9.95 7.19
N HIS B 576 28.81 10.16 8.33
CA HIS B 576 28.09 10.23 9.62
C HIS B 576 27.38 11.57 9.93
N ARG B 577 27.28 12.44 8.94
CA ARG B 577 26.31 13.51 9.07
C ARG B 577 25.02 13.10 8.37
N SER B 578 24.84 13.44 7.09
CA SER B 578 23.55 13.30 6.42
C SER B 578 23.67 12.93 4.94
N SER B 579 22.70 12.15 4.46
CA SER B 579 22.56 11.86 3.05
C SER B 579 22.16 13.11 2.26
N SER B 580 21.68 14.15 2.96
CA SER B 580 21.30 15.42 2.35
C SER B 580 22.51 16.16 1.82
N ASP B 581 22.40 16.75 0.64
CA ASP B 581 23.47 17.63 0.12
C ASP B 581 23.64 18.87 1.03
N THR B 582 22.53 19.45 1.46
CA THR B 582 22.53 20.64 2.29
C THR B 582 23.30 20.38 3.60
N PHE B 583 23.18 19.17 4.15
CA PHE B 583 23.71 18.82 5.46
C PHE B 583 24.74 17.72 5.36
N GLY B 584 25.41 17.66 4.22
CA GLY B 584 26.36 16.59 4.00
C GLY B 584 27.76 16.82 4.57
N ASN B 585 28.09 18.05 4.94
CA ASN B 585 29.44 18.38 5.40
C ASN B 585 29.35 19.26 6.64
N LEU B 586 30.51 19.72 7.15
CA LEU B 586 30.54 20.55 8.37
C LEU B 586 31.02 21.98 8.08
N LYS B 587 30.80 22.45 6.85
CA LYS B 587 31.39 23.71 6.39
C LYS B 587 30.98 24.95 7.23
N LEU B 588 29.68 25.23 7.34
CA LEU B 588 29.21 26.36 8.13
C LEU B 588 29.73 26.32 9.59
N PHE B 589 29.67 25.14 10.19
CA PHE B 589 30.17 24.95 11.55
C PHE B 589 31.68 25.21 11.68
N GLY B 590 32.46 24.57 10.82
CA GLY B 590 33.93 24.73 10.80
C GLY B 590 34.37 26.15 10.54
N ASP B 591 33.75 26.82 9.57
CA ASP B 591 34.03 28.25 9.31
C ASP B 591 33.77 29.17 10.52
N ALA B 592 32.65 28.97 11.19
CA ALA B 592 32.38 29.75 12.40
C ALA B 592 33.26 29.35 13.60
N LEU B 593 33.63 28.06 13.72
CA LEU B 593 34.53 27.61 14.78
C LEU B 593 35.88 28.30 14.63
N THR B 594 36.42 28.26 13.42
CA THR B 594 37.64 28.99 13.09
C THR B 594 37.53 30.49 13.37
N LYS B 595 36.47 31.11 12.91
CA LYS B 595 36.39 32.56 13.02
C LYS B 595 36.15 33.08 14.44
N ARG B 596 35.50 32.26 15.26
CA ARG B 596 35.14 32.73 16.60
C ARG B 596 35.91 32.24 17.82
N TYR B 597 36.18 30.96 17.94
CA TYR B 597 37.38 30.33 18.47
C TYR B 597 38.83 30.33 18.02
N GLY B 598 39.13 30.66 16.76
CA GLY B 598 40.52 30.44 16.26
C GLY B 598 40.72 29.09 15.55
N ALA B 599 41.57 29.11 14.52
CA ALA B 599 41.87 27.91 13.73
C ALA B 599 42.33 26.75 14.62
N SER B 600 41.88 25.54 14.30
CA SER B 600 42.27 24.35 15.03
C SER B 600 43.70 23.90 14.75
N ALA B 601 44.42 23.59 15.82
CA ALA B 601 45.81 23.21 15.68
C ALA B 601 45.95 21.74 15.31
N ASN B 602 44.91 20.96 15.64
CA ASN B 602 44.90 19.51 15.53
C ASN B 602 43.53 18.97 15.93
N LEU B 603 43.37 17.64 15.87
CA LEU B 603 42.06 17.03 16.17
C LEU B 603 41.54 17.41 17.59
N ASN B 604 42.38 17.22 18.62
CA ASN B 604 42.01 17.56 20.00
C ASN B 604 41.54 18.99 20.16
N ASP B 605 42.21 19.92 19.45
CA ASP B 605 41.85 21.34 19.49
C ASP B 605 40.44 21.55 18.89
N PHE B 606 40.21 20.96 17.72
CA PHE B 606 38.94 21.11 17.00
C PHE B 606 37.82 20.62 17.93
N VAL B 607 38.07 19.47 18.56
CA VAL B 607 37.04 18.81 19.35
C VAL B 607 36.72 19.59 20.64
N ARG B 608 37.74 20.06 21.35
CA ARG B 608 37.49 20.84 22.54
C ARG B 608 36.80 22.17 22.20
N LYS B 609 37.15 22.80 21.06
CA LYS B 609 36.45 24.03 20.65
C LYS B 609 35.00 23.71 20.26
N ALA B 610 34.80 22.59 19.58
CA ALA B 610 33.44 22.14 19.19
C ALA B 610 32.55 22.01 20.44
N GLN B 611 33.09 21.46 21.53
CA GLN B 611 32.27 21.29 22.77
C GLN B 611 31.91 22.65 23.35
N LEU B 612 32.83 23.62 23.33
CA LEU B 612 32.51 24.94 23.85
C LEU B 612 31.46 25.59 22.96
N SER B 613 31.65 25.47 21.64
CA SER B 613 30.71 26.03 20.67
C SER B 613 29.29 25.42 20.87
N GLN B 614 29.24 24.10 21.06
CA GLN B 614 27.97 23.41 21.21
C GLN B 614 27.27 23.75 22.53
N TYR B 615 28.04 23.71 23.62
CA TYR B 615 27.57 24.14 24.94
C TYR B 615 27.04 25.57 24.85
N GLU B 616 27.88 26.50 24.39
CA GLU B 616 27.46 27.92 24.20
C GLU B 616 26.12 28.08 23.42
N ASN B 617 26.03 27.37 22.30
CA ASN B 617 24.93 27.63 21.43
C ASN B 617 23.66 26.99 21.95
N VAL B 618 23.78 25.72 22.36
CA VAL B 618 22.58 24.97 22.84
C VAL B 618 22.04 25.66 24.09
N ARG B 619 22.96 26.11 24.95
CA ARG B 619 22.53 26.85 26.15
C ARG B 619 21.72 28.13 25.78
N ALA B 620 22.25 28.95 24.88
CA ALA B 620 21.55 30.16 24.39
C ALA B 620 20.22 29.86 23.76
N GLU B 621 20.15 28.75 23.01
CA GLU B 621 18.89 28.40 22.34
C GLU B 621 17.77 28.17 23.38
N PHE B 622 18.05 27.35 24.38
CA PHE B 622 17.06 27.13 25.45
C PHE B 622 16.84 28.36 26.31
N GLU B 623 17.91 29.04 26.73
CA GLU B 623 17.77 30.17 27.68
C GLU B 623 16.91 31.31 27.11
N SER B 624 17.09 31.62 25.84
CA SER B 624 16.24 32.61 25.14
C SER B 624 14.76 32.27 25.20
N HIS B 625 14.44 31.02 24.88
CA HIS B 625 13.06 30.55 24.90
C HIS B 625 12.47 30.54 26.33
N SER B 626 13.29 30.20 27.35
CA SER B 626 12.80 30.28 28.74
C SER B 626 12.50 31.75 29.11
N ARG B 627 13.41 32.66 28.75
CA ARG B 627 13.21 34.07 29.12
C ARG B 627 11.98 34.69 28.42
N ASN B 628 11.86 34.44 27.12
CA ASN B 628 10.78 35.06 26.33
C ASN B 628 9.42 34.40 26.54
N TYR B 629 9.35 33.36 27.37
CA TYR B 629 8.07 32.64 27.58
C TYR B 629 6.98 33.54 28.23
N THR B 630 7.45 34.43 29.11
CA THR B 630 6.54 35.34 29.78
C THR B 630 6.48 36.76 29.18
N ASP B 631 6.96 36.97 27.96
CA ASP B 631 6.71 38.27 27.27
C ASP B 631 5.21 38.49 27.07
N SER B 632 4.71 39.73 27.16
CA SER B 632 3.26 39.98 26.95
C SER B 632 2.84 39.79 25.52
N THR B 633 3.78 40.07 24.61
CA THR B 633 3.50 40.05 23.18
C THR B 633 4.45 39.05 22.56
N ASN B 634 3.89 38.19 21.72
CA ASN B 634 4.66 37.16 21.06
C ASN B 634 5.62 36.40 21.94
N PRO B 635 5.10 35.80 22.99
CA PRO B 635 6.04 35.02 23.79
C PRO B 635 6.49 33.78 23.02
N SER B 636 7.64 33.22 23.43
CA SER B 636 7.97 31.85 23.02
C SER B 636 7.07 30.88 23.85
N THR B 637 6.51 29.87 23.19
CA THR B 637 5.57 28.96 23.84
C THR B 637 6.08 27.51 23.75
N GLY B 638 7.12 27.27 22.95
CA GLY B 638 7.62 25.93 22.85
C GLY B 638 8.96 25.92 22.16
N LEU B 639 9.81 24.96 22.56
CA LEU B 639 11.09 24.74 21.83
C LEU B 639 11.37 23.24 21.75
N ILE B 640 11.51 22.75 20.53
CA ILE B 640 11.90 21.36 20.30
C ILE B 640 13.28 21.39 19.64
N TYR B 641 14.31 21.09 20.42
CA TYR B 641 15.68 21.06 19.88
C TYR B 641 15.78 19.96 18.79
N TRP B 642 16.41 20.31 17.67
CA TRP B 642 16.67 19.35 16.59
C TRP B 642 18.11 18.78 16.62
N MET B 643 18.32 17.61 17.21
CA MET B 643 17.29 16.74 17.78
C MET B 643 17.80 16.26 19.15
N LEU B 644 16.93 15.60 19.91
CA LEU B 644 17.34 15.05 21.20
C LEU B 644 18.51 14.08 21.04
N ASN B 645 18.41 13.23 20.04
CA ASN B 645 19.34 12.14 19.86
C ASN B 645 19.32 11.80 18.37
N SER B 646 20.16 10.83 17.99
CA SER B 646 20.37 10.45 16.58
C SER B 646 20.01 8.96 16.41
N PRO B 647 19.58 8.55 15.21
CA PRO B 647 19.29 7.12 14.97
C PRO B 647 20.56 6.26 15.00
N TRP B 648 21.73 6.89 14.95
CA TRP B 648 22.96 6.12 14.89
C TRP B 648 24.08 7.02 15.37
N THR B 649 25.33 6.55 15.16
CA THR B 649 26.51 7.40 15.42
C THR B 649 26.53 8.61 14.47
N SER B 650 26.46 9.80 15.06
CA SER B 650 26.24 11.01 14.26
C SER B 650 27.20 12.18 14.59
N LEU B 651 27.33 13.10 13.64
CA LEU B 651 28.02 14.37 13.85
C LEU B 651 27.06 15.52 14.03
N HIS B 652 25.74 15.29 14.01
CA HIS B 652 24.84 16.45 14.08
C HIS B 652 23.55 16.19 14.84
N TRP B 653 22.82 17.27 15.11
CA TRP B 653 21.43 17.25 15.56
C TRP B 653 21.24 16.20 16.69
N GLN B 654 21.95 16.41 17.80
CA GLN B 654 21.80 15.47 18.93
C GLN B 654 22.25 16.13 20.21
N LEU B 655 21.67 15.68 21.32
CA LEU B 655 22.13 16.09 22.63
C LEU B 655 22.96 14.94 23.22
N PHE B 656 22.38 13.75 23.36
CA PHE B 656 23.19 12.58 23.72
C PHE B 656 23.39 11.82 22.43
N ASP B 657 24.55 11.15 22.35
CA ASP B 657 24.92 10.38 21.16
C ASP B 657 24.39 8.93 21.26
N ALA B 658 24.64 8.15 20.21
CA ALA B 658 24.18 6.77 20.10
C ALA B 658 24.65 5.88 21.25
N TYR B 659 25.76 6.25 21.87
CA TYR B 659 26.30 5.46 22.96
C TYR B 659 25.90 5.98 24.32
N MET B 660 24.97 6.96 24.33
CA MET B 660 24.53 7.60 25.59
C MET B 660 25.62 8.48 26.22
N ASP B 661 26.66 8.84 25.45
CA ASP B 661 27.66 9.74 25.98
C ASP B 661 27.16 11.18 25.92
N GLN B 662 27.77 12.04 26.73
CA GLN B 662 27.29 13.36 27.01
C GLN B 662 28.43 14.34 26.71
N ASN B 663 28.19 15.24 25.76
CA ASN B 663 29.23 16.17 25.29
C ASN B 663 28.82 17.62 25.62
N GLY B 664 29.46 18.61 24.98
CA GLY B 664 29.15 20.04 25.22
C GLY B 664 27.70 20.40 24.96
N ALA B 665 27.10 19.86 23.89
CA ALA B 665 25.65 20.12 23.64
C ALA B 665 24.78 19.60 24.79
N TYR B 666 25.08 18.36 25.23
CA TYR B 666 24.39 17.74 26.34
C TYR B 666 24.45 18.64 27.56
N TYR B 667 25.67 19.03 27.94
CA TYR B 667 25.82 19.84 29.15
C TYR B 667 25.25 21.25 29.05
N GLY B 668 25.35 21.86 27.86
CA GLY B 668 24.74 23.20 27.64
C GLY B 668 23.23 23.14 27.79
N ALA B 669 22.60 22.10 27.22
CA ALA B 669 21.13 21.92 27.43
C ALA B 669 20.77 21.70 28.90
N LYS B 670 21.53 20.82 29.56
CA LYS B 670 21.31 20.47 30.98
C LYS B 670 21.46 21.81 31.79
N LYS B 671 22.48 22.61 31.48
CA LYS B 671 22.68 23.89 32.16
C LYS B 671 21.48 24.80 31.98
N ALA B 672 21.01 24.97 30.73
CA ALA B 672 19.92 25.90 30.52
C ALA B 672 18.60 25.52 31.20
N ASN B 673 18.36 24.22 31.40
CA ASN B 673 17.07 23.74 31.86
C ASN B 673 17.09 23.34 33.32
N GLU B 674 18.04 23.87 34.07
CA GLU B 674 18.02 23.62 35.54
C GLU B 674 16.73 24.17 36.17
N PRO B 675 16.23 23.52 37.24
CA PRO B 675 14.92 23.87 37.82
C PRO B 675 14.90 25.29 38.43
N LEU B 676 16.04 25.72 38.97
CA LEU B 676 16.22 27.03 39.56
C LEU B 676 17.55 27.52 38.99
N HIS B 677 17.45 28.46 38.04
CA HIS B 677 18.51 28.68 37.09
C HIS B 677 18.84 30.15 36.93
N ILE B 678 20.11 30.44 36.78
CA ILE B 678 20.53 31.82 36.48
C ILE B 678 21.22 31.86 35.12
N GLN B 679 20.93 32.90 34.35
CA GLN B 679 21.43 32.96 32.98
C GLN B 679 21.74 34.41 32.57
N TYR B 680 22.58 34.51 31.53
CA TYR B 680 23.01 35.78 30.95
C TYR B 680 22.37 35.94 29.57
N SER B 681 21.70 37.06 29.38
CA SER B 681 21.03 37.35 28.12
C SER B 681 22.01 37.90 27.09
N HIS B 682 22.34 37.12 26.05
CA HIS B 682 23.27 37.60 25.00
C HIS B 682 22.87 38.90 24.26
N ASP B 683 21.57 39.16 24.14
CA ASP B 683 21.08 40.39 23.50
C ASP B 683 21.27 41.68 24.34
N ASN B 684 20.78 41.71 25.59
CA ASN B 684 20.74 42.96 26.38
C ASN B 684 21.54 42.94 27.68
N ARG B 685 22.31 41.86 27.88
CA ARG B 685 23.18 41.69 29.05
C ARG B 685 22.42 41.60 30.39
N SER B 686 21.11 41.40 30.35
CA SER B 686 20.36 41.17 31.60
C SER B 686 20.72 39.82 32.22
N VAL B 687 20.84 39.81 33.53
CA VAL B 687 21.05 38.56 34.27
C VAL B 687 19.67 38.14 34.81
N VAL B 688 19.20 36.99 34.37
CA VAL B 688 17.81 36.59 34.59
C VAL B 688 17.74 35.27 35.40
N VAL B 689 16.80 35.19 36.33
CA VAL B 689 16.57 33.96 37.07
C VAL B 689 15.29 33.31 36.52
N ILE B 690 15.34 32.01 36.26
CA ILE B 690 14.17 31.23 35.83
C ILE B 690 13.88 30.16 36.89
N ASN B 691 12.59 30.07 37.23
CA ASN B 691 12.08 29.09 38.19
C ASN B 691 11.17 28.12 37.46
N GLN B 692 11.67 26.89 37.22
CA GLN B 692 10.91 25.88 36.43
C GLN B 692 10.01 25.08 37.36
N THR B 693 10.27 25.17 38.67
CA THR B 693 9.55 24.34 39.67
C THR B 693 8.08 24.71 39.85
N SER B 694 7.34 23.83 40.51
CA SER B 694 5.91 24.10 40.63
C SER B 694 5.56 25.07 41.78
N ASN B 695 6.57 25.58 42.51
CA ASN B 695 6.34 26.51 43.61
C ASN B 695 7.10 27.80 43.45
N ALA B 696 6.47 28.93 43.78
CA ALA B 696 7.17 30.23 43.85
C ALA B 696 8.31 30.09 44.86
N VAL B 697 9.41 30.80 44.58
CA VAL B 697 10.61 30.79 45.42
C VAL B 697 10.95 32.23 45.78
N SER B 698 11.50 32.43 46.97
CA SER B 698 11.91 33.76 47.37
C SER B 698 13.19 33.72 48.19
N GLY B 699 13.72 34.90 48.54
CA GLY B 699 14.93 35.00 49.31
C GLY B 699 16.13 34.48 48.53
N LEU B 700 16.11 34.62 47.20
CA LEU B 700 17.23 34.19 46.37
C LEU B 700 18.27 35.30 46.23
N THR B 701 19.55 34.93 46.25
CA THR B 701 20.62 35.86 45.78
C THR B 701 21.37 35.47 44.54
N ALA B 702 21.45 36.46 43.67
CA ALA B 702 22.22 36.43 42.42
C ALA B 702 23.48 37.29 42.52
N THR B 703 24.61 36.62 42.36
CA THR B 703 25.90 37.27 42.31
C THR B 703 26.39 37.19 40.86
N THR B 704 26.74 38.34 40.29
CA THR B 704 27.35 38.35 38.96
C THR B 704 28.70 39.07 38.90
N LYS B 705 29.69 38.40 38.32
CA LYS B 705 31.05 38.95 38.21
C LYS B 705 31.58 38.83 36.79
N LEU B 706 32.34 39.84 36.34
CA LEU B 706 33.09 39.74 35.08
C LEU B 706 34.57 39.67 35.41
N TYR B 707 35.28 38.80 34.71
CA TYR B 707 36.71 38.66 34.81
C TYR B 707 37.35 38.78 33.44
N ASN B 708 38.47 39.47 33.36
CA ASN B 708 39.40 39.28 32.24
C ASN B 708 40.06 37.93 32.26
N LEU B 709 40.60 37.51 31.12
CA LEU B 709 41.25 36.20 31.03
C LEU B 709 42.49 36.05 31.91
N ASP B 710 43.09 37.18 32.30
CA ASP B 710 44.24 37.13 33.24
C ASP B 710 43.75 36.93 34.70
N GLY B 711 42.42 36.94 34.88
CA GLY B 711 41.79 36.64 36.17
C GLY B 711 41.41 37.87 36.97
N THR B 712 41.69 39.04 36.42
CA THR B 712 41.29 40.32 37.00
C THR B 712 39.78 40.47 37.02
N GLU B 713 39.24 40.79 38.20
CA GLU B 713 37.85 41.04 38.33
C GLU B 713 37.55 42.44 37.81
N LYS B 714 36.52 42.57 36.98
CA LYS B 714 36.20 43.84 36.32
C LYS B 714 34.85 44.41 36.66
N TYR B 715 33.99 43.60 37.26
CA TYR B 715 32.60 43.98 37.53
C TYR B 715 32.09 43.02 38.61
N SER B 716 31.30 43.56 39.53
CA SER B 716 30.69 42.78 40.59
C SER B 716 29.31 43.35 40.89
N ASN B 717 28.36 42.45 41.13
CA ASN B 717 27.03 42.83 41.59
C ASN B 717 26.46 41.72 42.43
N THR B 718 25.86 42.09 43.55
CA THR B 718 25.12 41.15 44.41
C THR B 718 23.69 41.65 44.58
N LYS B 719 22.74 40.79 44.22
CA LYS B 719 21.32 41.14 44.26
C LYS B 719 20.62 40.15 45.16
N THR B 720 20.10 40.65 46.28
CA THR B 720 19.45 39.82 47.26
C THR B 720 17.96 39.99 47.17
N GLY B 721 17.24 39.12 47.86
CA GLY B 721 15.79 39.23 47.99
C GLY B 721 14.98 38.99 46.73
N LEU B 722 15.53 38.19 45.82
CA LEU B 722 14.86 37.91 44.56
C LEU B 722 13.76 36.87 44.77
N SER B 723 12.54 37.18 44.32
CA SER B 723 11.50 36.11 44.22
C SER B 723 11.08 35.84 42.79
N VAL B 724 10.70 34.59 42.52
CA VAL B 724 10.38 34.20 41.16
C VAL B 724 9.21 33.21 41.21
N GLY B 725 8.22 33.44 40.35
CA GLY B 725 6.98 32.65 40.35
C GLY B 725 7.22 31.29 39.74
N ALA B 726 6.20 30.43 39.82
CA ALA B 726 6.33 29.02 39.41
C ALA B 726 6.38 28.81 37.90
N LEU B 727 6.82 27.61 37.52
CA LEU B 727 6.56 27.05 36.19
C LEU B 727 7.02 27.91 35.02
N GLY B 728 8.24 28.41 35.14
CA GLY B 728 8.90 29.06 34.04
C GLY B 728 8.92 30.58 34.14
N ALA B 729 8.32 31.14 35.21
CA ALA B 729 8.39 32.60 35.45
C ALA B 729 9.85 33.07 35.69
N LYS B 730 10.07 34.37 35.59
CA LYS B 730 11.46 34.89 35.66
C LYS B 730 11.55 36.17 36.51
N ALA B 731 12.79 36.57 36.80
CA ALA B 731 13.03 37.89 37.42
C ALA B 731 14.42 38.31 36.98
N THR B 732 14.59 39.60 36.71
CA THR B 732 15.89 40.18 36.37
C THR B 732 16.62 40.53 37.67
N ALA B 733 17.84 40.02 37.82
CA ALA B 733 18.73 40.38 38.93
C ALA B 733 19.40 41.77 38.69
N VAL B 734 19.94 41.97 37.49
CA VAL B 734 20.70 43.18 37.17
C VAL B 734 20.90 43.18 35.65
N THR B 735 21.12 44.35 35.07
CA THR B 735 21.61 44.43 33.67
C THR B 735 23.06 44.91 33.75
N VAL B 736 23.98 44.03 33.34
CA VAL B 736 25.41 44.32 33.33
C VAL B 736 25.63 45.59 32.46
N PRO B 737 26.22 46.66 33.02
CA PRO B 737 26.48 47.86 32.22
C PRO B 737 27.64 47.64 31.23
N ALA B 738 27.84 48.61 30.32
CA ALA B 738 29.08 48.68 29.55
C ALA B 738 30.18 48.79 30.59
N VAL B 739 31.14 47.88 30.54
CA VAL B 739 32.20 47.83 31.53
C VAL B 739 33.47 48.09 30.79
N SER B 740 34.25 49.07 31.27
CA SER B 740 35.57 49.40 30.71
C SER B 740 36.68 48.39 30.96
N GLY B 741 37.64 48.29 30.04
CA GLY B 741 38.87 47.54 30.27
C GLY B 741 38.77 46.02 30.21
N LEU B 742 37.73 45.52 29.55
CA LEU B 742 37.52 44.09 29.40
C LEU B 742 38.50 43.57 28.33
N SER B 743 39.10 42.40 28.59
CA SER B 743 39.87 41.67 27.60
C SER B 743 38.94 41.21 26.46
N THR B 744 39.51 40.97 25.27
CA THR B 744 38.67 40.79 24.07
C THR B 744 37.76 39.58 24.18
N THR B 745 38.29 38.52 24.77
CA THR B 745 37.50 37.42 25.30
C THR B 745 37.56 37.58 26.82
N TYR B 746 36.40 37.47 27.44
CA TYR B 746 36.29 37.65 28.88
C TYR B 746 35.26 36.64 29.45
N LEU B 747 35.20 36.57 30.78
CA LEU B 747 34.30 35.65 31.46
C LEU B 747 33.22 36.37 32.26
N ALA B 748 32.01 35.80 32.24
CA ALA B 748 30.91 36.26 33.12
C ALA B 748 30.56 35.07 34.01
N LYS B 749 30.59 35.30 35.33
CA LYS B 749 30.38 34.23 36.28
C LYS B 749 29.11 34.58 37.09
N ASN B 750 28.04 33.78 36.89
CA ASN B 750 26.74 33.97 37.54
C ASN B 750 26.54 32.84 38.57
N VAL B 751 26.12 33.20 39.78
CA VAL B 751 25.81 32.20 40.79
C VAL B 751 24.50 32.59 41.50
N LEU B 752 23.65 31.58 41.64
CA LEU B 752 22.39 31.72 42.32
C LEU B 752 22.44 30.90 43.61
N THR B 753 22.06 31.54 44.71
CA THR B 753 22.04 30.87 46.02
C THR B 753 20.67 31.03 46.67
N ASP B 754 20.20 29.98 47.32
CA ASP B 754 18.85 30.06 47.92
C ASP B 754 18.91 30.68 49.34
N SER B 755 17.74 30.83 49.98
CA SER B 755 17.70 31.54 51.26
C SER B 755 18.48 30.81 52.35
N SER B 756 18.72 29.53 52.15
CA SER B 756 19.40 28.71 53.12
C SER B 756 20.91 28.83 52.95
N GLY B 757 21.36 29.44 51.86
CA GLY B 757 22.79 29.59 51.62
C GLY B 757 23.32 28.55 50.64
N LYS B 758 22.44 27.74 50.04
CA LYS B 758 22.88 26.70 49.12
C LYS B 758 23.08 27.26 47.70
N GLU B 759 24.20 26.91 47.08
CA GLU B 759 24.37 27.30 45.69
C GLU B 759 23.43 26.40 44.86
N VAL B 760 22.50 27.00 44.14
CA VAL B 760 21.53 26.23 43.34
C VAL B 760 21.81 26.29 41.82
N SER B 761 22.55 27.30 41.35
CA SER B 761 22.90 27.40 39.91
C SER B 761 24.22 28.11 39.81
N ARG B 762 25.13 27.54 39.02
CA ARG B 762 26.40 28.22 38.64
C ARG B 762 26.38 28.20 37.11
N ASN B 763 26.69 29.34 36.48
CA ASN B 763 26.63 29.43 35.01
C ASN B 763 27.73 30.40 34.53
N VAL B 764 28.66 29.89 33.72
CA VAL B 764 29.81 30.72 33.35
C VAL B 764 29.78 30.90 31.84
N TYR B 765 29.87 32.15 31.40
CA TYR B 765 29.89 32.52 29.96
C TYR B 765 31.23 33.04 29.50
N TRP B 766 31.67 32.60 28.34
CA TRP B 766 32.83 33.17 27.68
C TRP B 766 32.28 34.09 26.59
N LEU B 767 32.57 35.38 26.75
CA LEU B 767 31.96 36.47 25.99
C LEU B 767 33.07 37.26 25.28
N SER B 768 32.71 38.03 24.27
CA SER B 768 33.67 38.86 23.56
C SER B 768 33.23 40.30 23.56
N THR B 769 34.19 41.23 23.60
CA THR B 769 33.86 42.64 23.38
C THR B 769 33.45 42.90 21.90
N LYS B 770 33.73 41.93 21.04
CA LYS B 770 33.29 41.99 19.65
C LYS B 770 32.04 41.11 19.43
N ALA B 771 30.96 41.70 18.95
CA ALA B 771 29.68 40.99 18.85
C ALA B 771 29.56 40.13 17.62
N ASP B 772 28.89 38.98 17.77
CA ASP B 772 28.26 38.32 16.60
C ASP B 772 27.15 39.23 16.13
N THR B 773 27.08 39.46 14.81
CA THR B 773 25.92 40.14 14.22
C THR B 773 25.46 39.34 13.01
N LEU B 774 24.17 39.46 12.73
CA LEU B 774 23.55 38.69 11.68
C LEU B 774 23.35 39.48 10.40
N ASN B 775 23.70 38.82 9.31
CA ASN B 775 23.31 39.31 8.00
C ASN B 775 21.98 38.68 7.62
N TRP B 776 20.88 39.28 8.10
CA TRP B 776 19.56 38.70 7.91
C TRP B 776 19.20 38.52 6.44
N GLY B 777 19.56 39.49 5.61
CA GLY B 777 19.14 39.49 4.21
C GLY B 777 19.76 38.36 3.42
N GLY B 778 20.90 37.83 3.89
CA GLY B 778 21.53 36.71 3.24
C GLY B 778 21.05 35.34 3.73
N SER B 779 19.97 35.31 4.54
CA SER B 779 19.46 34.04 5.12
C SER B 779 18.96 33.11 4.04
N ASP B 780 19.21 31.82 4.27
CA ASP B 780 18.58 30.74 3.54
C ASP B 780 17.55 30.07 4.49
N TRP B 781 16.83 29.07 4.00
CA TRP B 781 15.76 28.47 4.81
C TRP B 781 16.31 27.80 6.10
N TYR B 782 17.59 27.44 6.08
CA TYR B 782 18.20 26.59 7.13
C TYR B 782 19.28 27.29 7.97
N TYR B 783 19.54 28.57 7.66
CA TYR B 783 20.50 29.36 8.42
C TYR B 783 20.49 30.85 8.07
N THR B 784 21.13 31.64 8.94
CA THR B 784 21.41 33.05 8.66
C THR B 784 22.94 33.25 8.81
N PRO B 785 23.61 33.79 7.75
CA PRO B 785 25.06 34.07 7.83
C PRO B 785 25.34 35.27 8.76
N GLN B 786 26.59 35.42 9.20
CA GLN B 786 26.97 36.50 10.07
C GLN B 786 27.52 37.70 9.29
N SER B 787 27.12 38.90 9.70
CA SER B 787 27.79 40.13 9.26
C SER B 787 29.08 40.46 10.06
N ALA B 788 29.14 39.98 11.32
CA ALA B 788 30.37 39.98 12.12
C ALA B 788 30.42 38.76 13.03
N PHE B 789 31.64 38.39 13.43
CA PHE B 789 31.89 37.23 14.29
C PHE B 789 32.53 37.67 15.59
N ALA B 790 32.01 37.13 16.70
CA ALA B 790 32.61 37.33 18.01
C ALA B 790 34.02 36.85 18.02
N ASP B 791 34.82 37.43 18.92
CA ASP B 791 36.15 36.96 19.10
C ASP B 791 36.34 36.28 20.48
N LEU B 792 36.26 34.95 20.47
CA LEU B 792 36.45 34.08 21.65
C LEU B 792 37.82 33.43 21.65
N SER B 793 38.72 33.86 20.76
CA SER B 793 40.01 33.21 20.61
C SER B 793 40.98 33.43 21.78
N GLY B 794 40.67 34.38 22.66
CA GLY B 794 41.45 34.56 23.90
C GLY B 794 41.58 33.28 24.72
N LEU B 795 40.60 32.38 24.57
CA LEU B 795 40.61 31.15 25.34
C LEU B 795 41.79 30.27 25.01
N ASN B 796 42.32 30.34 23.78
CA ASN B 796 43.49 29.58 23.39
C ASN B 796 44.68 29.91 24.36
N ASN B 797 44.68 31.13 24.89
CA ASN B 797 45.81 31.59 25.70
C ASN B 797 45.49 31.69 27.19
N LEU B 798 44.35 31.14 27.60
CA LEU B 798 44.00 31.20 29.00
C LEU B 798 45.07 30.42 29.78
N GLY B 799 45.62 31.04 30.81
CA GLY B 799 46.70 30.40 31.52
C GLY B 799 46.24 29.14 32.23
N GLN B 800 47.19 28.23 32.47
CA GLN B 800 46.91 26.98 33.17
C GLN B 800 46.49 27.21 34.62
N SER B 801 45.58 26.37 35.08
CA SER B 801 45.12 26.41 36.45
C SER B 801 45.20 24.98 36.95
N ALA B 802 44.49 24.65 38.03
CA ALA B 802 44.59 23.32 38.60
C ALA B 802 43.35 22.97 39.42
N VAL B 803 43.06 21.66 39.47
CA VAL B 803 41.96 21.04 40.21
C VAL B 803 42.56 19.67 40.62
N GLY B 804 42.40 19.07 41.79
CA GLY B 804 41.62 19.40 42.94
C GLY B 804 40.56 18.31 43.09
N ALA B 805 40.85 17.01 43.00
CA ALA B 805 39.74 15.98 43.00
C ALA B 805 39.79 14.82 43.98
N THR B 806 38.67 14.55 44.64
CA THR B 806 38.49 13.36 45.45
C THR B 806 37.20 12.64 45.04
N ALA B 807 37.24 11.30 44.96
CA ALA B 807 36.02 10.51 44.59
C ALA B 807 35.82 9.28 45.48
N ASN B 808 34.56 8.95 45.78
CA ASN B 808 34.18 7.68 46.42
C ASN B 808 32.84 7.21 45.81
N SER B 809 32.58 5.89 45.92
CA SER B 809 31.36 5.29 45.38
C SER B 809 30.63 4.41 46.39
N VAL B 810 29.31 4.40 46.29
CA VAL B 810 28.48 3.45 47.07
C VAL B 810 27.72 2.55 46.10
N ALA B 811 27.91 1.23 46.20
CA ALA B 811 27.13 0.23 45.43
C ALA B 811 25.84 -0.09 46.18
N GLY B 812 24.71 0.44 45.70
CA GLY B 812 23.39 0.28 46.38
C GLY B 812 22.73 -1.07 46.14
N ALA B 813 21.82 -1.44 47.05
CA ALA B 813 21.05 -2.70 46.96
C ALA B 813 20.13 -2.78 45.72
N ASP B 814 19.85 -1.63 45.11
CA ASP B 814 18.98 -1.53 43.95
C ASP B 814 19.73 -1.72 42.62
N GLY B 815 21.01 -2.08 42.71
CA GLY B 815 21.83 -2.34 41.53
C GLY B 815 22.42 -1.10 40.90
N THR B 816 22.31 0.03 41.60
CA THR B 816 22.93 1.26 41.10
C THR B 816 24.17 1.63 41.95
N THR B 817 25.14 2.29 41.33
CA THR B 817 26.27 2.88 42.06
C THR B 817 26.13 4.39 42.00
N THR B 818 26.43 5.04 43.11
CA THR B 818 26.51 6.49 43.14
C THR B 818 27.96 6.84 43.40
N THR B 819 28.56 7.63 42.51
CA THR B 819 29.94 8.10 42.71
C THR B 819 29.87 9.58 43.04
N THR B 820 30.53 9.98 44.12
CA THR B 820 30.52 11.35 44.64
C THR B 820 31.94 11.91 44.38
N VAL B 821 32.00 13.05 43.71
CA VAL B 821 33.29 13.65 43.41
C VAL B 821 33.37 15.06 43.91
N THR B 822 34.45 15.36 44.63
CA THR B 822 34.66 16.70 45.16
C THR B 822 35.81 17.37 44.42
N LEU B 823 35.50 18.49 43.77
CA LEU B 823 36.50 19.24 43.03
C LEU B 823 36.79 20.54 43.71
N LYS B 824 38.04 20.96 43.62
CA LYS B 824 38.48 22.17 44.34
C LYS B 824 39.51 22.89 43.47
N ASN B 825 39.40 24.21 43.33
CA ASN B 825 40.45 24.92 42.61
C ASN B 825 41.69 24.98 43.51
N THR B 826 42.74 24.20 43.13
CA THR B 826 43.97 24.09 43.92
C THR B 826 45.14 24.94 43.39
N SER B 827 44.79 26.05 42.75
CA SER B 827 45.78 26.98 42.24
C SER B 827 46.03 28.17 43.18
N GLY B 828 47.26 28.68 43.14
CA GLY B 828 47.64 29.81 43.97
C GLY B 828 47.58 31.14 43.24
N GLY B 829 47.05 31.14 42.00
CA GLY B 829 46.89 32.37 41.23
C GLY B 829 45.51 33.00 41.28
N ARG B 830 45.14 33.67 40.20
CA ARG B 830 43.82 34.25 40.12
C ARG B 830 42.97 33.50 39.08
N LEU B 831 43.59 32.55 38.38
CA LEU B 831 42.93 31.90 37.22
C LEU B 831 41.89 30.84 37.61
N PRO B 832 40.68 30.89 37.01
CA PRO B 832 39.72 29.79 37.24
C PRO B 832 40.15 28.49 36.57
N ALA B 833 39.69 27.39 37.13
CA ALA B 833 39.78 26.09 36.48
C ALA B 833 38.49 26.04 35.63
N PHE B 834 38.66 26.15 34.32
CA PHE B 834 37.56 26.47 33.40
C PHE B 834 37.14 25.23 32.66
N TYR B 835 35.82 25.00 32.63
CA TYR B 835 35.20 23.94 31.84
C TYR B 835 35.79 22.58 32.18
N VAL B 836 35.53 22.14 33.42
CA VAL B 836 36.08 20.91 33.96
C VAL B 836 35.03 19.76 33.83
N ASP B 837 35.39 18.74 33.06
CA ASP B 837 34.47 17.66 32.69
C ASP B 837 34.89 16.40 33.45
N SER B 838 33.97 15.87 34.26
CA SER B 838 34.23 14.66 35.02
C SER B 838 33.50 13.50 34.38
N LYS B 839 34.19 12.37 34.22
CA LYS B 839 33.64 11.21 33.52
C LYS B 839 33.87 9.95 34.38
N VAL B 840 32.80 9.19 34.63
CA VAL B 840 32.94 7.89 35.27
C VAL B 840 33.55 6.95 34.25
N VAL B 841 34.68 6.35 34.59
CA VAL B 841 35.36 5.47 33.64
C VAL B 841 35.73 4.17 34.32
N ASP B 842 35.96 3.14 33.54
CA ASP B 842 36.42 1.88 34.16
C ASP B 842 37.95 1.91 34.29
N SER B 843 38.55 0.77 34.63
CA SER B 843 40.01 0.71 34.76
C SER B 843 40.79 0.85 33.45
N ALA B 844 40.15 0.64 32.31
CA ALA B 844 40.78 0.92 31.03
C ALA B 844 40.60 2.37 30.54
N GLY B 845 39.86 3.20 31.29
CA GLY B 845 39.63 4.60 30.86
C GLY B 845 38.41 4.82 29.96
N LYS B 846 37.58 3.78 29.85
CA LYS B 846 36.42 3.81 28.99
C LYS B 846 35.20 4.29 29.79
N PRO B 847 34.47 5.29 29.26
CA PRO B 847 33.31 5.81 29.94
C PRO B 847 32.30 4.72 30.34
N VAL B 848 31.79 4.81 31.57
CA VAL B 848 30.70 3.95 31.98
C VAL B 848 29.36 4.64 31.60
N LEU B 849 28.56 4.01 30.73
CA LEU B 849 27.36 4.63 30.17
C LEU B 849 26.18 3.61 30.17
N PRO B 850 24.92 4.09 30.31
CA PRO B 850 24.51 5.48 30.51
C PRO B 850 24.93 5.97 31.91
N VAL B 851 24.86 7.29 32.12
CA VAL B 851 25.27 7.88 33.40
C VAL B 851 24.41 9.13 33.63
N GLU B 852 24.16 9.48 34.89
CA GLU B 852 23.43 10.69 35.21
C GLU B 852 24.12 11.50 36.31
N TRP B 853 24.59 12.68 35.94
CA TRP B 853 25.19 13.64 36.87
C TRP B 853 24.17 14.71 37.32
N ASN B 854 24.34 15.22 38.55
CA ASN B 854 23.53 16.34 39.05
C ASN B 854 23.98 17.65 38.33
N ASP B 855 25.28 17.72 38.03
CA ASP B 855 25.96 18.85 37.37
C ASP B 855 27.26 18.31 36.78
N ASN B 856 27.84 19.04 35.81
CA ASN B 856 29.15 18.72 35.25
C ASN B 856 29.66 19.91 34.45
N ALA B 857 30.81 19.78 33.78
CA ALA B 857 31.37 20.87 32.95
C ALA B 857 31.45 22.15 33.77
N VAL B 858 32.10 22.05 34.92
CA VAL B 858 32.04 23.13 35.91
C VAL B 858 33.27 24.05 35.79
N SER B 859 33.13 25.26 36.32
CA SER B 859 34.21 26.24 36.34
C SER B 859 34.35 26.74 37.77
N LEU B 860 35.56 26.66 38.32
CA LEU B 860 35.81 26.91 39.73
C LEU B 860 36.93 27.96 39.87
N TRP B 861 36.65 29.05 40.57
CA TRP B 861 37.69 30.06 40.91
C TRP B 861 38.53 29.63 42.12
N PRO B 862 39.75 30.24 42.30
CA PRO B 862 40.53 29.88 43.47
C PRO B 862 39.68 30.00 44.72
N GLY B 863 39.77 28.99 45.59
CA GLY B 863 39.03 29.02 46.86
C GLY B 863 37.67 28.39 46.79
N GLU B 864 37.27 27.90 45.60
CA GLU B 864 35.95 27.32 45.38
C GLU B 864 36.02 25.81 45.25
N THR B 865 34.93 25.18 45.69
CA THR B 865 34.77 23.74 45.69
C THR B 865 33.39 23.41 45.15
N THR B 866 33.24 22.20 44.59
CA THR B 866 31.91 21.67 44.27
C THR B 866 31.91 20.16 44.45
N THR B 867 30.76 19.61 44.78
CA THR B 867 30.60 18.17 44.94
C THR B 867 29.59 17.69 43.93
N LEU B 868 30.00 16.72 43.13
CA LEU B 868 29.15 16.23 42.06
C LEU B 868 28.78 14.81 42.38
N THR B 869 27.62 14.40 41.85
CA THR B 869 27.09 13.07 42.05
C THR B 869 26.74 12.45 40.68
N ALA B 870 27.25 11.24 40.45
CA ALA B 870 26.95 10.45 39.26
C ALA B 870 26.27 9.14 39.68
N LYS B 871 25.22 8.78 38.96
CA LYS B 871 24.49 7.53 39.20
C LYS B 871 24.46 6.71 37.90
N TYR B 872 24.63 5.39 38.07
CA TYR B 872 24.70 4.44 36.97
C TYR B 872 24.48 3.01 37.51
N ARG B 873 24.17 2.07 36.60
CA ARG B 873 24.04 0.71 36.96
C ARG B 873 25.42 0.13 37.29
N THR B 874 25.50 -0.48 38.46
CA THR B 874 26.74 -1.17 38.90
C THR B 874 27.18 -2.15 37.81
N ALA B 875 26.21 -2.84 37.20
CA ALA B 875 26.51 -3.81 36.11
C ALA B 875 27.27 -3.23 34.91
N ASP B 876 26.99 -1.98 34.60
CA ASP B 876 27.69 -1.30 33.53
C ASP B 876 29.20 -1.06 33.77
N LEU B 877 29.69 -1.24 34.99
CA LEU B 877 31.15 -1.31 35.27
C LEU B 877 31.78 -2.58 34.72
N LYS B 878 30.93 -3.58 34.43
CA LYS B 878 31.35 -4.90 33.96
C LYS B 878 32.52 -5.46 34.78
N GLY B 879 32.42 -5.42 36.09
CA GLY B 879 33.42 -6.01 36.96
C GLY B 879 34.53 -5.07 37.41
N SER B 880 34.72 -3.98 36.66
CA SER B 880 35.75 -2.97 36.99
C SER B 880 35.44 -2.16 38.24
N LYS B 881 36.48 -1.75 38.96
CA LYS B 881 36.32 -0.70 39.95
C LYS B 881 36.07 0.60 39.19
N PRO B 882 35.27 1.52 39.78
CA PRO B 882 35.11 2.81 39.12
C PRO B 882 36.26 3.79 39.38
N SER B 883 36.57 4.59 38.35
CA SER B 883 37.41 5.77 38.45
C SER B 883 36.72 6.99 37.84
N VAL B 884 37.30 8.17 38.09
CA VAL B 884 36.77 9.39 37.48
C VAL B 884 37.89 10.05 36.70
N ARG B 885 37.64 10.28 35.41
CA ARG B 885 38.53 11.04 34.55
C ARG B 885 38.07 12.51 34.49
N ILE B 886 38.99 13.40 34.85
CA ILE B 886 38.69 14.81 35.03
C ILE B 886 39.56 15.61 34.04
N SER B 887 38.92 16.25 33.08
CA SER B 887 39.63 17.03 32.05
C SER B 887 39.09 18.45 32.02
N GLY B 888 39.96 19.45 32.16
CA GLY B 888 39.51 20.86 32.07
C GLY B 888 40.17 21.58 30.90
N TRP B 889 39.49 22.58 30.33
CA TRP B 889 40.09 23.39 29.27
C TRP B 889 41.55 23.80 29.61
N ASN B 890 41.75 24.28 30.82
CA ASN B 890 43.09 24.78 31.24
C ASN B 890 43.62 24.08 32.49
N THR B 891 43.29 22.80 32.66
CA THR B 891 43.72 22.02 33.84
C THR B 891 44.23 20.63 33.49
N GLY B 892 44.44 20.35 32.21
CA GLY B 892 44.88 19.01 31.78
C GLY B 892 43.84 17.90 32.04
N THR B 893 44.33 16.66 32.11
CA THR B 893 43.51 15.50 32.44
C THR B 893 44.15 14.73 33.57
N GLN B 894 43.35 14.32 34.54
CA GLN B 894 43.80 13.41 35.61
C GLN B 894 42.74 12.33 35.79
N THR B 895 43.15 11.12 36.15
CA THR B 895 42.16 10.16 36.64
C THR B 895 42.34 9.79 38.12
N VAL B 896 41.24 9.77 38.86
CA VAL B 896 41.29 9.43 40.27
C VAL B 896 40.50 8.15 40.51
N PRO B 897 40.97 7.27 41.43
CA PRO B 897 40.18 6.10 41.80
C PRO B 897 38.91 6.59 42.52
N ALA B 898 37.79 5.90 42.33
CA ALA B 898 36.56 6.37 42.95
C ALA B 898 36.13 5.41 44.05
N ASP B 899 36.95 5.14 44.94
CD CD C . 8.06 -14.92 -3.91
CD CD D . -10.19 15.92 -43.21
CD CD E . -12.10 -7.48 -48.41
C1 GCS F . -16.72 -15.18 -36.84
C2 GCS F . -16.00 -13.98 -36.20
C3 GCS F . -16.74 -13.41 -34.96
C4 GCS F . -18.23 -13.33 -35.28
C5 GCS F . -18.78 -14.74 -35.65
C6 GCS F . -20.26 -14.72 -35.97
N2 GCS F . -14.56 -14.29 -35.97
O1 GCS F . -16.45 -15.06 -38.23
O3 GCS F . -16.26 -12.09 -34.58
O4 GCS F . -18.96 -12.75 -34.22
O5 GCS F . -18.14 -15.06 -36.92
O6 GCS F . -20.46 -13.93 -37.15
C1 GOL G . -7.67 -26.99 -15.58
O1 GOL G . -7.89 -26.86 -16.98
C2 GOL G . -7.05 -25.68 -15.00
O2 GOL G . -7.86 -24.58 -15.36
C3 GOL G . -6.88 -25.74 -13.45
O3 GOL G . -8.12 -25.90 -12.75
CD CD H . -19.13 12.83 38.51
CD CD I . -18.37 11.97 44.73
CD CD J . 5.76 14.94 -3.52
C1 GOL K . 29.79 26.88 32.45
O1 GOL K . 28.44 27.25 32.57
C2 GOL K . 30.17 26.10 33.70
O2 GOL K . 31.54 25.83 33.54
C3 GOL K . 29.85 26.86 35.02
O3 GOL K . 30.19 26.12 36.20
C1 GCS L . 12.03 19.75 8.45
C2 GCS L . 11.63 18.27 8.78
C3 GCS L . 12.78 17.58 9.56
C4 GCS L . 14.14 17.81 8.83
C5 GCS L . 14.41 19.32 8.74
C6 GCS L . 15.77 19.64 8.10
N2 GCS L . 10.38 18.16 9.55
O1 GCS L . 11.45 20.16 7.19
O3 GCS L . 12.54 16.20 9.66
O4 GCS L . 15.19 17.18 9.54
O5 GCS L . 13.37 19.93 7.96
O6 GCS L . 15.69 19.33 6.72
C1 GOL M . 8.05 21.45 35.48
O1 GOL M . 9.36 21.58 36.00
C2 GOL M . 8.24 21.98 34.06
O2 GOL M . 8.46 21.04 33.08
C3 GOL M . 7.67 23.32 33.65
O3 GOL M . 7.95 23.67 32.30
#